data_8DK1
#
_entry.id   8DK1
#
loop_
_entity.id
_entity.type
_entity.pdbx_description
1 polymer JetA
2 polymer JetC
3 polymer JetB
#
loop_
_entity_poly.entity_id
_entity_poly.type
_entity_poly.pdbx_seq_one_letter_code
_entity_poly.pdbx_strand_id
1 'polypeptide(L)'
;MKSSHHHHHHENLYFQSNAEESAQQRSERYVSARSQHPAWLLLASRRAPLVLGCLRTLFERAHDGIPMEDALQALSEMLA
AYASQELYEIDPDATHLQAGRELREWIKRRLVVEREGRIYATDALESAIQFVDSLDSRIMTSTASRLSVVQREIENLETG
LNPSPTGRIASLRRRIQDLEHELARVEAGHVDVLDEAQAIEGMREVYNLATSLRADFRRVEDSWREADRALRHSIISEQS
HRGEIVDRLLDGQDALLNTPEGRVFESFQQQLRQSAELEVMRERLRTILRHPAVPKALNRPQQRELRWLALRLVRESQAV
LQARARSERDVRGFMKTGLAAEHHRVGQLLNDFFNLALSVDWQRQSERRKPACLPPVGVAITGVPAIERLRFKTLDDDDA
GELDLSLKPAGLEQIDDDFWDAFDGLDREALIHDTLAVLVEQGRPVSLGELASLLPPAHDLETFALWLAMAREAGIEVLT
EERQFVELVDEDEQRWGFNLPYVGLDHEALKDIDWEL
;
A,B
2 'polypeptide(L)'
;MKSSHHHHHHENLYFQSNAKQALLWRDSETFILTSIELYNWGGFQGYHRAEIDPSGTAVIGPTGSGKTTLVDALMTLLCA
NPRYNLASTGGHESDRDLVSYVRGVTGPGDGGVEQSHIARQGKTVTAIAATLERDGAQVRLGAVLWFEGTSSSASDLKKL
WLLSESPEQTLEHWLSQHHAGGMRALRQMEKDGMGIWPYPSKKAFLARLRDYFEVGENAFTLLNRAAGLKQLNSIDEIFR
ELVLDDRSAFERAAEVASSFDDLTDIHRELETARKQQRSLQPVADGWERYRALQEQLQDKQASGSSGSSGSSGQAKTLGE
KLGDQKTELAKRMSDALKADTGALAEVGRELVDVPRYLERLRVLTEEALPEKLKRFLEYLNRSSDDGVTQLLSYIDHEVS
MIEERLDDLNSTMQRVDFQPGRYLRLVAKKVIHESLRTLQHAQRQLNSARFIDDEGESHYKALQALVGLLKDACEHSRNQ
GAKALLDPRFRLEFAVSVIDREGNNLIETRTGSQGGSGGEKEIIASYVLTASLSYALCPDGSSRPLFGTIVLDQAFSRSS
HAVAGRIIAALREFGLHAVFITPNKEMRLLRHHTRSAVVVHRRGVESSLVSLSWEALDEHHQQRIRAMHEVAH
;
C,D
3 'polypeptide(L)'
;MAGIFDRIAGASGADETELTAEPMALDDGMDGEQPAMSANIQVDERRTPQRVREAVQEMLKYGLLEESHKPNLYRSALTN
IEVVDRILEPLDLAMGVDEVRGLVFVTVRQGEVAEQDDWSHPLVRRQRLNLEQSLLIAILRQHFIAYEQESGTGASQALV
AVDELIPQLQVYLGELGSEAKERNRIITLLDQLKGHGLVSALDAHDRVIIRPIITHLANPENLQALVVWLREQVEGAVTP
AAGGEEDEA
;
E,F,G,H
#
# COMPACT_ATOMS: atom_id res chain seq x y z
N ALA A 23 9.57 19.12 21.08
CA ALA A 23 8.72 17.96 20.91
C ALA A 23 8.09 17.94 19.52
N GLN A 24 7.70 19.12 19.04
CA GLN A 24 7.13 19.23 17.70
C GLN A 24 8.18 18.95 16.63
N GLN A 25 9.40 19.42 16.84
CA GLN A 25 10.45 19.24 15.84
C GLN A 25 10.83 17.77 15.68
N ARG A 26 10.66 16.96 16.73
CA ARG A 26 11.00 15.55 16.63
C ARG A 26 10.13 14.84 15.60
N SER A 27 8.84 15.17 15.55
CA SER A 27 7.96 14.56 14.56
C SER A 27 8.37 14.94 13.15
N GLU A 28 8.74 16.20 12.95
CA GLU A 28 9.21 16.64 11.63
C GLU A 28 10.48 15.89 11.23
N ARG A 29 11.40 15.73 12.18
CA ARG A 29 12.63 14.99 11.92
C ARG A 29 12.33 13.53 11.55
N TYR A 30 11.39 12.92 12.27
CA TYR A 30 11.02 11.54 11.96
C TYR A 30 10.40 11.43 10.57
N VAL A 31 9.54 12.38 10.21
CA VAL A 31 8.93 12.35 8.88
C VAL A 31 9.98 12.52 7.80
N SER A 32 10.92 13.45 8.01
CA SER A 32 11.99 13.65 7.04
C SER A 32 12.84 12.38 6.89
N ALA A 33 13.17 11.74 8.01
CA ALA A 33 13.95 10.50 7.95
C ALA A 33 13.19 9.41 7.23
N ARG A 34 11.88 9.32 7.47
CA ARG A 34 11.06 8.34 6.78
C ARG A 34 11.07 8.59 5.28
N SER A 35 11.01 9.85 4.87
CA SER A 35 10.93 10.17 3.45
C SER A 35 12.28 9.97 2.75
N GLN A 36 13.38 10.28 3.43
CA GLN A 36 14.66 10.41 2.76
C GLN A 36 15.63 9.26 3.02
N HIS A 37 15.79 8.83 4.27
CA HIS A 37 16.88 7.92 4.60
C HIS A 37 16.70 6.58 3.90
N PRO A 38 17.74 6.04 3.28
CA PRO A 38 17.59 4.77 2.54
C PRO A 38 17.21 3.57 3.40
N ALA A 39 17.67 3.52 4.65
CA ALA A 39 17.43 2.32 5.47
C ALA A 39 15.95 2.16 5.79
N TRP A 40 15.30 3.24 6.22
CA TRP A 40 13.87 3.17 6.51
C TRP A 40 13.06 2.88 5.25
N LEU A 41 13.46 3.45 4.11
CA LEU A 41 12.78 3.16 2.85
C LEU A 41 12.90 1.68 2.51
N LEU A 42 14.09 1.10 2.69
CA LEU A 42 14.27 -0.32 2.43
C LEU A 42 13.40 -1.16 3.36
N LEU A 43 13.37 -0.81 4.64
CA LEU A 43 12.57 -1.58 5.59
C LEU A 43 11.08 -1.49 5.28
N ALA A 44 10.62 -0.33 4.82
CA ALA A 44 9.22 -0.13 4.50
C ALA A 44 8.83 -0.59 3.10
N SER A 45 9.78 -1.09 2.32
CA SER A 45 9.47 -1.53 0.96
C SER A 45 8.65 -2.81 0.99
N ARG A 46 8.01 -3.11 -0.15
CA ARG A 46 7.14 -4.28 -0.23
C ARG A 46 7.95 -5.58 -0.21
N ARG A 47 9.01 -5.66 -1.00
CA ARG A 47 9.82 -6.86 -1.10
C ARG A 47 11.02 -6.83 -0.17
N ALA A 48 10.89 -6.16 0.98
CA ALA A 48 12.03 -5.98 1.88
C ALA A 48 12.69 -7.27 2.33
N PRO A 49 11.96 -8.30 2.78
CA PRO A 49 12.65 -9.51 3.25
C PRO A 49 13.50 -10.18 2.18
N LEU A 50 12.96 -10.31 0.95
CA LEU A 50 13.72 -10.96 -0.11
C LEU A 50 14.95 -10.14 -0.51
N VAL A 51 14.79 -8.82 -0.62
CA VAL A 51 15.92 -7.97 -0.96
C VAL A 51 17.01 -8.08 0.10
N LEU A 52 16.61 -8.03 1.37
CA LEU A 52 17.58 -8.13 2.46
C LEU A 52 18.30 -9.47 2.41
N GLY A 53 17.56 -10.57 2.25
CA GLY A 53 18.20 -11.87 2.21
C GLY A 53 19.16 -12.02 1.06
N CYS A 54 18.73 -11.61 -0.14
CA CYS A 54 19.58 -11.75 -1.31
C CYS A 54 20.84 -10.89 -1.19
N LEU A 55 20.68 -9.64 -0.77
CA LEU A 55 21.83 -8.75 -0.65
C LEU A 55 22.81 -9.26 0.42
N ARG A 56 22.28 -9.72 1.55
CA ARG A 56 23.18 -10.23 2.59
C ARG A 56 23.91 -11.48 2.13
N THR A 57 23.24 -12.34 1.35
CA THR A 57 23.93 -13.50 0.80
C THR A 57 25.01 -13.08 -0.19
N LEU A 58 24.73 -12.06 -1.01
CA LEU A 58 25.69 -11.65 -2.02
C LEU A 58 26.99 -11.15 -1.38
N PHE A 59 26.88 -10.21 -0.44
CA PHE A 59 28.06 -9.63 0.21
C PHE A 59 28.57 -10.53 1.34
N GLU A 60 28.84 -11.78 0.98
CA GLU A 60 29.35 -12.75 1.95
C GLU A 60 30.45 -13.61 1.34
N GLU A 69 25.25 -7.34 -12.93
CA GLU A 69 24.61 -8.35 -13.76
C GLU A 69 24.26 -9.60 -12.95
N ASP A 70 25.26 -10.16 -12.28
CA ASP A 70 25.02 -11.31 -11.41
C ASP A 70 24.04 -10.95 -10.30
N ALA A 71 24.07 -9.70 -9.84
CA ALA A 71 23.05 -9.23 -8.89
C ALA A 71 21.67 -9.32 -9.51
N LEU A 72 21.52 -8.93 -10.77
CA LEU A 72 20.23 -9.04 -11.45
C LEU A 72 19.78 -10.49 -11.55
N GLN A 73 20.68 -11.41 -11.90
CA GLN A 73 20.31 -12.80 -12.04
C GLN A 73 19.89 -13.40 -10.70
N ALA A 74 20.66 -13.14 -9.64
CA ALA A 74 20.32 -13.67 -8.33
C ALA A 74 19.01 -13.08 -7.82
N LEU A 75 18.81 -11.77 -8.01
CA LEU A 75 17.57 -11.15 -7.58
C LEU A 75 16.37 -11.72 -8.33
N SER A 76 16.52 -11.95 -9.64
CA SER A 76 15.44 -12.55 -10.40
C SER A 76 15.16 -13.97 -9.94
N GLU A 77 16.21 -14.75 -9.67
CA GLU A 77 16.02 -16.11 -9.19
C GLU A 77 15.27 -16.13 -7.86
N MET A 78 15.65 -15.26 -6.92
CA MET A 78 14.98 -15.25 -5.63
C MET A 78 13.56 -14.70 -5.75
N LEU A 79 13.34 -13.72 -6.62
CA LEU A 79 12.00 -13.18 -6.81
C LEU A 79 11.10 -14.14 -7.58
N ALA A 80 11.67 -15.13 -8.27
CA ALA A 80 10.86 -16.06 -9.05
C ALA A 80 9.99 -16.92 -8.16
N ALA A 81 10.59 -17.75 -7.32
CA ALA A 81 9.81 -18.68 -6.49
C ALA A 81 9.35 -18.03 -5.20
N TYR A 82 8.79 -16.82 -5.31
CA TYR A 82 8.11 -16.16 -4.20
C TYR A 82 6.90 -15.39 -4.69
N ALA A 83 6.23 -15.87 -5.74
CA ALA A 83 5.16 -15.12 -6.38
C ALA A 83 4.07 -14.74 -5.38
N SER A 84 3.36 -15.74 -4.87
CA SER A 84 2.48 -15.64 -3.70
C SER A 84 1.82 -14.28 -3.56
N GLN A 85 1.96 -13.67 -2.39
CA GLN A 85 1.54 -12.30 -2.10
C GLN A 85 0.11 -12.01 -2.56
N ALA A 94 6.85 -10.83 -16.01
CA ALA A 94 7.88 -9.80 -16.04
C ALA A 94 9.12 -10.25 -15.28
N THR A 95 9.08 -10.06 -13.96
CA THR A 95 10.16 -10.48 -13.06
C THR A 95 11.46 -9.75 -13.36
N HIS A 96 12.07 -10.04 -14.50
CA HIS A 96 13.35 -9.42 -14.84
C HIS A 96 13.23 -7.91 -14.99
N LEU A 97 12.15 -7.44 -15.62
CA LEU A 97 11.93 -6.00 -15.72
C LEU A 97 11.81 -5.36 -14.35
N GLN A 98 11.01 -5.97 -13.47
CA GLN A 98 10.86 -5.44 -12.12
C GLN A 98 12.13 -5.61 -11.30
N ALA A 99 12.90 -6.67 -11.53
CA ALA A 99 14.18 -6.81 -10.87
C ALA A 99 15.11 -5.66 -11.23
N GLY A 100 15.21 -5.35 -12.52
CA GLY A 100 16.01 -4.22 -12.95
C GLY A 100 15.50 -2.90 -12.38
N ARG A 101 14.18 -2.73 -12.38
CA ARG A 101 13.61 -1.50 -11.83
C ARG A 101 13.93 -1.35 -10.35
N GLU A 102 13.84 -2.44 -9.59
CA GLU A 102 14.17 -2.39 -8.16
C GLU A 102 15.65 -2.08 -7.95
N LEU A 103 16.52 -2.72 -8.73
CA LEU A 103 17.95 -2.46 -8.57
C LEU A 103 18.28 -1.01 -8.89
N ARG A 104 17.70 -0.47 -9.95
CA ARG A 104 17.95 0.93 -10.29
C ARG A 104 17.32 1.88 -9.27
N GLU A 105 16.20 1.49 -8.68
CA GLU A 105 15.59 2.31 -7.64
C GLU A 105 16.47 2.37 -6.40
N TRP A 106 17.07 1.24 -6.03
CA TRP A 106 17.95 1.25 -4.86
C TRP A 106 19.27 1.94 -5.16
N ILE A 107 19.75 1.85 -6.41
CA ILE A 107 20.95 2.61 -6.79
C ILE A 107 20.68 4.10 -6.73
N LYS A 108 19.51 4.54 -7.20
CA LYS A 108 19.15 5.95 -7.13
C LYS A 108 19.06 6.41 -5.67
N ARG A 109 18.46 5.60 -4.81
CA ARG A 109 18.33 5.95 -3.40
C ARG A 109 19.63 5.85 -2.63
N ARG A 110 20.71 5.38 -3.27
CA ARG A 110 22.03 5.28 -2.67
C ARG A 110 22.10 4.25 -1.55
N LEU A 111 21.24 3.23 -1.62
CA LEU A 111 21.40 2.08 -0.73
C LEU A 111 22.65 1.30 -1.09
N VAL A 112 22.94 1.18 -2.38
CA VAL A 112 24.17 0.60 -2.90
C VAL A 112 24.73 1.56 -3.94
N VAL A 113 25.99 1.35 -4.29
CA VAL A 113 26.66 2.25 -5.22
C VAL A 113 27.22 1.45 -6.39
N GLU A 114 27.28 2.11 -7.56
CA GLU A 114 27.80 1.53 -8.78
C GLU A 114 29.01 2.34 -9.21
N ARG A 115 30.19 1.70 -9.20
CA ARG A 115 31.41 2.44 -9.48
C ARG A 115 31.80 2.39 -10.95
N GLU A 116 32.11 1.20 -11.47
CA GLU A 116 32.37 1.03 -12.89
C GLU A 116 31.42 0.04 -13.55
N GLY A 117 31.31 -1.17 -13.02
CA GLY A 117 30.36 -2.15 -13.49
C GLY A 117 29.89 -3.04 -12.35
N ARG A 118 30.24 -2.65 -11.13
CA ARG A 118 30.04 -3.49 -9.96
C ARG A 118 29.23 -2.75 -8.90
N ILE A 119 28.66 -3.52 -7.98
CA ILE A 119 27.80 -3.01 -6.91
C ILE A 119 28.58 -3.12 -5.60
N TYR A 120 28.55 -2.03 -4.82
CA TYR A 120 29.21 -1.98 -3.53
C TYR A 120 28.21 -1.55 -2.46
N ALA A 121 28.37 -2.10 -1.26
CA ALA A 121 27.46 -1.85 -0.16
C ALA A 121 27.79 -0.55 0.55
N THR A 122 26.80 -0.01 1.25
CA THR A 122 26.94 1.23 1.99
C THR A 122 26.65 0.97 3.47
N ASP A 123 26.62 2.05 4.27
CA ASP A 123 26.38 1.92 5.70
C ASP A 123 24.91 1.68 6.02
N ALA A 124 24.01 2.23 5.21
CA ALA A 124 22.58 2.07 5.48
C ALA A 124 22.18 0.60 5.38
N LEU A 125 22.71 -0.12 4.39
CA LEU A 125 22.40 -1.54 4.25
C LEU A 125 22.83 -2.31 5.48
N GLU A 126 24.02 -2.04 6.00
CA GLU A 126 24.50 -2.76 7.17
C GLU A 126 23.72 -2.37 8.42
N SER A 127 23.31 -1.11 8.53
CA SER A 127 22.47 -0.70 9.66
C SER A 127 21.14 -1.45 9.64
N ALA A 128 20.51 -1.54 8.45
CA ALA A 128 19.26 -2.26 8.34
C ALA A 128 19.44 -3.75 8.65
N ILE A 129 20.52 -4.35 8.16
CA ILE A 129 20.79 -5.75 8.44
C ILE A 129 20.96 -5.98 9.93
N GLN A 130 21.72 -5.10 10.60
CA GLN A 130 21.92 -5.24 12.04
C GLN A 130 20.61 -5.15 12.78
N PHE A 131 19.78 -4.17 12.44
CA PHE A 131 18.48 -4.04 13.10
C PHE A 131 17.63 -5.29 12.89
N VAL A 132 17.62 -5.81 11.67
CA VAL A 132 16.76 -6.95 11.35
C VAL A 132 17.22 -8.20 12.11
N ASP A 133 18.53 -8.47 12.11
CA ASP A 133 18.97 -9.69 12.75
C ASP A 133 19.19 -9.53 14.25
N SER A 134 19.02 -8.33 14.81
CA SER A 134 19.01 -8.20 16.26
C SER A 134 17.64 -8.53 16.87
N LEU A 135 16.62 -8.76 16.04
CA LEU A 135 15.29 -9.07 16.55
C LEU A 135 15.22 -10.46 17.17
N ASP A 136 16.08 -11.38 16.74
CA ASP A 136 16.03 -12.76 17.22
C ASP A 136 16.72 -12.91 18.57
N SER A 137 18.01 -12.60 18.63
CA SER A 137 18.79 -12.74 19.85
C SER A 137 19.61 -11.48 20.06
N ARG A 138 19.42 -10.82 21.19
CA ARG A 138 20.19 -9.64 21.56
C ARG A 138 20.82 -9.89 22.94
N ILE A 139 22.11 -9.62 23.04
CA ILE A 139 22.84 -9.84 24.29
C ILE A 139 22.52 -8.71 25.26
N MET A 140 22.24 -9.06 26.51
CA MET A 140 21.89 -8.07 27.51
C MET A 140 23.10 -7.22 27.87
N THR A 141 22.84 -5.92 28.09
CA THR A 141 23.87 -5.00 28.54
C THR A 141 23.63 -4.47 29.94
N SER A 142 22.47 -4.77 30.53
CA SER A 142 22.19 -4.41 31.93
C SER A 142 22.67 -5.55 32.84
N THR A 143 23.99 -5.69 32.91
CA THR A 143 24.62 -6.74 33.68
C THR A 143 25.65 -6.13 34.63
N ALA A 144 26.20 -6.98 35.49
CA ALA A 144 27.22 -6.54 36.43
C ALA A 144 28.57 -6.35 35.75
N SER A 145 28.89 -7.20 34.76
CA SER A 145 30.17 -7.07 34.07
C SER A 145 30.25 -5.75 33.32
N ARG A 146 29.17 -5.34 32.66
CA ARG A 146 29.15 -4.06 31.98
C ARG A 146 29.32 -2.91 32.97
N LEU A 147 28.72 -3.02 34.15
CA LEU A 147 28.88 -1.99 35.17
C LEU A 147 30.33 -1.89 35.63
N SER A 148 30.98 -3.04 35.84
CA SER A 148 32.38 -3.01 36.24
C SER A 148 33.26 -2.39 35.16
N VAL A 149 32.99 -2.75 33.89
CA VAL A 149 33.75 -2.18 32.78
C VAL A 149 33.56 -0.67 32.73
N VAL A 150 32.32 -0.20 32.89
CA VAL A 150 32.05 1.23 32.86
C VAL A 150 32.79 1.94 33.98
N GLN A 151 32.79 1.37 35.19
CA GLN A 151 33.47 2.01 36.30
C GLN A 151 34.98 2.09 36.06
N ARG A 152 35.59 0.99 35.61
CA ARG A 152 37.02 1.01 35.35
C ARG A 152 37.38 1.99 34.25
N GLU A 153 36.57 2.03 33.18
CA GLU A 153 36.84 2.95 32.08
C GLU A 153 36.70 4.40 32.51
N ILE A 154 35.69 4.70 33.34
CA ILE A 154 35.53 6.06 33.85
C ILE A 154 36.71 6.45 34.71
N GLU A 155 37.17 5.54 35.56
CA GLU A 155 38.35 5.82 36.38
C GLU A 155 39.56 6.13 35.50
N ASN A 156 39.78 5.30 34.47
CA ASN A 156 40.93 5.49 33.59
C ASN A 156 40.86 6.83 32.88
N LEU A 157 39.69 7.17 32.33
CA LEU A 157 39.55 8.44 31.63
C LEU A 157 39.77 9.62 32.57
N GLU A 158 39.19 9.55 33.77
CA GLU A 158 39.30 10.66 34.71
C GLU A 158 40.75 10.86 35.13
N THR A 159 41.49 9.77 35.36
CA THR A 159 42.89 9.92 35.71
C THR A 159 43.75 10.29 34.50
N GLY A 160 43.23 10.11 33.28
CA GLY A 160 44.00 10.46 32.10
C GLY A 160 44.04 11.94 31.81
N LEU A 161 43.00 12.69 32.18
CA LEU A 161 42.90 14.11 31.89
C LEU A 161 43.53 14.99 32.96
N ASN A 162 44.05 14.42 34.04
CA ASN A 162 44.56 15.20 35.14
C ASN A 162 46.04 15.50 34.92
N PRO A 163 46.43 16.77 34.77
CA PRO A 163 47.84 17.09 34.53
C PRO A 163 48.68 17.26 35.79
N SER A 164 48.06 17.31 36.97
CA SER A 164 48.82 17.55 38.19
C SER A 164 49.77 16.39 38.46
N PRO A 165 51.04 16.67 38.77
CA PRO A 165 52.00 15.60 39.07
C PRO A 165 51.90 15.06 40.48
N THR A 166 50.99 15.59 41.30
CA THR A 166 50.83 15.12 42.68
C THR A 166 49.74 14.07 42.81
N GLY A 167 48.58 14.29 42.21
CA GLY A 167 47.52 13.30 42.26
C GLY A 167 47.88 12.00 41.57
N ARG A 168 48.65 12.08 40.49
CA ARG A 168 49.02 10.89 39.74
C ARG A 168 49.83 9.93 40.61
N ILE A 169 50.78 10.47 41.39
CA ILE A 169 51.57 9.62 42.27
C ILE A 169 50.68 8.98 43.33
N ALA A 170 49.70 9.73 43.85
CA ALA A 170 48.78 9.17 44.83
C ALA A 170 47.99 8.01 44.25
N SER A 171 47.47 8.17 43.03
CA SER A 171 46.70 7.11 42.40
C SER A 171 47.58 5.89 42.12
N LEU A 172 48.81 6.11 41.66
CA LEU A 172 49.72 5.00 41.42
C LEU A 172 50.02 4.24 42.71
N ARG A 173 50.28 4.96 43.80
CA ARG A 173 50.55 4.32 45.08
C ARG A 173 49.34 3.54 45.56
N ARG A 174 48.13 4.10 45.40
CA ARG A 174 46.93 3.40 45.82
C ARG A 174 46.75 2.10 45.04
N ARG A 175 46.92 2.15 43.73
CA ARG A 175 46.76 0.94 42.92
C ARG A 175 47.82 -0.10 43.26
N ILE A 176 49.06 0.33 43.47
CA ILE A 176 50.12 -0.60 43.83
C ILE A 176 49.82 -1.25 45.18
N GLN A 177 49.35 -0.47 46.14
CA GLN A 177 49.02 -1.02 47.45
C GLN A 177 47.88 -2.03 47.35
N ASP A 178 46.86 -1.73 46.54
CA ASP A 178 45.76 -2.67 46.38
C ASP A 178 46.22 -3.97 45.73
N LEU A 179 47.07 -3.87 44.71
CA LEU A 179 47.60 -5.08 44.08
C LEU A 179 48.45 -5.88 45.06
N GLU A 180 49.24 -5.20 45.89
CA GLU A 180 50.04 -5.90 46.89
C GLU A 180 49.16 -6.61 47.90
N HIS A 181 48.06 -5.96 48.32
CA HIS A 181 47.14 -6.61 49.24
C HIS A 181 46.52 -7.85 48.62
N GLU A 182 46.12 -7.76 47.34
CA GLU A 182 45.56 -8.94 46.68
C GLU A 182 46.60 -10.05 46.57
N LEU A 183 47.85 -9.69 46.29
CA LEU A 183 48.91 -10.70 46.22
C LEU A 183 49.11 -11.37 47.57
N ALA A 184 49.09 -10.58 48.65
CA ALA A 184 49.22 -11.14 49.99
C ALA A 184 48.08 -12.09 50.30
N ARG A 185 46.86 -11.71 49.92
CA ARG A 185 45.71 -12.60 50.13
C ARG A 185 45.85 -13.89 49.33
N VAL A 186 46.31 -13.79 48.09
CA VAL A 186 46.43 -14.97 47.24
C VAL A 186 47.50 -15.91 47.76
N GLU A 187 48.59 -15.36 48.30
CA GLU A 187 49.65 -16.20 48.84
C GLU A 187 49.18 -17.06 50.00
N ALA A 188 48.07 -16.69 50.65
CA ALA A 188 47.50 -17.51 51.71
C ALA A 188 46.63 -18.65 51.18
N GLY A 189 46.38 -18.71 49.87
CA GLY A 189 45.59 -19.78 49.31
C GLY A 189 44.13 -19.41 49.10
N HIS A 190 43.89 -18.19 48.61
CA HIS A 190 42.53 -17.71 48.40
C HIS A 190 42.29 -17.34 46.94
N VAL A 191 42.72 -18.20 46.02
CA VAL A 191 42.53 -17.93 44.60
C VAL A 191 41.03 -17.89 44.29
N ASP A 192 40.60 -16.81 43.65
CA ASP A 192 39.20 -16.61 43.31
C ASP A 192 38.96 -17.02 41.85
N VAL A 193 37.90 -17.77 41.62
CA VAL A 193 37.52 -18.22 40.29
C VAL A 193 36.06 -17.88 40.06
N LEU A 194 35.74 -17.37 38.88
CA LEU A 194 34.37 -17.02 38.55
C LEU A 194 33.49 -18.27 38.52
N ASP A 195 32.23 -18.09 38.94
CA ASP A 195 31.27 -19.18 38.88
C ASP A 195 30.86 -19.43 37.42
N GLU A 196 29.95 -20.38 37.23
CA GLU A 196 29.51 -20.70 35.88
C GLU A 196 28.68 -19.57 35.28
N ALA A 197 27.75 -19.02 36.06
CA ALA A 197 26.94 -17.91 35.57
C ALA A 197 27.80 -16.69 35.29
N GLN A 198 28.73 -16.38 36.18
CA GLN A 198 29.64 -15.25 35.97
C GLN A 198 30.52 -15.48 34.76
N ALA A 199 31.00 -16.70 34.57
CA ALA A 199 31.83 -17.00 33.39
C ALA A 199 31.03 -16.82 32.10
N ILE A 200 29.79 -17.30 32.07
CA ILE A 200 28.96 -17.13 30.88
C ILE A 200 28.70 -15.66 30.61
N GLU A 201 28.38 -14.90 31.66
CA GLU A 201 28.14 -13.47 31.50
C GLU A 201 29.37 -12.77 30.95
N GLY A 202 30.55 -13.10 31.48
CA GLY A 202 31.77 -12.47 31.01
C GLY A 202 32.08 -12.82 29.56
N MET A 203 31.88 -14.08 29.19
CA MET A 203 32.12 -14.48 27.80
C MET A 203 31.20 -13.75 26.85
N ARG A 204 29.91 -13.66 27.18
CA ARG A 204 28.96 -12.98 26.30
C ARG A 204 29.27 -11.50 26.20
N GLU A 205 29.66 -10.86 27.32
CA GLU A 205 29.99 -9.45 27.28
C GLU A 205 31.25 -9.20 26.45
N VAL A 206 32.26 -10.07 26.59
CA VAL A 206 33.48 -9.93 25.80
C VAL A 206 33.17 -10.07 24.32
N TYR A 207 32.33 -11.04 23.96
CA TYR A 207 31.93 -11.17 22.55
C TYR A 207 31.23 -9.92 22.06
N ASN A 208 30.31 -9.39 22.86
CA ASN A 208 29.55 -8.21 22.45
C ASN A 208 30.45 -7.00 22.25
N LEU A 209 31.42 -6.81 23.15
CA LEU A 209 32.34 -5.69 23.01
C LEU A 209 33.28 -5.88 21.83
N ALA A 210 33.81 -7.10 21.64
CA ALA A 210 34.79 -7.32 20.58
C ALA A 210 34.17 -7.25 19.19
N THR A 211 32.92 -7.67 19.05
CA THR A 211 32.31 -7.70 17.72
C THR A 211 31.97 -6.31 17.20
N SER A 212 32.09 -5.26 18.02
CA SER A 212 31.68 -3.93 17.62
C SER A 212 32.80 -3.14 16.94
N LEU A 213 33.98 -3.72 16.77
CA LEU A 213 35.10 -3.02 16.16
C LEU A 213 34.98 -2.89 14.65
N ARG A 214 34.07 -3.62 14.02
CA ARG A 214 33.89 -3.57 12.57
C ARG A 214 32.72 -2.70 12.15
N ALA A 215 32.13 -1.96 13.07
CA ALA A 215 30.85 -1.30 12.79
C ALA A 215 30.98 -0.23 11.70
N ASP A 216 32.07 0.53 11.71
CA ASP A 216 32.17 1.75 10.92
C ASP A 216 33.19 1.65 9.79
N PHE A 217 33.36 0.46 9.20
CA PHE A 217 34.29 0.35 8.09
C PHE A 217 33.70 0.91 6.80
N ARG A 218 32.42 0.68 6.55
CA ARG A 218 31.76 1.24 5.37
C ARG A 218 31.48 2.73 5.52
N ARG A 219 31.37 3.21 6.75
CA ARG A 219 31.10 4.62 6.98
C ARG A 219 32.24 5.50 6.49
N VAL A 220 33.49 5.05 6.69
CA VAL A 220 34.65 5.81 6.23
C VAL A 220 34.65 5.93 4.71
N GLU A 221 34.38 4.83 4.01
CA GLU A 221 34.35 4.86 2.56
C GLU A 221 33.23 5.74 2.04
N ASP A 222 32.05 5.67 2.67
CA ASP A 222 30.97 6.57 2.29
C ASP A 222 31.36 8.03 2.52
N SER A 223 32.12 8.30 3.58
CA SER A 223 32.59 9.66 3.84
C SER A 223 33.56 10.12 2.76
N TRP A 224 34.44 9.24 2.29
CA TRP A 224 35.39 9.62 1.24
C TRP A 224 34.71 9.84 -0.10
N ARG A 225 33.69 9.05 -0.43
CA ARG A 225 33.04 9.19 -1.73
C ARG A 225 32.39 10.55 -1.88
N GLU A 226 31.69 11.03 -0.85
CA GLU A 226 31.03 12.32 -0.95
C GLU A 226 32.04 13.46 -1.03
N ALA A 227 33.18 13.33 -0.36
CA ALA A 227 34.24 14.33 -0.50
C ALA A 227 34.76 14.37 -1.92
N ASP A 228 34.94 13.20 -2.53
CA ASP A 228 35.35 13.14 -3.94
C ASP A 228 34.32 13.85 -4.82
N ARG A 229 33.04 13.54 -4.61
CA ARG A 229 31.99 14.13 -5.44
C ARG A 229 31.96 15.65 -5.28
N ALA A 230 32.08 16.15 -4.05
CA ALA A 230 32.06 17.58 -3.83
C ALA A 230 33.27 18.25 -4.46
N LEU A 231 34.45 17.63 -4.37
CA LEU A 231 35.63 18.19 -5.00
C LEU A 231 35.46 18.29 -6.52
N ARG A 232 34.92 17.25 -7.14
CA ARG A 232 34.73 17.29 -8.59
C ARG A 232 33.72 18.37 -8.97
N HIS A 233 32.63 18.49 -8.21
CA HIS A 233 31.65 19.54 -8.50
C HIS A 233 32.27 20.92 -8.37
N SER A 234 33.07 21.15 -7.32
CA SER A 234 33.70 22.46 -7.15
C SER A 234 34.67 22.75 -8.27
N ILE A 235 35.43 21.75 -8.72
CA ILE A 235 36.36 21.96 -9.82
C ILE A 235 35.61 22.32 -11.09
N ILE A 236 34.51 21.63 -11.37
CA ILE A 236 33.75 21.91 -12.59
C ILE A 236 33.14 23.31 -12.53
N SER A 237 32.54 23.67 -11.39
CA SER A 237 31.80 24.93 -11.31
C SER A 237 32.70 26.15 -11.29
N GLU A 238 33.95 26.00 -10.85
CA GLU A 238 34.86 27.14 -10.76
C GLU A 238 35.18 27.72 -12.13
N HIS A 241 35.77 26.40 -15.53
CA HIS A 241 36.72 25.81 -14.60
C HIS A 241 38.05 26.55 -14.61
N ARG A 242 38.43 27.11 -13.46
CA ARG A 242 39.67 27.86 -13.37
C ARG A 242 40.86 26.90 -13.38
N GLY A 243 41.82 27.17 -14.27
CA GLY A 243 42.99 26.32 -14.37
C GLY A 243 44.00 26.50 -13.24
N GLU A 244 44.00 27.67 -12.59
CA GLU A 244 44.93 27.90 -11.51
C GLU A 244 44.67 26.97 -10.34
N ILE A 245 43.40 26.74 -10.01
CA ILE A 245 43.06 25.82 -8.92
C ILE A 245 43.56 24.41 -9.23
N VAL A 246 43.32 23.95 -10.45
CA VAL A 246 43.74 22.61 -10.84
C VAL A 246 45.26 22.49 -10.81
N ASP A 247 45.97 23.50 -11.32
CA ASP A 247 47.42 23.45 -11.30
C ASP A 247 47.96 23.44 -9.88
N ARG A 248 47.39 24.27 -9.00
CA ARG A 248 47.85 24.30 -7.61
C ARG A 248 47.60 22.97 -6.92
N LEU A 249 46.43 22.38 -7.13
CA LEU A 249 46.12 21.09 -6.49
C LEU A 249 47.03 19.99 -7.02
N LEU A 250 47.28 19.97 -8.33
CA LEU A 250 48.15 18.95 -8.91
C LEU A 250 49.58 19.10 -8.41
N ASP A 251 50.07 20.34 -8.30
CA ASP A 251 51.46 20.54 -7.91
C ASP A 251 51.73 20.02 -6.49
N GLY A 252 50.82 20.30 -5.57
CA GLY A 252 51.04 19.88 -4.19
C GLY A 252 50.94 18.38 -4.04
N GLN A 253 51.79 17.84 -3.16
CA GLN A 253 51.78 16.41 -2.85
C GLN A 253 50.90 16.07 -1.65
N ASP A 254 50.34 17.08 -0.98
CA ASP A 254 49.49 16.82 0.17
C ASP A 254 48.20 16.12 -0.28
N ALA A 255 47.82 15.09 0.47
CA ALA A 255 46.67 14.27 0.08
C ALA A 255 45.37 15.06 0.22
N LEU A 256 44.48 14.86 -0.74
CA LEU A 256 43.14 15.44 -0.70
C LEU A 256 42.20 14.45 -0.02
N LEU A 257 40.90 14.75 -0.05
CA LEU A 257 39.88 13.87 0.51
C LEU A 257 40.14 13.62 2.00
N ASN A 258 40.09 14.70 2.78
CA ASN A 258 40.26 14.63 4.21
C ASN A 258 38.91 14.82 4.89
N THR A 259 38.56 13.91 5.80
CA THR A 259 37.29 13.91 6.47
C THR A 259 37.50 13.57 7.94
N PRO A 260 36.56 13.95 8.81
CA PRO A 260 36.71 13.62 10.24
C PRO A 260 36.79 12.12 10.51
N GLU A 261 36.03 11.30 9.78
CA GLU A 261 36.10 9.86 10.00
C GLU A 261 37.45 9.28 9.57
N GLY A 262 38.07 9.88 8.55
CA GLY A 262 39.35 9.37 8.09
C GLY A 262 40.43 9.45 9.15
N ARG A 263 40.46 10.55 9.91
CA ARG A 263 41.46 10.70 10.97
C ARG A 263 41.26 9.69 12.08
N VAL A 264 39.99 9.45 12.46
CA VAL A 264 39.71 8.44 13.48
C VAL A 264 40.14 7.07 12.99
N PHE A 265 39.85 6.75 11.73
CA PHE A 265 40.25 5.45 11.20
C PHE A 265 41.77 5.32 11.15
N GLU A 266 42.47 6.40 10.79
CA GLU A 266 43.93 6.35 10.77
C GLU A 266 44.48 6.09 12.17
N SER A 267 43.93 6.78 13.18
CA SER A 267 44.39 6.56 14.55
C SER A 267 44.12 5.13 14.99
N PHE A 268 42.97 4.57 14.60
CA PHE A 268 42.65 3.18 14.95
C PHE A 268 43.61 2.21 14.28
N GLN A 269 43.83 2.36 12.96
CA GLN A 269 44.65 1.42 12.24
C GLN A 269 46.13 1.56 12.56
N GLN A 270 46.56 2.71 13.08
CA GLN A 270 47.95 2.83 13.53
C GLN A 270 48.20 1.97 14.75
N GLN A 271 47.30 2.00 15.72
CA GLN A 271 47.45 1.16 16.90
C GLN A 271 47.17 -0.31 16.58
N LEU A 272 46.37 -0.58 15.55
CA LEU A 272 46.13 -1.97 15.16
C LEU A 272 47.43 -2.65 14.72
N ARG A 273 48.42 -1.88 14.26
CA ARG A 273 49.63 -2.48 13.70
C ARG A 273 50.62 -2.96 14.75
N GLN A 274 50.45 -2.57 16.02
CA GLN A 274 51.38 -2.95 17.08
C GLN A 274 51.13 -4.40 17.45
N SER A 275 51.80 -5.30 16.73
CA SER A 275 51.58 -6.73 16.89
C SER A 275 52.02 -7.26 18.25
N ALA A 276 52.87 -6.51 18.96
CA ALA A 276 53.35 -6.97 20.26
C ALA A 276 52.21 -7.19 21.24
N GLU A 277 51.08 -6.53 21.02
CA GLU A 277 49.88 -6.75 21.83
C GLU A 277 48.83 -7.57 21.10
N LEU A 278 48.82 -7.55 19.77
CA LEU A 278 47.91 -8.40 19.02
C LEU A 278 48.19 -9.88 19.27
N GLU A 279 49.47 -10.25 19.35
CA GLU A 279 49.81 -11.64 19.63
C GLU A 279 49.31 -12.06 21.01
N VAL A 280 49.48 -11.20 22.01
CA VAL A 280 49.00 -11.51 23.36
C VAL A 280 47.49 -11.63 23.37
N MET A 281 46.80 -10.73 22.67
CA MET A 281 45.34 -10.80 22.61
C MET A 281 44.87 -12.09 21.96
N ARG A 282 45.52 -12.49 20.86
CA ARG A 282 45.14 -13.72 20.18
C ARG A 282 45.38 -14.94 21.06
N GLU A 283 46.52 -14.96 21.76
CA GLU A 283 46.80 -16.10 22.64
C GLU A 283 45.80 -16.17 23.79
N ARG A 284 45.44 -15.02 24.36
CA ARG A 284 44.45 -15.00 25.42
C ARG A 284 43.09 -15.46 24.93
N LEU A 285 42.71 -15.06 23.71
CA LEU A 285 41.45 -15.53 23.14
C LEU A 285 41.47 -17.04 22.95
N ARG A 286 42.59 -17.58 22.45
CA ARG A 286 42.69 -19.03 22.28
C ARG A 286 42.59 -19.75 23.62
N THR A 287 43.23 -19.19 24.66
CA THR A 287 43.12 -19.79 26.00
C THR A 287 41.68 -19.74 26.50
N ILE A 288 40.99 -18.62 26.29
CA ILE A 288 39.62 -18.47 26.77
C ILE A 288 38.69 -19.46 26.08
N LEU A 289 38.83 -19.63 24.77
CA LEU A 289 37.90 -20.48 24.03
C LEU A 289 37.99 -21.95 24.42
N ARG A 290 39.03 -22.36 25.13
CA ARG A 290 39.15 -23.74 25.61
C ARG A 290 38.70 -23.83 27.07
N HIS A 291 37.40 -23.65 27.27
CA HIS A 291 36.80 -23.71 28.60
C HIS A 291 35.51 -24.51 28.54
N PRO A 292 35.19 -25.25 29.60
CA PRO A 292 33.95 -26.06 29.58
C PRO A 292 32.68 -25.24 29.42
N ALA A 293 32.66 -23.99 29.87
CA ALA A 293 31.43 -23.19 29.84
C ALA A 293 31.18 -22.55 28.48
N VAL A 294 32.11 -22.69 27.53
CA VAL A 294 31.92 -22.04 26.23
C VAL A 294 30.68 -22.54 25.48
N PRO A 295 30.40 -23.85 25.41
CA PRO A 295 29.20 -24.27 24.67
C PRO A 295 27.90 -23.67 25.19
N LYS A 296 27.81 -23.37 26.47
CA LYS A 296 26.60 -22.81 27.04
C LYS A 296 26.50 -21.30 26.88
N ALA A 297 27.59 -20.63 26.48
CA ALA A 297 27.59 -19.19 26.31
C ALA A 297 27.47 -18.75 24.86
N LEU A 298 28.20 -19.40 23.95
CA LEU A 298 28.21 -19.03 22.54
C LEU A 298 27.99 -20.26 21.69
N ASN A 299 27.33 -20.08 20.56
CA ASN A 299 27.13 -21.16 19.60
C ASN A 299 28.33 -21.21 18.65
N ARG A 300 28.23 -22.04 17.60
CA ARG A 300 29.36 -22.23 16.70
C ARG A 300 29.75 -20.95 15.94
N PRO A 301 28.84 -20.23 15.29
CA PRO A 301 29.29 -19.03 14.54
C PRO A 301 29.98 -18.00 15.43
N GLN A 302 29.49 -17.81 16.66
CA GLN A 302 30.10 -16.84 17.56
C GLN A 302 31.50 -17.29 17.97
N GLN A 303 31.68 -18.59 18.22
CA GLN A 303 33.01 -19.10 18.53
C GLN A 303 33.96 -18.91 17.35
N ARG A 304 33.47 -19.13 16.12
CA ARG A 304 34.30 -18.89 14.96
C ARG A 304 34.69 -17.42 14.85
N GLU A 305 33.74 -16.53 15.08
CA GLU A 305 34.02 -15.09 14.98
C GLU A 305 35.06 -14.66 16.01
N LEU A 306 34.93 -15.16 17.24
CA LEU A 306 35.95 -14.85 18.25
C LEU A 306 37.27 -15.53 17.98
N ARG A 307 37.26 -16.62 17.21
CA ARG A 307 38.50 -17.38 16.99
C ARG A 307 39.45 -16.64 16.04
N TRP A 308 38.92 -16.05 14.98
CA TRP A 308 39.72 -15.40 13.94
C TRP A 308 39.56 -13.88 13.97
N LEU A 309 39.50 -13.30 15.18
CA LEU A 309 39.21 -11.88 15.29
C LEU A 309 40.36 -11.02 14.75
N ALA A 310 41.58 -11.28 15.21
CA ALA A 310 42.69 -10.40 14.86
C ALA A 310 43.02 -10.47 13.38
N LEU A 311 43.05 -11.67 12.82
CA LEU A 311 43.35 -11.83 11.40
C LEU A 311 42.34 -11.10 10.53
N ARG A 312 41.05 -11.28 10.84
CA ARG A 312 40.01 -10.62 10.06
C ARG A 312 40.06 -9.10 10.23
N LEU A 313 40.34 -8.62 11.45
CA LEU A 313 40.45 -7.18 11.66
C LEU A 313 41.57 -6.59 10.81
N VAL A 314 42.76 -7.20 10.85
CA VAL A 314 43.87 -6.68 10.05
C VAL A 314 43.56 -6.76 8.57
N ARG A 315 42.99 -7.87 8.12
CA ARG A 315 42.68 -8.04 6.70
C ARG A 315 41.68 -7.01 6.21
N GLU A 316 40.64 -6.74 7.01
CA GLU A 316 39.64 -5.76 6.58
C GLU A 316 40.13 -4.33 6.72
N SER A 317 41.04 -4.06 7.66
CA SER A 317 41.59 -2.71 7.75
C SER A 317 42.52 -2.43 6.57
N GLN A 318 43.26 -3.45 6.11
CA GLN A 318 44.12 -3.25 4.96
C GLN A 318 43.35 -3.06 3.66
N ALA A 319 42.05 -3.33 3.65
CA ALA A 319 41.26 -3.19 2.43
C ALA A 319 40.59 -1.83 2.31
N VAL A 320 40.82 -0.91 3.24
CA VAL A 320 40.26 0.43 3.17
C VAL A 320 41.27 1.45 2.68
N LEU A 321 42.53 1.28 3.08
CA LEU A 321 43.59 2.15 2.58
C LEU A 321 43.72 2.05 1.07
N GLN A 322 43.55 0.83 0.53
CA GLN A 322 43.59 0.66 -0.92
C GLN A 322 42.45 1.40 -1.60
N ALA A 323 41.25 1.38 -1.01
CA ALA A 323 40.14 2.14 -1.56
C ALA A 323 40.44 3.63 -1.56
N ARG A 324 41.02 4.13 -0.47
CA ARG A 324 41.38 5.55 -0.41
C ARG A 324 42.41 5.88 -1.49
N ALA A 325 43.42 5.02 -1.67
CA ALA A 325 44.43 5.25 -2.69
C ALA A 325 43.81 5.28 -4.07
N ARG A 326 42.89 4.34 -4.35
CA ARG A 326 42.21 4.33 -5.64
C ARG A 326 41.42 5.61 -5.87
N SER A 327 40.72 6.09 -4.82
CA SER A 327 39.94 7.31 -4.96
C SER A 327 40.85 8.49 -5.29
N GLU A 328 41.97 8.61 -4.57
CA GLU A 328 42.89 9.72 -4.82
C GLU A 328 43.47 9.64 -6.23
N ARG A 329 43.84 8.43 -6.67
CA ARG A 329 44.39 8.28 -8.01
C ARG A 329 43.38 8.66 -9.07
N ASP A 330 42.12 8.25 -8.89
CA ASP A 330 41.09 8.61 -9.86
C ASP A 330 40.85 10.12 -9.90
N VAL A 331 40.85 10.77 -8.73
CA VAL A 331 40.65 12.22 -8.70
C VAL A 331 41.80 12.92 -9.42
N ARG A 332 43.04 12.49 -9.18
CA ARG A 332 44.18 13.11 -9.85
C ARG A 332 44.12 12.88 -11.35
N GLY A 333 43.71 11.69 -11.78
CA GLY A 333 43.55 11.44 -13.21
C GLY A 333 42.50 12.34 -13.84
N PHE A 334 41.36 12.47 -13.18
CA PHE A 334 40.31 13.36 -13.70
C PHE A 334 40.80 14.79 -13.80
N MET A 335 41.55 15.26 -12.80
CA MET A 335 42.10 16.60 -12.87
C MET A 335 43.12 16.75 -13.99
N LYS A 336 43.94 15.72 -14.23
CA LYS A 336 44.94 15.80 -15.28
C LYS A 336 44.34 15.71 -16.67
N THR A 337 43.15 15.11 -16.82
CA THR A 337 42.52 15.05 -18.14
C THR A 337 42.22 16.44 -18.67
N GLY A 338 41.68 17.32 -17.83
CA GLY A 338 41.45 18.69 -18.24
C GLY A 338 40.30 18.92 -19.19
N LEU A 339 39.12 18.36 -18.91
CA LEU A 339 37.94 18.56 -19.72
C LEU A 339 36.79 19.16 -18.92
N ALA A 340 37.08 19.82 -17.80
CA ALA A 340 36.02 20.37 -16.95
C ALA A 340 35.32 21.55 -17.62
N ALA A 341 36.09 22.44 -18.24
CA ALA A 341 35.49 23.61 -18.89
C ALA A 341 34.55 23.18 -20.01
N GLU A 342 34.94 22.15 -20.78
CA GLU A 342 34.05 21.64 -21.81
C GLU A 342 32.77 21.08 -21.20
N HIS A 343 32.88 20.38 -20.07
CA HIS A 343 31.68 19.87 -19.42
C HIS A 343 30.76 21.02 -19.01
N HIS A 344 31.32 22.07 -18.42
CA HIS A 344 30.51 23.20 -18.01
C HIS A 344 29.81 23.85 -19.19
N ARG A 345 30.57 24.09 -20.28
CA ARG A 345 30.00 24.76 -21.45
C ARG A 345 28.91 23.92 -22.10
N VAL A 346 29.15 22.61 -22.25
CA VAL A 346 28.14 21.75 -22.87
C VAL A 346 26.91 21.64 -21.97
N GLY A 347 27.10 21.63 -20.65
CA GLY A 347 25.96 21.64 -19.76
C GLY A 347 25.11 22.89 -19.92
N GLN A 348 25.76 24.05 -20.02
CA GLN A 348 25.00 25.28 -20.24
C GLN A 348 24.24 25.24 -21.55
N LEU A 349 24.89 24.79 -22.62
CA LEU A 349 24.23 24.75 -23.92
C LEU A 349 23.07 23.76 -23.93
N LEU A 350 23.24 22.60 -23.28
CA LEU A 350 22.16 21.64 -23.20
C LEU A 350 20.99 22.19 -22.40
N ASN A 351 21.27 22.93 -21.32
CA ASN A 351 20.20 23.56 -20.57
C ASN A 351 19.43 24.57 -21.44
N ASP A 352 20.16 25.36 -22.22
CA ASP A 352 19.49 26.31 -23.12
C ASP A 352 18.62 25.58 -24.14
N PHE A 353 19.14 24.51 -24.73
CA PHE A 353 18.37 23.76 -25.72
C PHE A 353 17.12 23.14 -25.10
N PHE A 354 17.25 22.57 -23.90
CA PHE A 354 16.11 21.95 -23.25
C PHE A 354 15.07 22.99 -22.85
N ASN A 355 15.50 24.18 -22.45
CA ASN A 355 14.53 25.25 -22.18
C ASN A 355 13.81 25.66 -23.46
N LEU A 356 14.53 25.75 -24.58
CA LEU A 356 13.90 26.13 -25.84
C LEU A 356 12.94 25.06 -26.34
N ALA A 357 13.24 23.78 -26.09
CA ALA A 357 12.45 22.69 -26.66
C ALA A 357 11.03 22.63 -26.11
N LEU A 358 10.72 23.34 -25.04
CA LEU A 358 9.38 23.33 -24.47
C LEU A 358 8.39 24.22 -25.22
N SER A 359 8.86 25.00 -26.20
CA SER A 359 8.02 25.97 -26.88
C SER A 359 7.65 25.54 -28.31
N VAL A 360 7.90 24.29 -28.67
CA VAL A 360 7.53 23.79 -29.99
C VAL A 360 6.41 22.77 -29.83
N ASP A 361 5.74 22.48 -30.94
CA ASP A 361 4.59 21.59 -30.96
C ASP A 361 5.07 20.20 -31.38
N TRP A 362 5.16 19.30 -30.41
CA TRP A 362 5.59 17.93 -30.65
C TRP A 362 4.45 17.01 -31.06
N GLN A 363 3.22 17.51 -31.12
CA GLN A 363 2.07 16.69 -31.47
C GLN A 363 1.85 16.60 -32.98
N ARG A 364 2.61 17.34 -33.77
CA ARG A 364 2.49 17.33 -35.22
C ARG A 364 3.63 16.55 -35.84
N GLN A 365 3.30 15.58 -36.69
CA GLN A 365 4.34 14.80 -37.34
C GLN A 365 5.16 15.65 -38.29
N SER A 366 4.60 16.75 -38.80
CA SER A 366 5.33 17.61 -39.72
C SER A 366 6.55 18.23 -39.05
N GLU A 367 6.39 18.70 -37.81
CA GLU A 367 7.50 19.33 -37.11
C GLU A 367 8.49 18.33 -36.57
N ARG A 368 8.05 17.15 -36.17
CA ARG A 368 8.96 16.15 -35.62
C ARG A 368 9.94 15.64 -36.68
N ARG A 369 9.54 15.66 -37.95
CA ARG A 369 10.38 15.19 -39.04
C ARG A 369 11.02 16.33 -39.82
N LYS A 370 10.94 17.55 -39.32
CA LYS A 370 11.61 18.67 -39.98
C LYS A 370 13.11 18.55 -39.78
N PRO A 371 13.90 18.62 -40.85
CA PRO A 371 15.35 18.46 -40.71
C PRO A 371 15.97 19.54 -39.82
N ALA A 372 16.94 19.13 -39.02
CA ALA A 372 17.68 20.03 -38.15
C ALA A 372 19.04 20.33 -38.75
N CYS A 373 19.89 21.04 -38.01
CA CYS A 373 21.22 21.41 -38.47
C CYS A 373 22.26 20.78 -37.55
N LEU A 374 22.89 19.70 -38.03
CA LEU A 374 23.96 19.03 -37.32
C LEU A 374 24.86 18.42 -38.39
N PRO A 375 26.16 18.68 -38.35
CA PRO A 375 27.03 18.27 -39.46
C PRO A 375 27.23 16.77 -39.46
N PRO A 376 27.62 16.20 -40.60
CA PRO A 376 27.97 14.77 -40.65
C PRO A 376 29.33 14.54 -40.01
N VAL A 377 29.36 13.68 -39.00
CA VAL A 377 30.57 13.34 -38.28
C VAL A 377 30.78 11.83 -38.33
N GLY A 378 32.02 11.41 -38.53
CA GLY A 378 32.30 10.00 -38.71
C GLY A 378 31.71 9.43 -39.98
N VAL A 379 31.85 10.16 -41.09
CA VAL A 379 31.25 9.79 -42.36
C VAL A 379 31.84 8.49 -42.87
N ALA A 380 31.02 7.45 -42.91
CA ALA A 380 31.42 6.21 -43.57
C ALA A 380 31.35 6.38 -45.07
N ILE A 381 32.17 5.60 -45.79
CA ILE A 381 32.18 5.64 -47.24
C ILE A 381 30.83 5.14 -47.73
N THR A 382 30.52 5.38 -49.00
CA THR A 382 29.19 5.07 -49.50
C THR A 382 29.03 3.57 -49.75
N GLY A 383 29.30 2.77 -48.71
CA GLY A 383 29.15 1.33 -48.79
C GLY A 383 30.23 0.67 -49.62
N VAL A 384 30.16 0.88 -50.93
CA VAL A 384 31.10 0.29 -51.88
C VAL A 384 31.33 1.30 -53.00
N PRO A 385 32.34 1.10 -53.86
CA PRO A 385 32.46 1.95 -55.05
C PRO A 385 31.44 1.58 -56.13
N ALA A 386 30.42 0.81 -55.74
CA ALA A 386 29.35 0.37 -56.63
C ALA A 386 29.87 -0.51 -57.76
N ILE A 387 30.95 -1.25 -57.49
CA ILE A 387 31.47 -2.24 -58.42
C ILE A 387 31.60 -3.56 -57.67
N GLU A 388 30.58 -4.41 -57.77
CA GLU A 388 30.56 -5.62 -56.95
C GLU A 388 31.55 -6.67 -57.47
N ARG A 389 31.44 -7.05 -58.74
CA ARG A 389 32.30 -8.08 -59.33
C ARG A 389 32.31 -9.37 -58.51
N ALA B 23 21.47 -20.60 4.15
CA ALA B 23 21.18 -19.39 3.40
C ALA B 23 19.70 -19.27 3.08
N GLN B 24 19.09 -20.41 2.74
CA GLN B 24 17.66 -20.42 2.44
C GLN B 24 16.84 -20.15 3.70
N GLN B 25 17.26 -20.70 4.83
CA GLN B 25 16.50 -20.53 6.07
C GLN B 25 16.51 -19.08 6.55
N ARG B 26 17.55 -18.31 6.21
CA ARG B 26 17.59 -16.92 6.62
C ARG B 26 16.46 -16.12 6.02
N SER B 27 16.13 -16.37 4.75
CA SER B 27 15.02 -15.66 4.12
C SER B 27 13.70 -16.00 4.79
N GLU B 28 13.50 -17.27 5.13
CA GLU B 28 12.29 -17.67 5.84
C GLU B 28 12.19 -16.98 7.20
N ARG B 29 13.32 -16.92 7.91
CA ARG B 29 13.35 -16.23 9.20
C ARG B 29 13.01 -14.76 9.05
N TYR B 30 13.56 -14.12 8.02
CA TYR B 30 13.27 -12.71 7.78
C TYR B 30 11.79 -12.49 7.47
N VAL B 31 11.21 -13.37 6.66
CA VAL B 31 9.79 -13.25 6.34
C VAL B 31 8.93 -13.43 7.57
N SER B 32 9.27 -14.42 8.40
CA SER B 32 8.53 -14.63 9.64
C SER B 32 8.62 -13.42 10.56
N ALA B 33 9.82 -12.85 10.69
CA ALA B 33 9.99 -11.65 11.52
C ALA B 33 9.20 -10.48 10.97
N ARG B 34 9.18 -10.33 9.65
CA ARG B 34 8.39 -9.27 9.03
C ARG B 34 6.91 -9.46 9.33
N SER B 35 6.43 -10.69 9.30
CA SER B 35 5.00 -10.94 9.49
C SER B 35 4.60 -10.78 10.97
N GLN B 36 5.47 -11.19 11.89
CA GLN B 36 5.06 -11.36 13.28
C GLN B 36 5.59 -10.28 14.22
N HIS B 37 6.86 -9.92 14.14
CA HIS B 37 7.46 -9.09 15.18
C HIS B 37 6.81 -7.71 15.21
N PRO B 38 6.45 -7.20 16.38
CA PRO B 38 5.76 -5.89 16.45
C PRO B 38 6.60 -4.72 15.95
N ALA B 39 7.92 -4.74 16.15
CA ALA B 39 8.74 -3.58 15.80
C ALA B 39 8.76 -3.34 14.30
N TRP B 40 8.99 -4.41 13.53
CA TRP B 40 8.99 -4.27 12.08
C TRP B 40 7.61 -3.88 11.56
N LEU B 41 6.54 -4.41 12.15
CA LEU B 41 5.19 -4.01 11.76
C LEU B 41 4.96 -2.53 12.02
N LEU B 42 5.42 -2.04 13.17
CA LEU B 42 5.28 -0.61 13.46
C LEU B 42 6.06 0.24 12.48
N LEU B 43 7.29 -0.17 12.15
CA LEU B 43 8.10 0.59 11.21
C LEU B 43 7.48 0.60 9.82
N ALA B 44 6.89 -0.52 9.40
CA ALA B 44 6.28 -0.62 8.08
C ALA B 44 4.86 -0.08 8.02
N SER B 45 4.31 0.40 9.13
CA SER B 45 2.95 0.91 9.13
C SER B 45 2.86 2.23 8.36
N ARG B 46 1.64 2.56 7.95
CA ARG B 46 1.44 3.77 7.14
C ARG B 46 1.70 5.04 7.94
N ARG B 47 1.20 5.10 9.18
CA ARG B 47 1.33 6.29 10.02
C ARG B 47 2.46 6.14 11.03
N ALA B 48 3.54 5.45 10.65
CA ALA B 48 4.63 5.18 11.58
C ALA B 48 5.26 6.43 12.19
N PRO B 49 5.62 7.46 11.43
CA PRO B 49 6.34 8.59 12.06
C PRO B 49 5.54 9.31 13.15
N LEU B 50 4.28 9.64 12.86
CA LEU B 50 3.48 10.37 13.84
C LEU B 50 3.17 9.50 15.06
N VAL B 51 2.89 8.22 14.85
CA VAL B 51 2.64 7.31 15.97
C VAL B 51 3.88 7.22 16.85
N LEU B 52 5.06 7.07 16.22
CA LEU B 52 6.30 6.99 16.97
C LEU B 52 6.54 8.26 17.77
N GLY B 53 6.34 9.42 17.13
CA GLY B 53 6.54 10.67 17.84
C GLY B 53 5.61 10.83 19.03
N CYS B 54 4.32 10.54 18.82
CA CYS B 54 3.35 10.69 19.91
C CYS B 54 3.65 9.74 21.05
N LEU B 55 3.94 8.47 20.74
CA LEU B 55 4.23 7.50 21.78
C LEU B 55 5.49 7.87 22.55
N ARG B 56 6.54 8.29 21.84
CA ARG B 56 7.77 8.69 22.53
C ARG B 56 7.54 9.89 23.42
N THR B 57 6.72 10.86 22.97
CA THR B 57 6.41 12.00 23.81
C THR B 57 5.62 11.58 25.04
N LEU B 58 4.70 10.63 24.89
CA LEU B 58 3.87 10.20 26.02
C LEU B 58 4.72 9.62 27.14
N PHE B 59 5.58 8.65 26.82
CA PHE B 59 6.40 7.97 27.82
C PHE B 59 7.65 8.79 28.13
N GLU B 60 7.43 10.04 28.52
CA GLU B 60 8.53 10.93 28.87
C GLU B 60 8.19 11.76 30.11
N GLU B 69 -7.40 6.48 27.30
CA GLU B 69 -8.20 7.67 27.07
C GLU B 69 -7.32 8.86 26.71
N ASP B 70 -6.47 9.26 27.66
CA ASP B 70 -5.53 10.35 27.39
C ASP B 70 -4.60 10.01 26.25
N ALA B 71 -4.16 8.75 26.16
CA ALA B 71 -3.41 8.32 25.00
C ALA B 71 -4.23 8.46 23.72
N LEU B 72 -5.51 8.05 23.77
CA LEU B 72 -6.38 8.20 22.62
C LEU B 72 -6.59 9.66 22.27
N GLN B 73 -6.79 10.51 23.29
CA GLN B 73 -7.02 11.93 23.04
C GLN B 73 -5.81 12.58 22.40
N ALA B 74 -4.61 12.32 22.94
CA ALA B 74 -3.40 12.90 22.37
C ALA B 74 -3.12 12.36 20.98
N LEU B 75 -3.37 11.07 20.76
CA LEU B 75 -3.19 10.51 19.42
C LEU B 75 -4.12 11.17 18.42
N SER B 76 -5.38 11.38 18.80
CA SER B 76 -6.31 12.07 17.92
C SER B 76 -5.87 13.51 17.66
N GLU B 77 -5.40 14.20 18.70
CA GLU B 77 -4.94 15.57 18.52
C GLU B 77 -3.78 15.64 17.53
N MET B 78 -2.81 14.73 17.67
CA MET B 78 -1.68 14.73 16.74
C MET B 78 -2.11 14.34 15.33
N LEU B 79 -2.99 13.33 15.21
CA LEU B 79 -3.47 12.90 13.89
C LEU B 79 -4.35 13.96 13.23
N ALA B 80 -4.88 14.90 13.99
CA ALA B 80 -5.74 15.93 13.42
C ALA B 80 -5.00 16.77 12.39
N ALA B 81 -3.99 17.51 12.82
CA ALA B 81 -3.28 18.42 11.91
C ALA B 81 -2.15 17.72 11.19
N TYR B 82 -2.45 16.56 10.61
CA TYR B 82 -1.54 15.88 9.70
C TYR B 82 -2.29 15.19 8.58
N ALA B 83 -3.42 15.77 8.16
CA ALA B 83 -4.30 15.13 7.19
C ALA B 83 -3.56 14.77 5.91
N SER B 84 -3.17 15.79 5.14
CA SER B 84 -2.26 15.66 4.00
C SER B 84 -2.41 14.34 3.24
N GLN B 85 -1.28 13.66 3.05
CA GLN B 85 -1.23 12.29 2.53
C GLN B 85 -2.11 12.07 1.31
N ALA B 94 -13.84 11.56 11.41
CA ALA B 94 -13.65 10.12 11.48
C ALA B 94 -12.26 9.79 12.02
N THR B 95 -11.54 10.83 12.46
CA THR B 95 -10.21 10.63 13.00
C THR B 95 -10.25 9.84 14.31
N HIS B 96 -11.24 10.13 15.16
CA HIS B 96 -11.30 9.48 16.48
C HIS B 96 -11.62 7.99 16.36
N LEU B 97 -12.34 7.58 15.32
CA LEU B 97 -12.61 6.16 15.13
C LEU B 97 -11.33 5.40 14.73
N GLN B 98 -10.60 5.93 13.76
CA GLN B 98 -9.37 5.28 13.32
C GLN B 98 -8.28 5.35 14.37
N ALA B 99 -8.26 6.40 15.19
CA ALA B 99 -7.31 6.46 16.29
C ALA B 99 -7.51 5.29 17.25
N GLY B 100 -8.76 5.08 17.68
CA GLY B 100 -9.06 3.95 18.54
C GLY B 100 -8.79 2.62 17.87
N ARG B 101 -9.15 2.51 16.59
CA ARG B 101 -8.90 1.26 15.86
C ARG B 101 -7.42 0.93 15.82
N GLU B 102 -6.57 1.92 15.53
CA GLU B 102 -5.14 1.68 15.45
C GLU B 102 -4.55 1.40 16.82
N LEU B 103 -5.03 2.10 17.86
CA LEU B 103 -4.55 1.82 19.20
C LEU B 103 -4.87 0.39 19.63
N ARG B 104 -6.10 -0.06 19.34
CA ARG B 104 -6.45 -1.44 19.64
C ARG B 104 -5.69 -2.42 18.77
N GLU B 105 -5.34 -2.03 17.55
CA GLU B 105 -4.51 -2.87 16.69
C GLU B 105 -3.12 -3.06 17.29
N TRP B 106 -2.54 -1.99 17.83
CA TRP B 106 -1.22 -2.10 18.44
C TRP B 106 -1.28 -2.85 19.77
N ILE B 107 -2.37 -2.69 20.52
CA ILE B 107 -2.54 -3.46 21.74
C ILE B 107 -2.66 -4.95 21.43
N LYS B 108 -3.38 -5.29 20.36
CA LYS B 108 -3.47 -6.69 19.94
C LYS B 108 -2.10 -7.22 19.54
N ARG B 109 -1.33 -6.43 18.80
CA ARG B 109 -0.01 -6.85 18.34
C ARG B 109 1.03 -6.89 19.45
N ARG B 110 0.68 -6.45 20.66
CA ARG B 110 1.55 -6.47 21.84
C ARG B 110 2.72 -5.50 21.71
N LEU B 111 2.60 -4.47 20.87
CA LEU B 111 3.58 -3.39 20.88
C LEU B 111 3.49 -2.62 22.20
N VAL B 112 2.27 -2.42 22.69
CA VAL B 112 2.01 -1.76 23.96
C VAL B 112 1.05 -2.66 24.74
N VAL B 113 1.06 -2.53 26.07
CA VAL B 113 0.32 -3.43 26.93
C VAL B 113 -0.69 -2.64 27.76
N GLU B 114 -1.87 -3.21 27.94
CA GLU B 114 -2.95 -2.64 28.74
C GLU B 114 -3.18 -3.53 29.94
N ARG B 115 -2.97 -3.01 31.15
CA ARG B 115 -3.04 -3.84 32.35
C ARG B 115 -4.42 -3.78 32.99
N GLU B 116 -4.84 -2.61 33.47
CA GLU B 116 -6.20 -2.45 33.98
C GLU B 116 -6.95 -1.33 33.27
N GLY B 117 -6.38 -0.13 33.23
CA GLY B 117 -6.93 0.99 32.47
C GLY B 117 -5.81 1.84 31.95
N ARG B 118 -4.58 1.36 32.12
CA ARG B 118 -3.38 2.11 31.80
C ARG B 118 -2.61 1.40 30.69
N ILE B 119 -1.74 2.15 30.01
CA ILE B 119 -0.95 1.65 28.90
C ILE B 119 0.52 1.74 29.28
N TYR B 120 1.25 0.65 29.06
CA TYR B 120 2.66 0.56 29.39
C TYR B 120 3.44 0.11 28.17
N ALA B 121 4.69 0.59 28.07
CA ALA B 121 5.55 0.33 26.95
C ALA B 121 6.23 -1.04 27.07
N THR B 122 6.69 -1.56 25.94
CA THR B 122 7.36 -2.85 25.86
C THR B 122 8.75 -2.66 25.27
N ASP B 123 9.44 -3.77 25.04
CA ASP B 123 10.80 -3.72 24.50
C ASP B 123 10.81 -3.42 23.01
N ALA B 124 9.79 -3.87 22.27
CA ALA B 124 9.75 -3.64 20.83
C ALA B 124 9.67 -2.15 20.52
N LEU B 125 8.87 -1.41 21.29
CA LEU B 125 8.77 0.03 21.08
C LEU B 125 10.12 0.71 21.28
N GLU B 126 10.86 0.30 22.31
CA GLU B 126 12.16 0.92 22.56
C GLU B 126 13.18 0.52 21.51
N SER B 127 13.10 -0.71 21.00
CA SER B 127 13.98 -1.11 19.90
C SER B 127 13.71 -0.26 18.67
N ALA B 128 12.44 -0.04 18.34
CA ALA B 128 12.10 0.80 17.19
C ALA B 128 12.57 2.22 17.39
N ILE B 129 12.37 2.78 18.59
CA ILE B 129 12.82 4.14 18.87
C ILE B 129 14.34 4.24 18.73
N GLN B 130 15.07 3.27 19.28
CA GLN B 130 16.52 3.29 19.21
C GLN B 130 17.00 3.22 17.76
N PHE B 131 16.38 2.37 16.95
CA PHE B 131 16.75 2.31 15.54
C PHE B 131 16.47 3.64 14.84
N VAL B 132 15.30 4.23 15.10
CA VAL B 132 14.89 5.43 14.36
C VAL B 132 15.78 6.61 14.72
N ASP B 133 16.01 6.83 16.01
CA ASP B 133 16.74 8.02 16.43
C ASP B 133 18.25 7.88 16.32
N SER B 134 18.75 6.73 15.90
CA SER B 134 20.17 6.55 15.62
C SER B 134 20.52 6.85 14.17
N LEU B 135 19.53 7.15 13.32
CA LEU B 135 19.79 7.49 11.93
C LEU B 135 20.42 8.86 11.78
N ASP B 136 20.32 9.72 12.79
CA ASP B 136 20.87 11.06 12.70
C ASP B 136 22.33 11.11 13.13
N SER B 137 22.61 10.69 14.36
CA SER B 137 23.97 10.71 14.90
C SER B 137 24.24 9.39 15.59
N ARG B 138 25.29 8.69 15.14
CA ARG B 138 25.73 7.46 15.78
C ARG B 138 27.21 7.59 16.13
N ILE B 139 27.56 7.24 17.36
CA ILE B 139 28.93 7.37 17.82
C ILE B 139 29.75 6.20 17.26
N MET B 140 30.93 6.52 16.74
CA MET B 140 31.79 5.50 16.15
C MET B 140 32.33 4.56 17.21
N THR B 141 32.41 3.27 16.87
CA THR B 141 33.01 2.27 17.74
C THR B 141 34.31 1.70 17.19
N SER B 142 34.67 2.04 15.95
CA SER B 142 35.95 1.64 15.38
C SER B 142 37.01 2.70 15.72
N THR B 143 37.35 2.75 17.00
CA THR B 143 38.29 3.73 17.51
C THR B 143 39.40 3.02 18.28
N ALA B 144 40.41 3.80 18.69
CA ALA B 144 41.51 3.24 19.46
C ALA B 144 41.12 3.00 20.91
N SER B 145 40.27 3.87 21.47
CA SER B 145 39.83 3.71 22.85
C SER B 145 39.05 2.43 23.04
N ARG B 146 38.15 2.11 22.09
CA ARG B 146 37.41 0.86 22.18
C ARG B 146 38.34 -0.33 22.07
N LEU B 147 39.37 -0.24 21.23
CA LEU B 147 40.33 -1.34 21.12
C LEU B 147 41.07 -1.56 22.43
N SER B 148 41.50 -0.46 23.08
CA SER B 148 42.19 -0.61 24.36
C SER B 148 41.26 -1.19 25.42
N VAL B 149 40.01 -0.75 25.43
CA VAL B 149 39.04 -1.29 26.38
C VAL B 149 38.85 -2.79 26.15
N VAL B 150 38.72 -3.20 24.90
CA VAL B 150 38.53 -4.62 24.58
C VAL B 150 39.74 -5.43 25.03
N GLN B 151 40.94 -4.91 24.80
CA GLN B 151 42.14 -5.65 25.20
C GLN B 151 42.21 -5.80 26.71
N ARG B 152 41.95 -4.72 27.46
CA ARG B 152 41.99 -4.80 28.91
C ARG B 152 40.93 -5.75 29.45
N GLU B 153 39.72 -5.70 28.88
CA GLU B 153 38.65 -6.58 29.33
C GLU B 153 38.96 -8.04 29.05
N ILE B 154 39.53 -8.34 27.87
CA ILE B 154 39.92 -9.70 27.55
C ILE B 154 40.98 -10.19 28.54
N GLU B 155 41.97 -9.35 28.82
CA GLU B 155 43.00 -9.73 29.80
C GLU B 155 42.37 -10.04 31.16
N ASN B 156 41.45 -9.18 31.59
CA ASN B 156 40.81 -9.38 32.90
C ASN B 156 40.05 -10.69 32.95
N LEU B 157 39.23 -10.96 31.92
CA LEU B 157 38.48 -12.20 31.91
C LEU B 157 39.40 -13.42 31.90
N GLU B 158 40.42 -13.40 31.04
CA GLU B 158 41.31 -14.55 30.92
C GLU B 158 42.04 -14.82 32.23
N THR B 159 42.48 -13.77 32.92
CA THR B 159 43.12 -13.98 34.20
C THR B 159 42.11 -14.36 35.29
N GLY B 160 40.83 -14.01 35.12
CA GLY B 160 39.83 -14.39 36.09
C GLY B 160 39.34 -15.81 35.97
N LEU B 161 39.49 -16.43 34.80
CA LEU B 161 39.06 -17.80 34.59
C LEU B 161 40.15 -18.83 34.94
N ASN B 162 41.29 -18.38 35.44
CA ASN B 162 42.42 -19.27 35.66
C ASN B 162 42.49 -19.69 37.13
N PRO B 163 42.39 -20.99 37.44
CA PRO B 163 42.43 -21.40 38.85
C PRO B 163 43.84 -21.55 39.42
N SER B 164 44.86 -21.71 38.58
CA SER B 164 46.20 -21.99 39.09
C SER B 164 46.75 -20.80 39.87
N PRO B 165 47.32 -21.02 41.06
CA PRO B 165 47.82 -19.89 41.86
C PRO B 165 49.13 -19.31 41.34
N THR B 166 49.96 -20.15 40.73
CA THR B 166 51.25 -19.68 40.23
C THR B 166 51.07 -18.63 39.14
N GLY B 167 50.14 -18.87 38.20
CA GLY B 167 49.86 -17.87 37.19
C GLY B 167 49.33 -16.58 37.76
N ARG B 168 48.49 -16.68 38.78
CA ARG B 168 47.97 -15.48 39.44
C ARG B 168 49.10 -14.68 40.08
N ILE B 169 50.03 -15.36 40.75
CA ILE B 169 51.15 -14.67 41.38
C ILE B 169 52.02 -14.00 40.32
N ALA B 170 52.28 -14.71 39.22
CA ALA B 170 53.09 -14.13 38.14
C ALA B 170 52.42 -12.88 37.56
N SER B 171 51.12 -12.95 37.30
CA SER B 171 50.41 -11.81 36.75
C SER B 171 50.42 -10.63 37.71
N LEU B 172 50.20 -10.89 39.00
CA LEU B 172 50.22 -9.80 39.98
C LEU B 172 51.60 -9.16 40.04
N ARG B 173 52.66 -9.97 40.04
CA ARG B 173 54.00 -9.41 40.07
C ARG B 173 54.29 -8.57 38.83
N ARG B 174 53.87 -9.06 37.66
CA ARG B 174 54.11 -8.31 36.43
C ARG B 174 53.38 -6.97 36.44
N ARG B 175 52.11 -6.96 36.86
CA ARG B 175 51.36 -5.71 36.90
C ARG B 175 51.97 -4.74 37.92
N ILE B 176 52.38 -5.25 39.08
CA ILE B 176 53.00 -4.38 40.09
C ILE B 176 54.28 -3.78 39.55
N GLN B 177 55.10 -4.59 38.86
CA GLN B 177 56.34 -4.08 38.29
C GLN B 177 56.07 -3.01 37.24
N ASP B 178 55.06 -3.21 36.39
CA ASP B 178 54.74 -2.20 35.38
C ASP B 178 54.28 -0.90 36.03
N LEU B 179 53.44 -0.99 37.06
CA LEU B 179 52.99 0.22 37.75
C LEU B 179 54.16 0.92 38.42
N GLU B 180 55.09 0.16 39.00
CA GLU B 180 56.27 0.77 39.61
C GLU B 180 57.12 1.48 38.57
N HIS B 181 57.28 0.87 37.39
CA HIS B 181 58.03 1.53 36.33
C HIS B 181 57.37 2.84 35.90
N GLU B 182 56.04 2.83 35.77
CA GLU B 182 55.35 4.06 35.40
C GLU B 182 55.51 5.12 36.49
N LEU B 183 55.45 4.71 37.76
CA LEU B 183 55.66 5.65 38.85
C LEU B 183 57.05 6.25 38.81
N ALA B 184 58.06 5.41 38.54
CA ALA B 184 59.43 5.89 38.43
C ALA B 184 59.57 6.89 37.29
N ARG B 185 58.93 6.61 36.15
CA ARG B 185 58.97 7.55 35.04
C ARG B 185 58.29 8.86 35.39
N VAL B 186 57.16 8.80 36.09
CA VAL B 186 56.41 10.01 36.43
C VAL B 186 57.20 10.87 37.41
N GLU B 187 57.91 10.22 38.35
CA GLU B 187 58.69 10.98 39.32
C GLU B 187 59.79 11.82 38.67
N ALA B 188 60.16 11.50 37.43
CA ALA B 188 61.13 12.31 36.70
C ALA B 188 60.51 13.50 35.99
N GLY B 189 59.19 13.66 36.06
CA GLY B 189 58.52 14.78 35.43
C GLY B 189 58.07 14.49 34.01
N HIS B 190 57.38 13.37 33.82
CA HIS B 190 56.89 12.95 32.51
C HIS B 190 55.40 12.64 32.57
N VAL B 191 54.63 13.54 33.18
CA VAL B 191 53.20 13.37 33.28
C VAL B 191 52.58 13.42 31.89
N ASP B 192 51.82 12.39 31.53
CA ASP B 192 51.19 12.29 30.23
C ASP B 192 49.75 12.77 30.32
N VAL B 193 49.34 13.60 29.36
CA VAL B 193 47.99 14.14 29.29
C VAL B 193 47.46 13.90 27.88
N LEU B 194 46.20 13.45 27.80
CA LEU B 194 45.59 13.19 26.50
C LEU B 194 45.45 14.48 25.71
N ASP B 195 45.62 14.37 24.40
CA ASP B 195 45.43 15.51 23.51
C ASP B 195 43.94 15.84 23.41
N GLU B 196 43.62 16.88 22.63
CA GLU B 196 42.23 17.28 22.49
C GLU B 196 41.42 16.22 21.74
N ALA B 197 41.96 15.69 20.65
CA ALA B 197 41.25 14.65 19.91
C ALA B 197 41.08 13.39 20.74
N GLN B 198 42.13 12.99 21.46
CA GLN B 198 42.02 11.82 22.33
C GLN B 198 41.03 12.06 23.45
N ALA B 199 41.01 13.26 24.02
CA ALA B 199 40.05 13.57 25.08
C ALA B 199 38.62 13.49 24.56
N ILE B 200 38.37 14.04 23.37
CA ILE B 200 37.02 13.99 22.80
C ILE B 200 36.62 12.54 22.53
N GLU B 201 37.55 11.75 21.98
CA GLU B 201 37.27 10.35 21.70
C GLU B 201 36.92 9.60 22.98
N GLY B 202 37.70 9.83 24.04
CA GLY B 202 37.44 9.17 25.30
C GLY B 202 36.11 9.55 25.91
N MET B 203 35.78 10.85 25.85
CA MET B 203 34.50 11.29 26.39
C MET B 203 33.33 10.66 25.65
N ARG B 204 33.40 10.64 24.31
CA ARG B 204 32.31 10.05 23.54
C ARG B 204 32.19 8.56 23.79
N GLU B 205 33.32 7.86 23.90
CA GLU B 205 33.27 6.43 24.18
C GLU B 205 32.71 6.14 25.57
N VAL B 206 33.09 6.94 26.56
CA VAL B 206 32.55 6.76 27.90
C VAL B 206 31.05 6.99 27.92
N TYR B 207 30.59 8.03 27.22
CA TYR B 207 29.14 8.25 27.12
C TYR B 207 28.45 7.07 26.48
N ASN B 208 29.02 6.55 25.38
CA ASN B 208 28.38 5.44 24.67
C ASN B 208 28.31 4.19 25.55
N LEU B 209 29.37 3.90 26.30
CA LEU B 209 29.36 2.74 27.17
C LEU B 209 28.40 2.92 28.34
N ALA B 210 28.38 4.11 28.95
CA ALA B 210 27.57 4.32 30.14
C ALA B 210 26.08 4.37 29.81
N THR B 211 25.71 4.86 28.64
CA THR B 211 24.29 4.99 28.32
C THR B 211 23.63 3.65 28.03
N SER B 212 24.39 2.56 27.92
CA SER B 212 23.84 1.27 27.55
C SER B 212 23.36 0.45 28.74
N LEU B 213 23.47 0.98 29.96
CA LEU B 213 23.06 0.24 31.14
C LEU B 213 21.55 0.19 31.34
N ARG B 214 20.79 0.98 30.60
CA ARG B 214 19.34 1.03 30.72
C ARG B 214 18.64 0.25 29.62
N ALA B 215 19.38 -0.52 28.81
CA ALA B 215 18.81 -1.09 27.59
C ALA B 215 17.71 -2.10 27.90
N ASP B 216 17.89 -2.92 28.93
CA ASP B 216 17.06 -4.10 29.13
C ASP B 216 16.16 -4.00 30.36
N PHE B 217 15.69 -2.80 30.71
CA PHE B 217 14.80 -2.69 31.85
C PHE B 217 13.39 -3.15 31.51
N ARG B 218 12.90 -2.85 30.31
CA ARG B 218 11.58 -3.31 29.89
C ARG B 218 11.57 -4.78 29.53
N ARG B 219 12.72 -5.32 29.13
CA ARG B 219 12.83 -6.73 28.76
C ARG B 219 12.53 -7.64 29.94
N VAL B 220 12.99 -7.28 31.14
CA VAL B 220 12.73 -8.09 32.33
C VAL B 220 11.24 -8.15 32.62
N GLU B 221 10.56 -7.00 32.55
CA GLU B 221 9.12 -6.97 32.82
C GLU B 221 8.35 -7.75 31.77
N ASP B 222 8.75 -7.64 30.50
CA ASP B 222 8.12 -8.45 29.48
C ASP B 222 8.34 -9.94 29.74
N SER B 223 9.52 -10.31 30.25
CA SER B 223 9.78 -11.70 30.61
C SER B 223 8.90 -12.17 31.75
N TRP B 224 8.65 -11.32 32.75
CA TRP B 224 7.78 -11.70 33.86
C TRP B 224 6.32 -11.82 33.45
N ARG B 225 5.84 -10.97 32.55
CA ARG B 225 4.43 -11.02 32.17
C ARG B 225 4.08 -12.35 31.49
N GLU B 226 4.93 -12.83 30.60
CA GLU B 226 4.63 -14.09 29.92
C GLU B 226 4.68 -15.26 30.88
N ALA B 227 5.57 -15.22 31.87
CA ALA B 227 5.57 -16.26 32.90
C ALA B 227 4.27 -16.24 33.69
N ASP B 228 3.77 -15.05 34.01
CA ASP B 228 2.48 -14.93 34.67
C ASP B 228 1.38 -15.57 33.83
N ARG B 229 1.34 -15.23 32.53
CA ARG B 229 0.30 -15.78 31.66
C ARG B 229 0.38 -17.30 31.59
N ALA B 230 1.60 -17.83 31.45
CA ALA B 230 1.76 -19.28 31.34
C ALA B 230 1.33 -19.97 32.63
N LEU B 231 1.67 -19.39 33.78
CA LEU B 231 1.25 -19.98 35.04
C LEU B 231 -0.27 -20.01 35.17
N ARG B 232 -0.93 -18.91 34.80
CA ARG B 232 -2.39 -18.87 34.90
C ARG B 232 -3.03 -19.88 33.95
N HIS B 233 -2.50 -20.00 32.72
CA HIS B 233 -3.04 -20.98 31.79
C HIS B 233 -2.86 -22.40 32.32
N SER B 234 -1.69 -22.70 32.87
CA SER B 234 -1.46 -24.04 33.40
C SER B 234 -2.38 -24.33 34.58
N ILE B 235 -2.62 -23.35 35.44
CA ILE B 235 -3.54 -23.54 36.56
C ILE B 235 -4.95 -23.82 36.06
N ILE B 236 -5.40 -23.06 35.06
CA ILE B 236 -6.76 -23.25 34.55
C ILE B 236 -6.91 -24.61 33.88
N SER B 237 -5.94 -24.99 33.05
CA SER B 237 -6.08 -26.22 32.26
C SER B 237 -5.95 -27.47 33.10
N GLU B 238 -5.21 -27.41 34.20
CA GLU B 238 -4.99 -28.59 35.05
C GLU B 238 -6.28 -29.09 35.67
N HIS B 241 -9.49 -27.66 36.92
CA HIS B 241 -8.35 -27.19 37.69
C HIS B 241 -8.15 -28.01 38.95
N ARG B 242 -6.98 -28.62 39.08
CA ARG B 242 -6.66 -29.45 40.23
C ARG B 242 -6.38 -28.57 41.45
N GLY B 243 -7.07 -28.85 42.56
CA GLY B 243 -6.89 -28.06 43.76
C GLY B 243 -5.59 -28.34 44.49
N GLU B 244 -5.02 -29.54 44.30
CA GLU B 244 -3.78 -29.88 44.98
C GLU B 244 -2.64 -28.97 44.53
N ILE B 245 -2.57 -28.68 43.23
CA ILE B 245 -1.52 -27.81 42.71
C ILE B 245 -1.64 -26.42 43.33
N VAL B 246 -2.86 -25.89 43.38
CA VAL B 246 -3.07 -24.55 43.92
C VAL B 246 -2.72 -24.52 45.41
N ASP B 247 -3.14 -25.55 46.15
CA ASP B 247 -2.82 -25.59 47.58
C ASP B 247 -1.32 -25.67 47.81
N ARG B 248 -0.62 -26.51 47.04
CA ARG B 248 0.82 -26.63 47.19
C ARG B 248 1.52 -25.32 46.88
N LEU B 249 1.12 -24.65 45.79
CA LEU B 249 1.75 -23.39 45.43
C LEU B 249 1.47 -22.31 46.47
N LEU B 250 0.24 -22.25 46.99
CA LEU B 250 -0.07 -21.25 48.01
C LEU B 250 0.70 -21.50 49.30
N ASP B 251 0.83 -22.77 49.69
CA ASP B 251 1.49 -23.08 50.96
C ASP B 251 2.96 -22.64 50.96
N GLY B 252 3.66 -22.91 49.87
CA GLY B 252 5.08 -22.56 49.81
C GLY B 252 5.28 -21.06 49.78
N GLN B 253 6.35 -20.61 50.43
CA GLN B 253 6.73 -19.20 50.43
C GLN B 253 7.73 -18.86 49.34
N ASP B 254 8.22 -19.86 48.60
CA ASP B 254 9.19 -19.60 47.54
C ASP B 254 8.53 -18.82 46.42
N ALA B 255 9.22 -17.79 45.93
CA ALA B 255 8.64 -16.90 44.93
C ALA B 255 8.48 -17.61 43.59
N LEU B 256 7.37 -17.36 42.93
CA LEU B 256 7.12 -17.86 41.58
C LEU B 256 7.65 -16.85 40.57
N LEU B 257 7.34 -17.07 39.29
CA LEU B 257 7.74 -16.16 38.22
C LEU B 257 9.26 -15.99 38.19
N ASN B 258 9.95 -17.08 37.93
CA ASN B 258 11.40 -17.10 37.80
C ASN B 258 11.77 -17.23 36.34
N THR B 259 12.64 -16.35 35.86
CA THR B 259 13.05 -16.30 34.47
C THR B 259 14.54 -16.05 34.39
N PRO B 260 15.19 -16.43 33.29
CA PRO B 260 16.64 -16.17 33.16
C PRO B 260 17.01 -14.70 33.25
N GLU B 261 16.19 -13.79 32.69
CA GLU B 261 16.50 -12.37 32.79
C GLU B 261 16.38 -11.86 34.22
N GLY B 262 15.48 -12.44 35.01
CA GLY B 262 15.32 -11.98 36.38
C GLY B 262 16.56 -12.18 37.21
N ARG B 263 17.25 -13.31 37.03
CA ARG B 263 18.47 -13.56 37.80
C ARG B 263 19.58 -12.60 37.41
N VAL B 264 19.72 -12.31 36.11
CA VAL B 264 20.71 -11.33 35.67
C VAL B 264 20.40 -9.96 36.26
N PHE B 265 19.13 -9.57 36.25
CA PHE B 265 18.77 -8.27 36.81
C PHE B 265 19.02 -8.23 38.31
N GLU B 266 18.75 -9.33 39.02
CA GLU B 266 19.03 -9.36 40.45
C GLU B 266 20.53 -9.20 40.71
N SER B 267 21.36 -9.90 39.93
CA SER B 267 22.80 -9.77 40.12
C SER B 267 23.26 -8.35 39.82
N PHE B 268 22.69 -7.71 38.81
CA PHE B 268 23.04 -6.33 38.49
C PHE B 268 22.64 -5.38 39.61
N GLN B 269 21.38 -5.48 40.08
CA GLN B 269 20.90 -4.55 41.09
C GLN B 269 21.50 -4.80 42.46
N GLN B 270 22.03 -5.99 42.72
CA GLN B 270 22.74 -6.21 43.98
C GLN B 270 24.03 -5.42 44.02
N GLN B 271 24.80 -5.45 42.93
CA GLN B 271 26.03 -4.67 42.88
C GLN B 271 25.75 -3.18 42.74
N LEU B 272 24.60 -2.81 42.17
CA LEU B 272 24.24 -1.39 42.09
C LEU B 272 24.11 -0.77 43.48
N ARG B 273 23.83 -1.57 44.51
CA ARG B 273 23.55 -1.02 45.83
C ARG B 273 24.81 -0.65 46.61
N GLN B 274 25.99 -1.09 46.17
CA GLN B 274 27.24 -0.81 46.88
C GLN B 274 27.63 0.64 46.62
N SER B 275 27.11 1.53 47.47
CA SER B 275 27.30 2.96 47.29
C SER B 275 28.76 3.40 47.46
N ALA B 276 29.58 2.57 48.12
CA ALA B 276 30.97 2.94 48.34
C ALA B 276 31.72 3.18 47.03
N GLU B 277 31.23 2.59 45.94
CA GLU B 277 31.79 2.85 44.62
C GLU B 277 30.92 3.76 43.78
N LEU B 278 29.61 3.81 44.04
CA LEU B 278 28.75 4.74 43.34
C LEU B 278 29.13 6.19 43.63
N GLU B 279 29.49 6.48 44.88
CA GLU B 279 29.91 7.83 45.23
C GLU B 279 31.18 8.22 44.47
N VAL B 280 32.15 7.30 44.39
CA VAL B 280 33.38 7.57 43.67
C VAL B 280 33.09 7.79 42.19
N MET B 281 32.22 6.95 41.62
CA MET B 281 31.87 7.11 40.20
C MET B 281 31.22 8.45 39.94
N ARG B 282 30.30 8.87 40.81
CA ARG B 282 29.63 10.15 40.63
C ARG B 282 30.60 11.30 40.75
N GLU B 283 31.51 11.24 41.73
CA GLU B 283 32.50 12.31 41.87
C GLU B 283 33.42 12.38 40.67
N ARG B 284 33.84 11.23 40.15
CA ARG B 284 34.68 11.22 38.96
C ARG B 284 33.95 11.78 37.75
N LEU B 285 32.67 11.46 37.61
CA LEU B 285 31.88 12.03 36.51
C LEU B 285 31.79 13.54 36.64
N ARG B 286 31.55 14.04 37.86
CA ARG B 286 31.49 15.49 38.07
C ARG B 286 32.82 16.14 37.72
N THR B 287 33.93 15.51 38.11
CA THR B 287 35.25 16.04 37.76
C THR B 287 35.45 16.06 36.25
N ILE B 288 35.03 14.99 35.56
CA ILE B 288 35.23 14.90 34.12
C ILE B 288 34.43 15.97 33.39
N LEU B 289 33.18 16.19 33.81
CA LEU B 289 32.32 17.12 33.09
C LEU B 289 32.80 18.57 33.17
N ARG B 290 33.74 18.88 34.07
CA ARG B 290 34.31 20.23 34.15
C ARG B 290 35.64 20.28 33.41
N HIS B 291 35.56 20.16 32.09
CA HIS B 291 36.75 20.20 31.23
C HIS B 291 36.48 21.07 30.02
N PRO B 292 37.49 21.78 29.53
CA PRO B 292 37.27 22.64 28.36
C PRO B 292 36.81 21.92 27.11
N ALA B 293 37.18 20.65 26.94
CA ALA B 293 36.85 19.93 25.72
C ALA B 293 35.44 19.37 25.71
N VAL B 294 34.70 19.49 26.82
CA VAL B 294 33.34 18.92 26.88
C VAL B 294 32.41 19.52 25.83
N PRO B 295 32.35 20.85 25.63
CA PRO B 295 31.41 21.37 24.63
C PRO B 295 31.62 20.83 23.23
N LYS B 296 32.84 20.47 22.87
CA LYS B 296 33.11 19.95 21.53
C LYS B 296 32.85 18.46 21.40
N ALA B 297 32.64 17.75 22.51
CA ALA B 297 32.39 16.32 22.49
C ALA B 297 30.92 15.96 22.64
N LEU B 298 30.23 16.60 23.58
CA LEU B 298 28.83 16.30 23.86
C LEU B 298 28.02 17.58 23.87
N ASN B 299 26.77 17.49 23.45
CA ASN B 299 25.86 18.63 23.50
C ASN B 299 25.17 18.66 24.87
N ARG B 300 24.17 19.53 25.02
CA ARG B 300 23.53 19.70 26.32
C ARG B 300 22.79 18.45 26.80
N PRO B 301 21.94 17.80 26.01
CA PRO B 301 21.23 16.62 26.54
C PRO B 301 22.17 15.50 26.99
N GLN B 302 23.26 15.29 26.25
CA GLN B 302 24.21 14.25 26.62
C GLN B 302 24.92 14.59 27.93
N GLN B 303 25.27 15.87 28.11
CA GLN B 303 25.87 16.28 29.37
C GLN B 303 24.90 16.09 30.53
N ARG B 304 23.61 16.40 30.32
CA ARG B 304 22.62 16.16 31.36
C ARG B 304 22.52 14.68 31.69
N GLU B 305 22.50 13.83 30.66
CA GLU B 305 22.37 12.39 30.89
C GLU B 305 23.57 11.86 31.67
N LEU B 306 24.78 12.31 31.34
CA LEU B 306 25.95 11.89 32.10
C LEU B 306 26.00 12.52 33.49
N ARG B 307 25.29 13.64 33.69
CA ARG B 307 25.37 14.33 34.97
C ARG B 307 24.60 13.58 36.06
N TRP B 308 23.42 13.07 35.74
CA TRP B 308 22.53 12.43 36.69
C TRP B 308 22.44 10.92 36.47
N LEU B 309 23.57 10.28 36.13
CA LEU B 309 23.54 8.88 35.75
C LEU B 309 23.20 7.98 36.95
N ALA B 310 23.91 8.15 38.07
CA ALA B 310 23.74 7.22 39.18
C ALA B 310 22.36 7.35 39.81
N LEU B 311 21.88 8.57 40.01
CA LEU B 311 20.57 8.77 40.60
C LEU B 311 19.48 8.15 39.75
N ARG B 312 19.53 8.39 38.44
CA ARG B 312 18.52 7.82 37.55
C ARG B 312 18.61 6.30 37.49
N LEU B 313 19.83 5.74 37.50
CA LEU B 313 19.97 4.29 37.49
C LEU B 313 19.33 3.68 38.73
N VAL B 314 19.65 4.22 39.92
CA VAL B 314 19.06 3.68 41.14
C VAL B 314 17.55 3.84 41.15
N ARG B 315 17.07 5.00 40.72
CA ARG B 315 15.63 5.26 40.73
C ARG B 315 14.89 4.30 39.80
N GLU B 316 15.44 4.06 38.61
CA GLU B 316 14.77 3.16 37.67
C GLU B 316 14.92 1.69 38.06
N SER B 317 16.01 1.33 38.74
CA SER B 317 16.13 -0.05 39.21
C SER B 317 15.14 -0.33 40.34
N GLN B 318 14.90 0.67 41.20
CA GLN B 318 13.94 0.48 42.27
C GLN B 318 12.51 0.38 41.78
N ALA B 319 12.24 0.72 40.52
CA ALA B 319 10.88 0.69 39.98
C ALA B 319 10.55 -0.62 39.29
N VAL B 320 11.46 -1.59 39.29
CA VAL B 320 11.20 -2.89 38.68
C VAL B 320 10.87 -3.95 39.73
N LEU B 321 11.52 -3.87 40.90
CA LEU B 321 11.20 -4.78 41.99
C LEU B 321 9.76 -4.60 42.43
N GLN B 322 9.27 -3.37 42.45
CA GLN B 322 7.87 -3.12 42.78
C GLN B 322 6.93 -3.77 41.77
N ALA B 323 7.27 -3.70 40.49
CA ALA B 323 6.45 -4.37 39.47
C ALA B 323 6.44 -5.87 39.69
N ARG B 324 7.60 -6.46 40.00
CA ARG B 324 7.63 -7.89 40.27
C ARG B 324 6.77 -8.25 41.48
N ALA B 325 6.87 -7.45 42.54
CA ALA B 325 6.06 -7.72 43.74
C ALA B 325 4.58 -7.62 43.43
N ARG B 326 4.18 -6.62 42.64
CA ARG B 326 2.77 -6.49 42.27
C ARG B 326 2.31 -7.68 41.45
N SER B 327 3.14 -8.15 40.51
CA SER B 327 2.76 -9.31 39.71
C SER B 327 2.57 -10.54 40.59
N GLU B 328 3.49 -10.78 41.52
CA GLU B 328 3.36 -11.94 42.39
C GLU B 328 2.13 -11.83 43.28
N ARG B 329 1.85 -10.63 43.81
CA ARG B 329 0.68 -10.43 44.63
C ARG B 329 -0.60 -10.70 43.85
N ASP B 330 -0.67 -10.23 42.60
CA ASP B 330 -1.84 -10.47 41.78
C ASP B 330 -2.02 -11.96 41.48
N VAL B 331 -0.92 -12.65 41.20
CA VAL B 331 -1.02 -14.09 40.93
C VAL B 331 -1.52 -14.83 42.16
N ARG B 332 -1.00 -14.49 43.34
CA ARG B 332 -1.45 -15.15 44.56
C ARG B 332 -2.92 -14.85 44.83
N GLY B 333 -3.36 -13.61 44.58
CA GLY B 333 -4.77 -13.30 44.74
C GLY B 333 -5.66 -14.09 43.80
N PHE B 334 -5.26 -14.19 42.54
CA PHE B 334 -6.03 -14.99 41.58
C PHE B 334 -6.12 -16.44 42.02
N MET B 335 -5.01 -17.00 42.52
CA MET B 335 -5.03 -18.37 43.00
C MET B 335 -5.93 -18.52 44.22
N LYS B 336 -5.94 -17.52 45.12
CA LYS B 336 -6.76 -17.61 46.31
C LYS B 336 -8.25 -17.44 46.02
N THR B 337 -8.60 -16.75 44.92
CA THR B 337 -10.01 -16.59 44.60
C THR B 337 -10.69 -17.94 44.34
N GLY B 338 -10.05 -18.81 43.57
CA GLY B 338 -10.56 -20.15 43.37
C GLY B 338 -11.74 -20.28 42.44
N LEU B 339 -11.65 -19.68 41.26
CA LEU B 339 -12.70 -19.78 40.24
C LEU B 339 -12.18 -20.35 38.93
N ALA B 340 -11.11 -21.14 38.97
CA ALA B 340 -10.51 -21.65 37.74
C ALA B 340 -11.36 -22.74 37.11
N ALA B 341 -11.88 -23.66 37.93
CA ALA B 341 -12.69 -24.75 37.39
C ALA B 341 -13.95 -24.21 36.71
N GLU B 342 -14.56 -23.19 37.32
CA GLU B 342 -15.72 -22.56 36.70
C GLU B 342 -15.36 -21.96 35.36
N HIS B 343 -14.21 -21.28 35.27
CA HIS B 343 -13.77 -20.75 33.99
C HIS B 343 -13.61 -21.85 32.96
N HIS B 344 -13.01 -22.97 33.36
CA HIS B 344 -12.77 -24.07 32.42
C HIS B 344 -14.09 -24.63 31.89
N ARG B 345 -15.03 -24.93 32.78
CA ARG B 345 -16.26 -25.57 32.32
C ARG B 345 -17.16 -24.60 31.57
N VAL B 346 -17.17 -23.32 31.96
CA VAL B 346 -17.94 -22.35 31.20
C VAL B 346 -17.33 -22.15 29.81
N GLY B 347 -16.01 -22.17 29.71
CA GLY B 347 -15.39 -22.13 28.40
C GLY B 347 -15.77 -23.32 27.54
N GLN B 348 -15.78 -24.52 28.12
CA GLN B 348 -16.20 -25.69 27.37
C GLN B 348 -17.64 -25.56 26.88
N LEU B 349 -18.54 -25.11 27.76
CA LEU B 349 -19.94 -24.97 27.37
C LEU B 349 -20.12 -23.90 26.30
N LEU B 350 -19.38 -22.79 26.40
CA LEU B 350 -19.45 -21.76 25.37
C LEU B 350 -18.94 -22.29 24.03
N ASN B 351 -17.89 -23.10 24.05
CA ASN B 351 -17.40 -23.69 22.82
C ASN B 351 -18.45 -24.60 22.20
N ASP B 352 -19.12 -25.41 23.02
CA ASP B 352 -20.19 -26.27 22.51
C ASP B 352 -21.32 -25.45 21.91
N PHE B 353 -21.74 -24.38 22.59
CA PHE B 353 -22.82 -23.54 22.08
C PHE B 353 -22.42 -22.88 20.76
N PHE B 354 -21.19 -22.38 20.67
CA PHE B 354 -20.74 -21.73 19.45
C PHE B 354 -20.63 -22.73 18.29
N ASN B 355 -20.22 -23.97 18.58
CA ASN B 355 -20.22 -24.98 17.54
C ASN B 355 -21.64 -25.28 17.07
N LEU B 356 -22.58 -25.37 18.01
CA LEU B 356 -23.96 -25.66 17.62
C LEU B 356 -24.58 -24.50 16.83
N ALA B 357 -24.21 -23.27 17.14
CA ALA B 357 -24.85 -22.11 16.53
C ALA B 357 -24.61 -21.98 15.03
N LEU B 358 -23.65 -22.73 14.48
CA LEU B 358 -23.37 -22.66 13.05
C LEU B 358 -24.37 -23.45 12.21
N SER B 359 -25.25 -24.22 12.83
CA SER B 359 -26.16 -25.11 12.10
C SER B 359 -27.59 -24.60 12.04
N VAL B 360 -27.83 -23.36 12.45
CA VAL B 360 -29.17 -22.77 12.38
C VAL B 360 -29.18 -21.70 11.29
N ASP B 361 -30.39 -21.32 10.88
CA ASP B 361 -30.57 -20.36 9.80
C ASP B 361 -30.80 -18.98 10.42
N TRP B 362 -29.79 -18.13 10.35
CA TRP B 362 -29.86 -16.78 10.88
C TRP B 362 -30.46 -15.78 9.90
N GLN B 363 -30.78 -16.20 8.68
CA GLN B 363 -31.31 -15.30 7.68
C GLN B 363 -32.82 -15.12 7.78
N ARG B 364 -33.48 -15.88 8.63
CA ARG B 364 -34.93 -15.80 8.80
C ARG B 364 -35.25 -15.05 10.09
N GLN B 365 -36.09 -14.02 9.98
CA GLN B 365 -36.48 -13.26 11.15
C GLN B 365 -37.29 -14.12 12.13
N SER B 366 -37.96 -15.15 11.62
CA SER B 366 -38.75 -16.02 12.50
C SER B 366 -37.87 -16.73 13.52
N GLU B 367 -36.71 -17.22 13.08
CA GLU B 367 -35.83 -17.94 14.00
C GLU B 367 -35.01 -17.00 14.87
N ARG B 368 -34.66 -15.82 14.38
CA ARG B 368 -33.91 -14.86 15.19
C ARG B 368 -34.70 -14.36 16.39
N ARG B 369 -36.04 -14.42 16.33
CA ARG B 369 -36.89 -13.94 17.40
C ARG B 369 -37.60 -15.07 18.14
N LYS B 370 -37.21 -16.31 17.91
CA LYS B 370 -37.79 -17.43 18.65
C LYS B 370 -37.31 -17.39 20.10
N PRO B 371 -38.20 -17.49 21.08
CA PRO B 371 -37.76 -17.42 22.48
C PRO B 371 -36.79 -18.54 22.83
N ALA B 372 -35.82 -18.19 23.67
CA ALA B 372 -34.78 -19.11 24.10
C ALA B 372 -35.10 -19.62 25.51
N CYS B 373 -34.16 -20.35 26.10
CA CYS B 373 -34.32 -20.97 27.41
C CYS B 373 -33.27 -20.41 28.36
N LEU B 374 -33.62 -19.32 29.05
CA LEU B 374 -32.75 -18.70 30.04
C LEU B 374 -33.62 -18.11 31.14
N PRO B 375 -33.31 -18.37 32.40
CA PRO B 375 -34.19 -17.96 33.50
C PRO B 375 -34.07 -16.46 33.76
N PRO B 376 -35.02 -15.87 34.48
CA PRO B 376 -34.90 -14.47 34.89
C PRO B 376 -33.99 -14.35 36.11
N VAL B 377 -32.99 -13.49 36.01
CA VAL B 377 -32.04 -13.23 37.08
C VAL B 377 -32.00 -11.74 37.35
N GLY B 378 -31.91 -11.36 38.61
CA GLY B 378 -31.96 -9.95 38.97
C GLY B 378 -33.31 -9.32 38.69
N VAL B 379 -34.40 -9.99 39.05
CA VAL B 379 -35.73 -9.50 38.76
C VAL B 379 -35.97 -8.17 39.45
N ALA B 380 -36.36 -7.16 38.68
CA ALA B 380 -36.73 -5.86 39.21
C ALA B 380 -38.25 -5.81 39.33
N ILE B 381 -38.73 -5.61 40.56
CA ILE B 381 -40.16 -5.66 40.81
C ILE B 381 -40.86 -4.51 40.10
N THR B 382 -42.09 -4.76 39.66
CA THR B 382 -42.88 -3.72 39.02
C THR B 382 -43.24 -2.64 40.03
N GLY B 383 -43.19 -1.38 39.59
CA GLY B 383 -43.64 -0.28 40.42
C GLY B 383 -45.12 -0.43 40.75
N VAL B 384 -45.47 -0.31 42.03
CA VAL B 384 -46.87 -0.46 42.40
C VAL B 384 -47.69 0.66 41.76
N PRO B 385 -48.85 0.37 41.17
CA PRO B 385 -49.58 1.39 40.43
C PRO B 385 -50.41 2.30 41.33
N ALA B 386 -50.13 2.30 42.64
CA ALA B 386 -50.80 3.24 43.53
C ALA B 386 -50.50 4.68 43.13
N ILE B 387 -49.24 4.95 42.78
CA ILE B 387 -48.82 6.22 42.18
C ILE B 387 -49.07 7.39 43.14
N GLU B 388 -50.35 7.69 43.36
CA GLU B 388 -50.73 8.87 44.13
C GLU B 388 -51.46 8.53 45.42
N ARG B 389 -51.76 7.26 45.68
CA ARG B 389 -52.49 6.87 46.88
C ARG B 389 -51.66 7.12 48.14
N SER C 28 -6.30 -0.65 -44.09
CA SER C 28 -6.28 0.58 -43.31
C SER C 28 -5.07 0.63 -42.39
N GLU C 29 -5.22 0.08 -41.19
CA GLU C 29 -4.15 0.02 -40.21
C GLU C 29 -4.12 -1.35 -39.55
N THR C 30 -4.27 -2.40 -40.36
CA THR C 30 -4.33 -3.77 -39.88
C THR C 30 -3.42 -4.65 -40.72
N PHE C 31 -2.48 -5.34 -40.07
CA PHE C 31 -1.63 -6.28 -40.76
C PHE C 31 -2.41 -7.53 -41.14
N ILE C 32 -2.18 -8.03 -42.35
CA ILE C 32 -2.79 -9.27 -42.80
C ILE C 32 -1.69 -10.17 -43.37
N LEU C 33 -1.90 -11.48 -43.23
CA LEU C 33 -0.93 -12.44 -43.72
C LEU C 33 -0.88 -12.41 -45.24
N THR C 34 0.31 -12.63 -45.80
CA THR C 34 0.47 -12.60 -47.25
C THR C 34 1.06 -13.89 -47.81
N SER C 35 2.06 -14.48 -47.16
CA SER C 35 2.68 -15.68 -47.69
C SER C 35 3.30 -16.48 -46.55
N ILE C 36 3.51 -17.77 -46.83
CA ILE C 36 4.22 -18.67 -45.93
C ILE C 36 5.29 -19.40 -46.73
N GLU C 37 6.51 -19.39 -46.24
CA GLU C 37 7.65 -20.00 -46.92
C GLU C 37 8.27 -21.08 -46.05
N LEU C 38 8.61 -22.20 -46.67
CA LEU C 38 9.15 -23.36 -45.96
C LEU C 38 10.43 -23.82 -46.65
N TYR C 39 11.32 -24.42 -45.86
CA TYR C 39 12.56 -24.99 -46.38
C TYR C 39 12.93 -26.18 -45.52
N ASN C 40 12.77 -27.38 -46.07
CA ASN C 40 13.08 -28.63 -45.36
C ASN C 40 12.35 -28.72 -44.02
N TRP C 41 11.06 -28.45 -44.05
CA TRP C 41 10.21 -28.51 -42.87
C TRP C 41 9.25 -29.67 -43.02
N GLY C 42 9.34 -30.64 -42.11
CA GLY C 42 8.47 -31.81 -42.19
C GLY C 42 8.68 -32.57 -43.48
N GLY C 43 7.58 -32.89 -44.16
CA GLY C 43 7.64 -33.65 -45.40
C GLY C 43 7.95 -32.86 -46.64
N PHE C 44 8.18 -31.55 -46.52
CA PHE C 44 8.52 -30.72 -47.67
C PHE C 44 10.03 -30.67 -47.84
N GLN C 45 10.49 -30.98 -49.04
CA GLN C 45 11.91 -31.02 -49.35
C GLN C 45 12.29 -29.78 -50.16
N GLY C 46 13.29 -29.05 -49.68
CA GLY C 46 13.72 -27.85 -50.36
C GLY C 46 12.80 -26.67 -50.11
N TYR C 47 12.86 -25.72 -51.04
CA TYR C 47 12.11 -24.48 -50.90
C TYR C 47 10.67 -24.65 -51.35
N HIS C 48 9.75 -24.05 -50.60
CA HIS C 48 8.33 -24.06 -50.95
C HIS C 48 7.71 -22.75 -50.52
N ARG C 49 6.73 -22.29 -51.28
CA ARG C 49 6.08 -21.01 -51.03
C ARG C 49 4.58 -21.15 -51.24
N ALA C 50 3.80 -20.47 -50.39
CA ALA C 50 2.35 -20.45 -50.51
C ALA C 50 1.87 -19.01 -50.33
N GLU C 51 0.95 -18.60 -51.19
CA GLU C 51 0.40 -17.26 -51.19
C GLU C 51 -0.93 -17.22 -50.44
N ILE C 52 -1.31 -16.02 -50.02
CA ILE C 52 -2.56 -15.79 -49.30
C ILE C 52 -3.27 -14.61 -49.95
N ASP C 53 -4.55 -14.76 -50.19
CA ASP C 53 -5.38 -13.70 -50.78
C ASP C 53 -5.88 -12.73 -49.71
N PRO C 54 -5.99 -11.45 -50.04
CA PRO C 54 -6.51 -10.48 -49.05
C PRO C 54 -7.95 -10.74 -48.65
N SER C 55 -8.73 -11.49 -49.43
CA SER C 55 -10.12 -11.74 -49.10
C SER C 55 -10.30 -13.07 -48.36
N GLY C 56 -9.83 -14.16 -48.96
CA GLY C 56 -9.93 -15.46 -48.33
C GLY C 56 -9.14 -16.49 -49.10
N THR C 57 -8.81 -17.57 -48.40
CA THR C 57 -8.03 -18.65 -48.98
C THR C 57 -8.39 -19.95 -48.29
N ALA C 58 -8.43 -21.04 -49.05
CA ALA C 58 -8.75 -22.37 -48.53
C ALA C 58 -7.57 -23.29 -48.79
N VAL C 59 -7.15 -24.02 -47.76
CA VAL C 59 -6.05 -24.98 -47.88
C VAL C 59 -6.70 -26.34 -48.13
N ILE C 60 -6.87 -26.67 -49.40
CA ILE C 60 -7.55 -27.89 -49.82
C ILE C 60 -6.52 -28.93 -50.22
N GLY C 61 -6.81 -30.19 -49.90
CA GLY C 61 -5.95 -31.29 -50.23
C GLY C 61 -6.37 -32.58 -49.56
N PRO C 62 -5.86 -33.71 -50.06
CA PRO C 62 -6.18 -34.99 -49.42
C PRO C 62 -5.69 -35.04 -47.98
N THR C 63 -6.42 -35.78 -47.16
CA THR C 63 -6.10 -35.87 -45.74
C THR C 63 -4.74 -36.52 -45.53
N GLY C 64 -3.94 -35.94 -44.62
CA GLY C 64 -2.63 -36.45 -44.31
C GLY C 64 -1.54 -36.06 -45.28
N SER C 65 -1.84 -35.24 -46.28
CA SER C 65 -0.86 -34.84 -47.27
C SER C 65 0.01 -33.68 -46.82
N GLY C 66 -0.28 -33.08 -45.67
CA GLY C 66 0.55 -31.99 -45.18
C GLY C 66 -0.21 -30.71 -44.87
N LYS C 67 -1.54 -30.79 -44.89
CA LYS C 67 -2.34 -29.61 -44.56
C LYS C 67 -2.09 -29.15 -43.13
N THR C 68 -1.98 -30.09 -42.20
CA THR C 68 -1.71 -29.73 -40.81
C THR C 68 -0.29 -29.23 -40.63
N THR C 69 0.64 -29.69 -41.47
CA THR C 69 2.04 -29.28 -41.33
C THR C 69 2.21 -27.79 -41.55
N LEU C 70 1.52 -27.24 -42.55
CA LEU C 70 1.62 -25.81 -42.84
C LEU C 70 1.17 -24.98 -41.65
N VAL C 71 0.02 -25.35 -41.07
CA VAL C 71 -0.51 -24.58 -39.94
C VAL C 71 0.35 -24.80 -38.69
N ASP C 72 0.92 -25.98 -38.53
CA ASP C 72 1.86 -26.18 -37.43
C ASP C 72 3.08 -25.29 -37.58
N ALA C 73 3.59 -25.15 -38.81
CA ALA C 73 4.69 -24.23 -39.05
C ALA C 73 4.30 -22.80 -38.72
N LEU C 74 3.08 -22.40 -39.10
CA LEU C 74 2.62 -21.05 -38.78
C LEU C 74 2.51 -20.84 -37.26
N MET C 75 1.96 -21.83 -36.55
CA MET C 75 1.72 -21.68 -35.12
C MET C 75 2.96 -21.87 -34.29
N THR C 76 4.03 -22.43 -34.86
CA THR C 76 5.29 -22.52 -34.12
C THR C 76 5.84 -21.14 -33.76
N LEU C 77 5.53 -20.13 -34.58
CA LEU C 77 6.07 -18.79 -34.42
C LEU C 77 5.23 -17.90 -33.53
N LEU C 78 4.08 -18.36 -33.03
CA LEU C 78 3.17 -17.49 -32.31
C LEU C 78 2.91 -17.89 -30.87
N CYS C 79 3.16 -19.13 -30.48
CA CYS C 79 2.90 -19.58 -29.12
C CYS C 79 4.09 -20.37 -28.59
N ALA C 80 4.27 -20.33 -27.26
CA ALA C 80 5.39 -21.01 -26.64
C ALA C 80 5.27 -22.53 -26.72
N ASN C 81 4.08 -23.05 -26.45
CA ASN C 81 3.84 -24.50 -26.44
C ASN C 81 2.67 -24.80 -27.38
N PRO C 82 2.95 -25.01 -28.66
CA PRO C 82 1.88 -25.33 -29.60
C PRO C 82 1.28 -26.70 -29.33
N ARG C 83 0.02 -26.86 -29.72
CA ARG C 83 -0.67 -28.15 -29.66
C ARG C 83 -0.61 -28.77 -31.05
N TYR C 84 0.42 -29.59 -31.28
CA TYR C 84 0.60 -30.23 -32.57
C TYR C 84 -0.37 -31.39 -32.75
N ARG C 96 5.20 -34.39 -33.22
CA ARG C 96 4.67 -33.80 -32.00
C ARG C 96 5.67 -32.84 -31.36
N ASP C 97 6.82 -32.67 -32.01
CA ASP C 97 7.85 -31.78 -31.50
C ASP C 97 8.70 -31.30 -32.66
N LEU C 98 9.55 -30.31 -32.38
CA LEU C 98 10.35 -29.68 -33.43
C LEU C 98 11.29 -30.67 -34.09
N VAL C 99 11.82 -31.63 -33.32
CA VAL C 99 12.79 -32.58 -33.88
C VAL C 99 12.16 -33.40 -34.98
N SER C 100 10.92 -33.84 -34.78
CA SER C 100 10.23 -34.64 -35.78
C SER C 100 10.08 -33.88 -37.09
N TYR C 101 9.70 -32.59 -37.02
CA TYR C 101 9.55 -31.79 -38.22
C TYR C 101 10.90 -31.51 -38.88
N VAL C 102 11.95 -31.29 -38.07
CA VAL C 102 13.26 -31.01 -38.63
C VAL C 102 13.79 -32.22 -39.39
N ARG C 103 13.66 -33.41 -38.80
CA ARG C 103 14.20 -34.61 -39.41
C ARG C 103 13.21 -35.33 -40.32
N GLY C 104 12.01 -34.78 -40.49
CA GLY C 104 11.04 -35.35 -41.42
C GLY C 104 10.59 -36.75 -41.09
N VAL C 105 10.26 -36.99 -39.83
CA VAL C 105 9.79 -38.30 -39.40
C VAL C 105 8.45 -38.64 -40.04
N ILE C 118 12.80 -41.77 -41.23
CA ILE C 118 13.51 -40.50 -41.23
C ILE C 118 14.02 -40.19 -42.62
N ALA C 119 13.80 -38.96 -43.07
CA ALA C 119 14.22 -38.53 -44.40
C ALA C 119 15.54 -37.78 -44.42
N ARG C 120 15.93 -37.16 -43.31
CA ARG C 120 17.17 -36.38 -43.23
C ARG C 120 17.89 -36.75 -41.95
N GLN C 121 19.11 -37.27 -42.08
CA GLN C 121 19.91 -37.68 -40.94
C GLN C 121 21.27 -36.99 -40.99
N GLY C 122 21.77 -36.61 -39.82
CA GLY C 122 23.06 -35.95 -39.73
C GLY C 122 22.95 -34.44 -39.74
N LYS C 123 23.92 -33.78 -40.36
CA LYS C 123 23.93 -32.33 -40.44
C LYS C 123 22.80 -31.85 -41.33
N THR C 124 22.00 -30.92 -40.83
CA THR C 124 20.85 -30.45 -41.59
C THR C 124 20.43 -29.07 -41.11
N VAL C 125 19.66 -28.38 -41.95
CA VAL C 125 19.21 -27.03 -41.69
C VAL C 125 17.75 -26.91 -42.12
N THR C 126 16.96 -26.16 -41.35
CA THR C 126 15.54 -25.94 -41.64
C THR C 126 15.21 -24.51 -41.30
N ALA C 127 14.38 -23.89 -42.13
CA ALA C 127 13.97 -22.50 -41.91
C ALA C 127 12.52 -22.31 -42.30
N ILE C 128 11.85 -21.41 -41.60
CA ILE C 128 10.46 -21.08 -41.86
C ILE C 128 10.29 -19.57 -41.74
N ALA C 129 9.27 -19.04 -42.43
CA ALA C 129 9.04 -17.61 -42.43
C ALA C 129 7.58 -17.32 -42.70
N ALA C 130 7.14 -16.12 -42.32
CA ALA C 130 5.78 -15.68 -42.51
C ALA C 130 5.77 -14.15 -42.61
N THR C 131 4.96 -13.63 -43.52
CA THR C 131 4.97 -12.21 -43.85
C THR C 131 3.60 -11.60 -43.61
N LEU C 132 3.56 -10.45 -42.96
CA LEU C 132 2.34 -9.67 -42.76
C LEU C 132 2.54 -8.29 -43.38
N GLU C 133 1.50 -7.80 -44.03
CA GLU C 133 1.59 -6.53 -44.75
C GLU C 133 0.39 -5.66 -44.41
N ARG C 134 0.57 -4.35 -44.63
CA ARG C 134 -0.52 -3.39 -44.53
C ARG C 134 -0.24 -2.27 -45.52
N ASP C 135 -0.97 -1.17 -45.38
CA ASP C 135 -0.84 -0.04 -46.30
C ASP C 135 0.45 0.70 -45.98
N GLY C 136 1.52 0.30 -46.68
CA GLY C 136 2.80 0.97 -46.54
C GLY C 136 3.73 0.41 -45.50
N ALA C 137 3.50 -0.81 -45.01
CA ALA C 137 4.37 -1.41 -44.02
C ALA C 137 4.35 -2.92 -44.19
N GLN C 138 5.45 -3.54 -43.74
CA GLN C 138 5.63 -4.99 -43.88
C GLN C 138 6.46 -5.48 -42.71
N VAL C 139 6.07 -6.64 -42.18
CA VAL C 139 6.79 -7.28 -41.08
C VAL C 139 6.95 -8.75 -41.40
N ARG C 140 8.06 -9.34 -40.92
CA ARG C 140 8.38 -10.71 -41.24
C ARG C 140 8.86 -11.43 -39.98
N LEU C 141 8.29 -12.60 -39.73
CA LEU C 141 8.67 -13.44 -38.60
C LEU C 141 9.26 -14.74 -39.15
N GLY C 142 10.45 -15.10 -38.67
CA GLY C 142 11.14 -16.25 -39.20
C GLY C 142 11.86 -17.04 -38.11
N ALA C 143 12.26 -18.25 -38.48
CA ALA C 143 13.00 -19.12 -37.57
C ALA C 143 13.95 -19.99 -38.37
N VAL C 144 15.15 -20.20 -37.82
CA VAL C 144 16.17 -21.05 -38.43
C VAL C 144 16.68 -22.01 -37.37
N LEU C 145 16.55 -23.31 -37.63
CA LEU C 145 16.97 -24.35 -36.69
C LEU C 145 17.81 -25.38 -37.43
N TRP C 146 18.92 -25.79 -36.82
CA TRP C 146 19.83 -26.70 -37.49
C TRP C 146 20.35 -27.76 -36.52
N PHE C 147 20.80 -28.86 -37.11
CA PHE C 147 21.42 -29.98 -36.42
C PHE C 147 22.84 -30.15 -36.95
N GLU C 148 23.81 -30.20 -36.04
CA GLU C 148 25.20 -30.27 -36.45
C GLU C 148 25.57 -31.65 -37.00
N GLY C 149 25.08 -32.70 -36.37
CA GLY C 149 25.43 -34.06 -36.76
C GLY C 149 24.28 -35.02 -36.53
N THR C 150 24.63 -36.27 -36.28
CA THR C 150 23.65 -37.34 -36.11
C THR C 150 23.09 -37.43 -34.69
N SER C 151 23.55 -36.57 -33.78
CA SER C 151 23.09 -36.61 -32.40
C SER C 151 21.68 -36.04 -32.29
N SER C 152 20.68 -36.81 -32.74
CA SER C 152 19.30 -36.36 -32.72
C SER C 152 18.81 -36.33 -31.28
N SER C 153 18.79 -35.14 -30.68
CA SER C 153 18.35 -34.98 -29.31
C SER C 153 17.74 -33.60 -29.14
N ALA C 154 16.97 -33.44 -28.06
CA ALA C 154 16.32 -32.16 -27.79
C ALA C 154 17.34 -31.06 -27.50
N SER C 155 18.43 -31.37 -26.82
CA SER C 155 19.42 -30.38 -26.43
C SER C 155 20.49 -30.14 -27.49
N ASP C 156 20.43 -30.84 -28.62
CA ASP C 156 21.41 -30.69 -29.68
C ASP C 156 20.89 -29.91 -30.88
N LEU C 157 19.65 -29.42 -30.81
CA LEU C 157 19.07 -28.62 -31.88
C LEU C 157 19.31 -27.14 -31.60
N LYS C 158 19.86 -26.42 -32.57
CA LYS C 158 20.20 -25.03 -32.38
C LYS C 158 19.23 -24.15 -33.14
N LYS C 159 18.61 -23.20 -32.44
CA LYS C 159 17.51 -22.42 -33.00
C LYS C 159 17.80 -20.93 -32.86
N LEU C 160 17.22 -20.16 -33.79
CA LEU C 160 17.28 -18.71 -33.75
C LEU C 160 15.99 -18.16 -34.33
N TRP C 161 15.45 -17.10 -33.72
CA TRP C 161 14.22 -16.48 -34.16
C TRP C 161 14.52 -15.07 -34.67
N LEU C 162 13.78 -14.66 -35.70
CA LEU C 162 14.08 -13.41 -36.38
C LEU C 162 12.83 -12.59 -36.59
N LEU C 163 12.93 -11.28 -36.32
CA LEU C 163 11.85 -10.34 -36.55
C LEU C 163 12.40 -9.18 -37.39
N SER C 164 11.83 -8.97 -38.57
CA SER C 164 12.43 -8.01 -39.50
C SER C 164 11.35 -7.14 -40.13
N GLU C 165 11.79 -5.96 -40.60
CA GLU C 165 10.93 -5.02 -41.29
C GLU C 165 11.53 -4.59 -42.63
N SER C 166 12.86 -4.59 -42.70
CA SER C 166 13.52 -4.16 -43.92
C SER C 166 13.26 -5.16 -45.05
N PRO C 167 13.13 -4.68 -46.30
CA PRO C 167 12.82 -5.57 -47.41
C PRO C 167 13.99 -6.42 -47.88
N GLU C 168 15.19 -6.22 -47.35
CA GLU C 168 16.36 -6.99 -47.75
C GLU C 168 16.48 -8.31 -47.01
N GLN C 169 15.71 -8.52 -45.95
CA GLN C 169 15.80 -9.74 -45.16
C GLN C 169 14.84 -10.77 -45.74
N THR C 170 15.39 -11.81 -46.36
CA THR C 170 14.61 -12.89 -46.95
C THR C 170 15.08 -14.22 -46.36
N LEU C 171 14.35 -15.28 -46.70
CA LEU C 171 14.73 -16.62 -46.25
C LEU C 171 16.07 -17.04 -46.83
N GLU C 172 16.29 -16.78 -48.12
CA GLU C 172 17.52 -17.18 -48.76
C GLU C 172 18.72 -16.43 -48.20
N HIS C 173 18.53 -15.16 -47.84
CA HIS C 173 19.62 -14.42 -47.20
C HIS C 173 20.02 -15.05 -45.87
N TRP C 174 19.03 -15.43 -45.06
CA TRP C 174 19.32 -16.10 -43.80
C TRP C 174 20.03 -17.41 -44.03
N LEU C 175 19.57 -18.19 -45.01
CA LEU C 175 20.21 -19.47 -45.30
C LEU C 175 21.64 -19.28 -45.77
N SER C 176 21.89 -18.27 -46.61
CA SER C 176 23.24 -18.01 -47.07
C SER C 176 24.15 -17.60 -45.92
N GLN C 177 23.66 -16.75 -45.02
CA GLN C 177 24.46 -16.35 -43.87
C GLN C 177 24.78 -17.54 -42.98
N HIS C 178 23.80 -18.41 -42.75
CA HIS C 178 24.05 -19.62 -41.96
C HIS C 178 25.07 -20.52 -42.65
N HIS C 179 24.93 -20.70 -43.96
CA HIS C 179 25.85 -21.55 -44.72
C HIS C 179 27.26 -20.99 -44.74
N ALA C 180 27.42 -19.67 -44.64
CA ALA C 180 28.73 -19.05 -44.68
C ALA C 180 29.38 -18.88 -43.31
N GLY C 181 28.61 -18.74 -42.24
CA GLY C 181 29.21 -18.49 -40.94
C GLY C 181 28.57 -19.20 -39.76
N GLY C 182 27.56 -20.01 -40.01
CA GLY C 182 26.90 -20.73 -38.94
C GLY C 182 26.05 -19.85 -38.04
N MET C 183 26.48 -19.65 -36.80
CA MET C 183 25.73 -18.84 -35.85
C MET C 183 26.24 -17.41 -35.78
N ARG C 184 27.55 -17.20 -35.85
CA ARG C 184 28.09 -15.86 -35.74
C ARG C 184 27.62 -14.97 -36.88
N ALA C 185 27.56 -15.51 -38.10
CA ALA C 185 27.07 -14.72 -39.22
C ALA C 185 25.59 -14.38 -39.08
N LEU C 186 24.84 -15.19 -38.34
CA LEU C 186 23.44 -14.86 -38.11
C LEU C 186 23.26 -13.75 -37.10
N ARG C 187 24.10 -13.71 -36.06
CA ARG C 187 24.05 -12.65 -35.07
C ARG C 187 24.87 -11.43 -35.47
N GLN C 188 25.56 -11.49 -36.60
CA GLN C 188 26.36 -10.37 -37.07
C GLN C 188 25.55 -9.37 -37.89
N MET C 189 24.47 -9.81 -38.54
CA MET C 189 23.68 -8.91 -39.37
C MET C 189 22.97 -7.83 -38.57
N GLU C 190 22.91 -7.95 -37.24
CA GLU C 190 22.32 -6.89 -36.43
C GLU C 190 23.22 -5.67 -36.37
N LYS C 191 24.52 -5.82 -36.60
CA LYS C 191 25.46 -4.72 -36.60
C LYS C 191 25.66 -4.10 -37.98
N ASP C 192 25.08 -4.68 -39.02
CA ASP C 192 25.26 -4.21 -40.39
C ASP C 192 23.96 -3.72 -41.02
N GLY C 193 22.86 -3.71 -40.26
CA GLY C 193 21.59 -3.27 -40.76
C GLY C 193 20.77 -2.68 -39.63
N MET C 194 19.58 -2.18 -39.97
CA MET C 194 18.73 -1.52 -38.99
C MET C 194 17.44 -2.28 -38.69
N GLY C 195 16.76 -2.78 -39.71
CA GLY C 195 15.45 -3.39 -39.50
C GLY C 195 15.49 -4.89 -39.27
N ILE C 196 16.39 -5.35 -38.40
CA ILE C 196 16.51 -6.78 -38.11
C ILE C 196 16.69 -6.97 -36.61
N TRP C 197 16.03 -7.98 -36.06
CA TRP C 197 16.16 -8.32 -34.65
C TRP C 197 16.23 -9.82 -34.46
N PRO C 198 17.41 -10.36 -34.15
CA PRO C 198 17.53 -11.79 -33.82
C PRO C 198 17.45 -12.05 -32.32
N TYR C 199 16.79 -13.16 -31.98
CA TYR C 199 16.66 -13.61 -30.60
C TYR C 199 17.07 -15.08 -30.52
N PRO C 200 18.09 -15.42 -29.73
CA PRO C 200 18.32 -16.82 -29.39
C PRO C 200 17.51 -17.24 -28.17
N SER C 201 16.24 -16.85 -28.11
CA SER C 201 15.39 -17.17 -26.97
C SER C 201 13.93 -16.93 -27.33
N LYS C 202 13.09 -17.97 -27.20
CA LYS C 202 11.70 -17.80 -27.60
C LYS C 202 10.91 -16.93 -26.63
N LYS C 203 11.33 -16.86 -25.36
CA LYS C 203 10.59 -16.06 -24.38
C LYS C 203 10.68 -14.57 -24.71
N ALA C 204 11.89 -14.07 -24.92
CA ALA C 204 12.06 -12.66 -25.27
C ALA C 204 11.47 -12.36 -26.64
N PHE C 205 11.60 -13.30 -27.58
CA PHE C 205 11.01 -13.13 -28.89
C PHE C 205 9.50 -12.98 -28.80
N LEU C 206 8.85 -13.82 -28.00
CA LEU C 206 7.39 -13.73 -27.86
C LEU C 206 6.99 -12.47 -27.11
N ALA C 207 7.79 -12.04 -26.13
CA ALA C 207 7.49 -10.79 -25.46
C ALA C 207 7.54 -9.61 -26.43
N ARG C 208 8.58 -9.57 -27.26
CA ARG C 208 8.68 -8.53 -28.27
C ARG C 208 7.52 -8.61 -29.26
N LEU C 209 7.14 -9.83 -29.65
CA LEU C 209 6.04 -10.00 -30.59
C LEU C 209 4.73 -9.48 -30.01
N ARG C 210 4.46 -9.79 -28.74
CA ARG C 210 3.24 -9.30 -28.11
C ARG C 210 3.30 -7.80 -27.84
N ASP C 211 4.49 -7.22 -27.74
CA ASP C 211 4.57 -5.77 -27.66
C ASP C 211 4.36 -5.10 -29.01
N TYR C 212 4.79 -5.74 -30.10
CA TYR C 212 4.66 -5.14 -31.42
C TYR C 212 3.20 -4.96 -31.79
N PHE C 213 2.40 -6.03 -31.69
CA PHE C 213 0.96 -5.95 -31.84
C PHE C 213 0.37 -5.86 -30.43
N GLU C 214 -0.25 -4.72 -30.13
CA GLU C 214 -0.62 -4.39 -28.75
C GLU C 214 -1.76 -5.29 -28.31
N VAL C 215 -1.40 -6.52 -27.96
CA VAL C 215 -2.35 -7.55 -27.55
C VAL C 215 -1.98 -8.02 -26.15
N GLY C 216 -2.85 -8.86 -25.58
CA GLY C 216 -2.62 -9.42 -24.27
C GLY C 216 -1.67 -10.60 -24.32
N GLU C 217 -1.54 -11.26 -23.18
CA GLU C 217 -0.64 -12.40 -23.04
C GLU C 217 -1.27 -13.73 -23.44
N ASN C 218 -2.56 -13.75 -23.79
CA ASN C 218 -3.25 -14.99 -24.10
C ASN C 218 -3.94 -14.97 -25.46
N ALA C 219 -3.75 -13.91 -26.25
CA ALA C 219 -4.41 -13.83 -27.54
C ALA C 219 -3.94 -14.93 -28.49
N PHE C 220 -2.62 -15.16 -28.55
CA PHE C 220 -2.10 -16.16 -29.47
C PHE C 220 -2.41 -17.57 -29.01
N THR C 221 -2.47 -17.81 -27.70
CA THR C 221 -2.90 -19.12 -27.21
C THR C 221 -4.33 -19.40 -27.63
N LEU C 222 -5.22 -18.41 -27.48
CA LEU C 222 -6.60 -18.58 -27.92
C LEU C 222 -6.67 -18.81 -29.42
N LEU C 223 -5.86 -18.07 -30.19
CA LEU C 223 -5.83 -18.25 -31.63
C LEU C 223 -5.40 -19.66 -32.00
N ASN C 224 -4.45 -20.22 -31.24
CA ASN C 224 -3.99 -21.58 -31.51
C ASN C 224 -5.05 -22.61 -31.14
N ARG C 225 -5.78 -22.38 -30.04
CA ARG C 225 -6.78 -23.35 -29.61
C ARG C 225 -7.91 -23.47 -30.62
N ALA C 226 -8.34 -22.35 -31.21
CA ALA C 226 -9.44 -22.32 -32.17
C ALA C 226 -8.96 -22.56 -33.59
N ALA C 227 -7.83 -23.23 -33.77
CA ALA C 227 -7.19 -23.45 -35.06
C ALA C 227 -6.94 -24.93 -35.28
N GLY C 228 -7.99 -25.73 -35.16
CA GLY C 228 -7.85 -27.17 -35.13
C GLY C 228 -8.87 -27.84 -34.23
N LEU C 229 -9.73 -27.02 -33.61
CA LEU C 229 -10.91 -27.54 -32.93
C LEU C 229 -11.73 -28.40 -33.90
N LYS C 230 -12.14 -29.57 -33.43
CA LYS C 230 -12.77 -30.56 -34.30
C LYS C 230 -14.28 -30.38 -34.36
N GLN C 231 -14.97 -30.49 -33.22
CA GLN C 231 -16.42 -30.48 -33.18
C GLN C 231 -16.92 -29.42 -32.21
N LEU C 232 -17.95 -28.69 -32.61
CA LEU C 232 -18.57 -27.68 -31.77
C LEU C 232 -19.43 -28.39 -30.73
N ASN C 233 -18.94 -28.46 -29.51
CA ASN C 233 -19.60 -29.20 -28.43
C ASN C 233 -20.62 -28.29 -27.75
N SER C 234 -21.11 -28.71 -26.58
CA SER C 234 -22.08 -27.93 -25.83
C SER C 234 -21.50 -26.57 -25.46
N ILE C 235 -22.41 -25.63 -25.15
CA ILE C 235 -22.01 -24.26 -24.89
C ILE C 235 -21.10 -24.18 -23.66
N ASP C 236 -21.47 -24.87 -22.59
CA ASP C 236 -20.63 -24.89 -21.40
C ASP C 236 -19.28 -25.52 -21.69
N GLU C 237 -19.27 -26.63 -22.42
CA GLU C 237 -18.00 -27.30 -22.74
C GLU C 237 -17.11 -26.42 -23.61
N ILE C 238 -17.69 -25.70 -24.57
CA ILE C 238 -16.90 -24.82 -25.42
C ILE C 238 -16.36 -23.65 -24.63
N PHE C 239 -17.21 -23.00 -23.82
CA PHE C 239 -16.76 -21.82 -23.09
C PHE C 239 -15.77 -22.17 -21.99
N ARG C 240 -15.84 -23.38 -21.46
CA ARG C 240 -14.97 -23.79 -20.36
C ARG C 240 -13.66 -24.41 -20.85
N GLU C 241 -13.49 -24.59 -22.16
CA GLU C 241 -12.33 -25.31 -22.65
C GLU C 241 -11.60 -24.56 -23.76
N LEU C 242 -12.31 -23.71 -24.50
CA LEU C 242 -11.73 -23.06 -25.66
C LEU C 242 -11.74 -21.54 -25.60
N VAL C 243 -12.20 -20.93 -24.49
CA VAL C 243 -12.19 -19.49 -24.37
C VAL C 243 -11.43 -19.09 -23.11
N LEU C 244 -11.83 -19.64 -21.97
CA LEU C 244 -11.18 -19.31 -20.71
C LEU C 244 -9.84 -20.02 -20.60
N ASP C 245 -8.93 -19.40 -19.85
CA ASP C 245 -7.59 -19.95 -19.65
C ASP C 245 -7.57 -20.85 -18.42
N ASP C 246 -6.64 -21.80 -18.44
CA ASP C 246 -6.49 -22.75 -17.33
C ASP C 246 -5.66 -22.09 -16.24
N ARG C 247 -6.32 -21.71 -15.15
CA ARG C 247 -5.67 -21.08 -14.01
C ARG C 247 -6.04 -21.78 -12.72
N SER C 248 -6.04 -23.11 -12.74
CA SER C 248 -6.38 -23.88 -11.56
C SER C 248 -5.31 -23.71 -10.48
N ALA C 249 -5.69 -23.97 -9.23
CA ALA C 249 -4.83 -23.77 -8.08
C ALA C 249 -4.38 -25.10 -7.47
N PHE C 250 -4.23 -26.14 -8.28
CA PHE C 250 -3.78 -27.42 -7.78
C PHE C 250 -2.34 -27.38 -7.28
N GLU C 251 -1.54 -26.43 -7.76
CA GLU C 251 -0.14 -26.38 -7.34
C GLU C 251 0.00 -25.83 -5.92
N ARG C 252 -0.78 -24.80 -5.58
CA ARG C 252 -0.65 -24.20 -4.26
C ARG C 252 -1.13 -25.13 -3.15
N ALA C 253 -2.09 -26.01 -3.46
CA ALA C 253 -2.62 -26.91 -2.45
C ALA C 253 -1.54 -27.85 -1.93
N ALA C 254 -0.68 -28.35 -2.81
CA ALA C 254 0.41 -29.23 -2.37
C ALA C 254 1.37 -28.49 -1.45
N GLU C 255 1.70 -27.24 -1.77
CA GLU C 255 2.57 -26.46 -0.89
C GLU C 255 1.93 -26.23 0.47
N VAL C 256 0.63 -25.92 0.48
CA VAL C 256 -0.06 -25.71 1.75
C VAL C 256 -0.05 -26.99 2.59
N ALA C 257 -0.30 -28.13 1.94
CA ALA C 257 -0.28 -29.40 2.65
C ALA C 257 1.09 -29.71 3.21
N SER C 258 2.15 -29.44 2.44
CA SER C 258 3.50 -29.67 2.92
C SER C 258 3.82 -28.77 4.12
N SER C 259 3.39 -27.51 4.06
CA SER C 259 3.63 -26.61 5.19
C SER C 259 2.90 -27.09 6.44
N PHE C 260 1.66 -27.57 6.28
CA PHE C 260 0.94 -28.09 7.43
C PHE C 260 1.62 -29.32 8.01
N ASP C 261 2.12 -30.21 7.14
CA ASP C 261 2.84 -31.38 7.62
C ASP C 261 4.12 -30.98 8.35
N ASP C 262 4.75 -29.88 7.93
CA ASP C 262 5.89 -29.36 8.69
C ASP C 262 5.47 -28.84 10.06
N LEU C 263 4.32 -28.16 10.14
CA LEU C 263 3.84 -27.62 11.41
C LEU C 263 3.50 -28.72 12.39
N THR C 264 3.00 -29.87 11.91
CA THR C 264 2.64 -30.95 12.81
C THR C 264 3.83 -31.43 13.64
N ASP C 265 5.04 -31.36 13.08
CA ASP C 265 6.23 -31.79 13.82
C ASP C 265 6.50 -30.89 15.03
N ILE C 266 6.39 -29.57 14.83
CA ILE C 266 6.55 -28.64 15.94
C ILE C 266 5.49 -28.88 16.99
N HIS C 267 4.25 -29.14 16.55
CA HIS C 267 3.20 -29.45 17.52
C HIS C 267 3.54 -30.69 18.33
N ARG C 268 4.06 -31.73 17.66
CA ARG C 268 4.43 -32.95 18.37
C ARG C 268 5.55 -32.70 19.38
N GLU C 269 6.53 -31.87 19.01
CA GLU C 269 7.60 -31.55 19.95
C GLU C 269 7.06 -30.84 21.18
N LEU C 270 6.15 -29.88 20.98
CA LEU C 270 5.56 -29.17 22.11
C LEU C 270 4.79 -30.12 23.02
N GLU C 271 4.02 -31.04 22.43
CA GLU C 271 3.28 -32.00 23.23
C GLU C 271 4.23 -32.90 24.03
N THR C 272 5.33 -33.33 23.42
CA THR C 272 6.30 -34.16 24.13
C THR C 272 6.88 -33.42 25.32
N ALA C 273 7.24 -32.14 25.12
CA ALA C 273 7.79 -31.36 26.22
C ALA C 273 6.79 -31.23 27.37
N ARG C 274 5.53 -30.96 27.05
CA ARG C 274 4.52 -30.84 28.09
C ARG C 274 4.34 -32.16 28.84
N LYS C 275 4.34 -33.28 28.10
CA LYS C 275 4.23 -34.59 28.75
C LYS C 275 5.38 -34.83 29.70
N GLN C 276 6.60 -34.46 29.29
CA GLN C 276 7.75 -34.65 30.17
C GLN C 276 7.63 -33.81 31.43
N GLN C 277 7.20 -32.55 31.31
CA GLN C 277 7.07 -31.71 32.49
C GLN C 277 6.03 -32.24 33.46
N ARG C 278 4.89 -32.71 32.93
CA ARG C 278 3.85 -33.25 33.80
C ARG C 278 4.32 -34.48 34.56
N SER C 279 5.21 -35.27 33.96
CA SER C 279 5.75 -36.43 34.67
C SER C 279 6.80 -36.01 35.69
N LEU C 280 7.57 -34.98 35.39
CA LEU C 280 8.65 -34.57 36.29
C LEU C 280 8.16 -33.84 37.53
N GLN C 281 7.02 -33.14 37.47
CA GLN C 281 6.56 -32.38 38.64
C GLN C 281 6.37 -33.22 39.90
N PRO C 282 5.77 -34.42 39.85
CA PRO C 282 5.58 -35.18 41.10
C PRO C 282 6.87 -35.51 41.83
N VAL C 283 8.00 -35.63 41.13
CA VAL C 283 9.28 -35.81 41.82
C VAL C 283 9.60 -34.61 42.68
N ALA C 284 9.36 -33.40 42.15
CA ALA C 284 9.56 -32.19 42.94
C ALA C 284 8.63 -32.16 44.15
N ASP C 285 7.37 -32.59 43.98
CA ASP C 285 6.48 -32.66 45.14
C ASP C 285 6.98 -33.66 46.17
N GLY C 286 7.45 -34.82 45.71
CA GLY C 286 7.91 -35.84 46.63
C GLY C 286 9.16 -35.44 47.39
N TRP C 287 10.03 -34.65 46.78
CA TRP C 287 11.20 -34.17 47.51
C TRP C 287 10.80 -33.25 48.65
N GLU C 288 9.84 -32.36 48.42
CA GLU C 288 9.32 -31.52 49.50
C GLU C 288 8.68 -32.38 50.59
N ARG C 289 7.95 -33.42 50.20
CA ARG C 289 7.37 -34.32 51.21
C ARG C 289 8.45 -35.01 52.02
N TYR C 290 9.54 -35.42 51.37
CA TYR C 290 10.63 -36.10 52.06
C TYR C 290 11.34 -35.17 53.03
N ARG C 291 11.52 -33.90 52.64
CA ARG C 291 12.20 -32.96 53.52
C ARG C 291 11.36 -32.61 54.76
N ALA C 292 10.08 -32.94 54.76
CA ALA C 292 9.22 -32.64 55.91
C ALA C 292 9.60 -33.51 57.10
N ASP C 324 10.35 -45.48 54.31
CA ASP C 324 9.23 -44.59 54.56
C ASP C 324 8.61 -44.13 53.24
N GLN C 325 8.93 -42.90 52.83
CA GLN C 325 8.47 -42.35 51.57
C GLN C 325 9.47 -42.52 50.44
N LYS C 326 10.60 -43.19 50.70
CA LYS C 326 11.61 -43.36 49.66
C LYS C 326 11.09 -44.25 48.52
N THR C 327 10.22 -45.21 48.84
CA THR C 327 9.66 -46.06 47.80
C THR C 327 8.83 -45.26 46.81
N GLU C 328 8.00 -44.34 47.31
CA GLU C 328 7.21 -43.49 46.41
C GLU C 328 8.11 -42.60 45.57
N LEU C 329 9.18 -42.07 46.16
CA LEU C 329 10.10 -41.23 45.40
C LEU C 329 10.80 -42.04 44.30
N ALA C 330 11.18 -43.28 44.60
CA ALA C 330 11.78 -44.14 43.58
C ALA C 330 10.78 -44.44 42.48
N LYS C 331 9.52 -44.67 42.84
CA LYS C 331 8.49 -44.90 41.84
C LYS C 331 8.31 -43.68 40.94
N ARG C 332 8.28 -42.49 41.54
CA ARG C 332 8.14 -41.26 40.74
C ARG C 332 9.33 -41.06 39.82
N MET C 333 10.54 -41.33 40.32
CA MET C 333 11.73 -41.20 39.48
C MET C 333 11.70 -42.21 38.33
N SER C 334 11.20 -43.42 38.60
CA SER C 334 11.03 -44.40 37.52
C SER C 334 10.04 -43.90 36.47
N ASP C 335 8.92 -43.34 36.92
CA ASP C 335 7.94 -42.79 35.98
C ASP C 335 8.55 -41.66 35.16
N ALA C 336 9.32 -40.78 35.80
CA ALA C 336 9.97 -39.70 35.08
C ALA C 336 10.97 -40.22 34.06
N LEU C 337 11.75 -41.24 34.43
CA LEU C 337 12.71 -41.83 33.49
C LEU C 337 12.00 -42.52 32.34
N LYS C 338 10.77 -43.01 32.56
CA LYS C 338 10.03 -43.68 31.50
C LYS C 338 9.78 -42.73 30.33
N ALA C 339 9.39 -41.50 30.60
CA ALA C 339 9.01 -40.55 29.56
C ALA C 339 10.20 -39.76 29.00
N ASP C 340 11.38 -39.88 29.59
CA ASP C 340 12.53 -39.12 29.13
C ASP C 340 12.97 -39.60 27.75
N THR C 341 13.60 -38.70 27.00
CA THR C 341 14.07 -38.98 25.64
C THR C 341 15.56 -38.77 25.49
N GLY C 342 16.32 -38.81 26.58
CA GLY C 342 17.77 -38.67 26.49
C GLY C 342 18.36 -37.64 27.43
N ALA C 343 17.51 -36.81 28.02
CA ALA C 343 18.01 -35.80 28.97
C ALA C 343 18.53 -36.46 30.23
N LEU C 344 17.67 -37.19 30.93
CA LEU C 344 18.09 -37.99 32.08
C LEU C 344 18.59 -39.34 31.59
N ALA C 345 19.76 -39.31 30.95
CA ALA C 345 20.28 -40.49 30.29
C ALA C 345 20.67 -41.58 31.29
N GLU C 346 21.61 -41.28 32.17
CA GLU C 346 22.16 -42.27 33.11
C GLU C 346 22.08 -41.71 34.52
N VAL C 347 20.99 -42.01 35.21
CA VAL C 347 20.78 -41.63 36.60
C VAL C 347 20.19 -42.83 37.34
N GLY C 348 19.89 -42.64 38.63
CA GLY C 348 19.35 -43.69 39.45
C GLY C 348 18.35 -43.16 40.45
N ARG C 349 17.85 -44.06 41.29
CA ARG C 349 16.87 -43.71 42.31
C ARG C 349 17.51 -43.25 43.61
N GLU C 350 18.84 -43.08 43.63
CA GLU C 350 19.53 -42.60 44.82
C GLU C 350 19.11 -41.17 45.14
N LEU C 351 19.12 -40.86 46.44
CA LEU C 351 18.81 -39.50 46.86
C LEU C 351 19.85 -38.49 46.39
N VAL C 352 21.04 -38.96 46.00
CA VAL C 352 22.05 -38.06 45.44
C VAL C 352 21.60 -37.53 44.09
N ASP C 353 20.91 -38.34 43.29
CA ASP C 353 20.47 -37.92 41.96
C ASP C 353 19.23 -37.05 41.98
N VAL C 354 18.57 -36.89 43.14
CA VAL C 354 17.33 -36.10 43.19
C VAL C 354 17.54 -34.67 42.70
N PRO C 355 18.58 -33.93 43.11
CA PRO C 355 18.75 -32.58 42.56
C PRO C 355 18.84 -32.54 41.05
N ARG C 356 19.51 -33.52 40.44
CA ARG C 356 19.65 -33.54 38.98
C ARG C 356 18.28 -33.49 38.31
N TYR C 357 17.37 -34.39 38.73
CA TYR C 357 16.00 -34.34 38.22
C TYR C 357 15.43 -32.94 38.32
N LEU C 358 15.55 -32.32 39.50
CA LEU C 358 14.99 -30.99 39.71
C LEU C 358 15.55 -30.01 38.68
N GLU C 359 16.86 -30.06 38.45
CA GLU C 359 17.43 -29.14 37.48
C GLU C 359 16.78 -29.31 36.12
N ARG C 360 16.60 -30.55 35.68
CA ARG C 360 15.92 -30.79 34.42
C ARG C 360 14.55 -30.13 34.40
N LEU C 361 13.79 -30.29 35.49
CA LEU C 361 12.47 -29.67 35.55
C LEU C 361 12.57 -28.17 35.32
N ARG C 362 13.55 -27.52 35.96
CA ARG C 362 13.70 -26.08 35.78
C ARG C 362 13.97 -25.75 34.33
N VAL C 363 14.83 -26.53 33.67
CA VAL C 363 15.13 -26.27 32.27
C VAL C 363 13.87 -26.40 31.42
N LEU C 364 12.97 -27.30 31.81
CA LEU C 364 11.71 -27.41 31.09
C LEU C 364 10.84 -26.19 31.30
N THR C 365 10.81 -25.67 32.52
CA THR C 365 9.83 -24.64 32.85
C THR C 365 10.22 -23.28 32.29
N GLU C 366 11.51 -22.95 32.30
CA GLU C 366 11.95 -21.59 32.02
C GLU C 366 12.53 -21.39 30.62
N GLU C 367 13.07 -22.43 29.99
CA GLU C 367 13.79 -22.25 28.74
C GLU C 367 13.16 -22.97 27.56
N ALA C 368 12.91 -24.27 27.67
CA ALA C 368 12.48 -25.04 26.49
C ALA C 368 11.03 -24.76 26.13
N LEU C 369 10.13 -24.86 27.11
CA LEU C 369 8.71 -24.71 26.82
C LEU C 369 8.36 -23.33 26.25
N PRO C 370 8.83 -22.21 26.80
CA PRO C 370 8.51 -20.92 26.17
C PRO C 370 8.97 -20.83 24.73
N GLU C 371 10.17 -21.32 24.43
CA GLU C 371 10.68 -21.26 23.06
C GLU C 371 9.84 -22.10 22.11
N LYS C 372 9.52 -23.33 22.53
CA LYS C 372 8.72 -24.19 21.67
C LYS C 372 7.32 -23.62 21.46
N LEU C 373 6.71 -23.09 22.52
CA LEU C 373 5.40 -22.47 22.38
C LEU C 373 5.44 -21.28 21.44
N LYS C 374 6.46 -20.43 21.57
CA LYS C 374 6.58 -19.26 20.70
C LYS C 374 6.74 -19.66 19.25
N ARG C 375 7.60 -20.65 18.97
CA ARG C 375 7.78 -21.09 17.60
C ARG C 375 6.50 -21.71 17.04
N PHE C 376 5.81 -22.51 17.86
CA PHE C 376 4.56 -23.12 17.41
C PHE C 376 3.52 -22.05 17.09
N LEU C 377 3.38 -21.04 17.94
CA LEU C 377 2.40 -19.99 17.68
C LEU C 377 2.75 -19.20 16.42
N GLU C 378 4.02 -18.87 16.24
CA GLU C 378 4.41 -18.14 15.03
C GLU C 378 4.12 -18.94 13.77
N TYR C 379 4.50 -20.22 13.76
CA TYR C 379 4.24 -21.04 12.58
C TYR C 379 2.75 -21.21 12.34
N LEU C 380 1.97 -21.39 13.42
CA LEU C 380 0.53 -21.54 13.26
C LEU C 380 -0.10 -20.29 12.65
N ASN C 381 0.25 -19.11 13.16
CA ASN C 381 -0.32 -17.89 12.62
C ASN C 381 0.08 -17.68 11.16
N ARG C 382 1.36 -17.88 10.85
CA ARG C 382 1.82 -17.67 9.48
C ARG C 382 1.16 -18.65 8.52
N SER C 383 1.07 -19.92 8.90
CA SER C 383 0.45 -20.92 8.04
C SER C 383 -1.04 -20.65 7.85
N SER C 384 -1.73 -20.21 8.91
CA SER C 384 -3.15 -19.94 8.82
C SER C 384 -3.48 -18.68 8.03
N ASP C 385 -2.59 -17.68 8.03
CA ASP C 385 -2.86 -16.43 7.32
C ASP C 385 -2.32 -16.43 5.90
N ASP C 386 -1.02 -16.71 5.72
CA ASP C 386 -0.43 -16.67 4.39
C ASP C 386 -0.63 -17.97 3.62
N GLY C 387 -1.29 -18.97 4.21
CA GLY C 387 -1.48 -20.25 3.56
C GLY C 387 -2.87 -20.45 3.01
N VAL C 388 -3.70 -21.17 3.76
CA VAL C 388 -5.01 -21.57 3.26
C VAL C 388 -5.96 -20.39 3.08
N THR C 389 -5.70 -19.26 3.75
CA THR C 389 -6.62 -18.13 3.65
C THR C 389 -6.52 -17.44 2.30
N GLN C 390 -5.30 -17.25 1.80
CA GLN C 390 -5.10 -16.55 0.53
C GLN C 390 -5.55 -17.36 -0.68
N LEU C 391 -5.51 -18.68 -0.60
CA LEU C 391 -5.89 -19.52 -1.74
C LEU C 391 -7.35 -19.31 -2.13
N LEU C 392 -8.25 -19.31 -1.15
CA LEU C 392 -9.66 -19.16 -1.44
C LEU C 392 -9.98 -17.75 -1.92
N SER C 393 -9.29 -16.75 -1.37
CA SER C 393 -9.44 -15.38 -1.86
C SER C 393 -8.99 -15.28 -3.31
N TYR C 394 -7.88 -15.95 -3.66
CA TYR C 394 -7.43 -15.97 -5.04
C TYR C 394 -8.47 -16.60 -5.96
N ILE C 395 -9.09 -17.70 -5.52
CA ILE C 395 -10.10 -18.36 -6.35
C ILE C 395 -11.31 -17.43 -6.55
N ASP C 396 -11.76 -16.78 -5.48
CA ASP C 396 -12.88 -15.86 -5.60
C ASP C 396 -12.55 -14.69 -6.53
N HIS C 397 -11.33 -14.17 -6.43
CA HIS C 397 -10.91 -13.10 -7.32
C HIS C 397 -10.91 -13.56 -8.77
N GLU C 398 -10.47 -14.80 -9.02
CA GLU C 398 -10.52 -15.33 -10.37
C GLU C 398 -11.95 -15.42 -10.89
N VAL C 399 -12.88 -15.85 -10.03
CA VAL C 399 -14.28 -15.92 -10.44
C VAL C 399 -14.81 -14.53 -10.78
N SER C 400 -14.45 -13.53 -9.97
CA SER C 400 -14.88 -12.16 -10.25
C SER C 400 -14.32 -11.66 -11.57
N MET C 401 -13.05 -11.97 -11.84
CA MET C 401 -12.45 -11.58 -13.12
C MET C 401 -13.16 -12.24 -14.29
N ILE C 402 -13.53 -13.52 -14.13
CA ILE C 402 -14.27 -14.21 -15.19
C ILE C 402 -15.60 -13.52 -15.45
N GLU C 403 -16.31 -13.15 -14.38
CA GLU C 403 -17.60 -12.47 -14.54
C GLU C 403 -17.43 -11.13 -15.26
N GLU C 404 -16.40 -10.36 -14.87
CA GLU C 404 -16.17 -9.07 -15.52
C GLU C 404 -15.84 -9.23 -17.00
N ARG C 405 -15.00 -10.22 -17.33
CA ARG C 405 -14.67 -10.46 -18.73
C ARG C 405 -15.91 -10.90 -19.50
N LEU C 406 -16.79 -11.67 -18.86
CA LEU C 406 -18.04 -12.06 -19.52
C LEU C 406 -18.90 -10.85 -19.80
N ASP C 407 -18.95 -9.91 -18.86
CA ASP C 407 -19.70 -8.66 -19.11
C ASP C 407 -19.11 -7.90 -20.27
N ASP C 408 -17.78 -7.81 -20.35
CA ASP C 408 -17.15 -7.12 -21.48
C ASP C 408 -17.47 -7.81 -22.81
N LEU C 409 -17.45 -9.14 -22.82
CA LEU C 409 -17.79 -9.88 -24.04
C LEU C 409 -19.24 -9.64 -24.44
N ASN C 410 -20.14 -9.59 -23.45
CA ASN C 410 -21.55 -9.28 -23.75
C ASN C 410 -21.68 -7.89 -24.35
N SER C 411 -20.93 -6.92 -23.82
CA SER C 411 -20.95 -5.58 -24.40
C SER C 411 -20.44 -5.60 -25.83
N THR C 412 -19.39 -6.37 -26.11
CA THR C 412 -18.86 -6.46 -27.46
C THR C 412 -19.87 -7.07 -28.42
N MET C 413 -20.55 -8.13 -28.00
CA MET C 413 -21.45 -8.85 -28.90
C MET C 413 -22.71 -8.05 -29.26
N GLN C 414 -22.95 -6.92 -28.60
CA GLN C 414 -24.15 -6.13 -28.89
C GLN C 414 -24.11 -5.57 -30.31
N ARG C 415 -22.91 -5.20 -30.79
CA ARG C 415 -22.80 -4.55 -32.09
C ARG C 415 -22.84 -5.56 -33.23
N VAL C 416 -23.86 -6.40 -33.25
CA VAL C 416 -24.07 -7.36 -34.34
C VAL C 416 -25.49 -7.89 -34.24
N ASP C 417 -26.00 -8.38 -35.36
CA ASP C 417 -27.36 -8.91 -35.43
C ASP C 417 -27.29 -10.39 -35.80
N PHE C 418 -27.40 -11.25 -34.78
CA PHE C 418 -27.50 -12.68 -35.04
C PHE C 418 -28.75 -13.00 -35.84
N GLN C 419 -29.86 -12.36 -35.50
CA GLN C 419 -31.09 -12.38 -36.27
C GLN C 419 -31.57 -10.94 -36.42
N PRO C 420 -32.39 -10.64 -37.44
CA PRO C 420 -32.85 -9.26 -37.65
C PRO C 420 -33.43 -8.64 -36.38
N GLY C 421 -32.76 -7.60 -35.89
CA GLY C 421 -33.15 -6.98 -34.63
C GLY C 421 -33.00 -7.88 -33.43
N ARG C 422 -31.99 -8.75 -33.43
CA ARG C 422 -31.74 -9.66 -32.32
C ARG C 422 -30.24 -9.83 -32.13
N TYR C 423 -29.85 -10.09 -30.88
CA TYR C 423 -28.44 -10.32 -30.57
C TYR C 423 -28.35 -11.26 -29.37
N LEU C 424 -27.19 -11.89 -29.23
CA LEU C 424 -26.96 -12.86 -28.17
C LEU C 424 -26.49 -12.18 -26.89
N ARG C 425 -26.64 -12.90 -25.78
CA ARG C 425 -26.16 -12.43 -24.48
C ARG C 425 -25.71 -13.64 -23.67
N LEU C 426 -24.73 -13.43 -22.81
CA LEU C 426 -24.16 -14.47 -21.98
C LEU C 426 -24.52 -14.24 -20.53
N VAL C 427 -24.93 -15.31 -19.84
CA VAL C 427 -25.32 -15.25 -18.43
C VAL C 427 -24.54 -16.30 -17.67
N ALA C 428 -23.99 -15.91 -16.51
CA ALA C 428 -23.23 -16.82 -15.66
C ALA C 428 -23.98 -17.03 -14.35
N LYS C 429 -24.12 -18.28 -13.94
CA LYS C 429 -24.82 -18.64 -12.72
C LYS C 429 -23.93 -19.55 -11.87
N LYS C 430 -23.78 -19.21 -10.59
CA LYS C 430 -22.95 -20.04 -9.72
C LYS C 430 -23.64 -21.37 -9.44
N VAL C 431 -22.83 -22.43 -9.42
CA VAL C 431 -23.34 -23.76 -9.16
C VAL C 431 -23.07 -24.11 -7.70
N ILE C 432 -23.71 -25.18 -7.22
CA ILE C 432 -23.55 -25.63 -5.85
C ILE C 432 -23.21 -27.12 -5.87
N HIS C 433 -22.47 -27.55 -4.85
CA HIS C 433 -22.02 -28.93 -4.76
C HIS C 433 -21.81 -29.28 -3.30
N GLU C 434 -21.82 -30.58 -3.01
CA GLU C 434 -21.63 -31.03 -1.63
C GLU C 434 -20.25 -30.66 -1.12
N SER C 435 -19.22 -30.84 -1.95
CA SER C 435 -17.87 -30.49 -1.55
C SER C 435 -17.77 -29.00 -1.24
N LEU C 436 -18.43 -28.16 -2.04
CA LEU C 436 -18.39 -26.73 -1.79
C LEU C 436 -19.04 -26.37 -0.47
N ARG C 437 -20.18 -27.00 -0.15
CA ARG C 437 -20.84 -26.75 1.13
C ARG C 437 -19.96 -27.19 2.30
N THR C 438 -19.35 -28.37 2.18
CA THR C 438 -18.46 -28.84 3.25
C THR C 438 -17.28 -27.88 3.43
N LEU C 439 -16.69 -27.42 2.32
CA LEU C 439 -15.57 -26.50 2.40
C LEU C 439 -15.97 -25.19 3.07
N GLN C 440 -17.15 -24.67 2.71
CA GLN C 440 -17.59 -23.42 3.31
C GLN C 440 -17.88 -23.58 4.80
N HIS C 441 -18.48 -24.70 5.20
CA HIS C 441 -18.71 -24.93 6.62
C HIS C 441 -17.40 -25.04 7.39
N ALA C 442 -16.42 -25.74 6.81
CA ALA C 442 -15.11 -25.84 7.45
C ALA C 442 -14.46 -24.46 7.56
N GLN C 443 -14.60 -23.63 6.54
CA GLN C 443 -14.05 -22.28 6.59
C GLN C 443 -14.71 -21.45 7.68
N ARG C 444 -16.03 -21.59 7.83
CA ARG C 444 -16.73 -20.87 8.90
C ARG C 444 -16.24 -21.34 10.27
N GLN C 445 -16.03 -22.65 10.43
CA GLN C 445 -15.48 -23.16 11.68
C GLN C 445 -14.09 -22.59 11.95
N LEU C 446 -13.25 -22.53 10.92
CA LEU C 446 -11.91 -21.96 11.09
C LEU C 446 -11.99 -20.49 11.51
N ASN C 447 -12.90 -19.73 10.89
CA ASN C 447 -13.08 -18.33 11.29
C ASN C 447 -13.55 -18.22 12.72
N SER C 448 -14.47 -19.08 13.13
CA SER C 448 -15.04 -19.00 14.48
C SER C 448 -14.07 -19.49 15.55
N ALA C 449 -13.10 -20.32 15.21
CA ALA C 449 -12.20 -20.90 16.20
C ALA C 449 -11.04 -19.99 16.57
N ARG C 450 -10.93 -18.82 15.96
CA ARG C 450 -9.81 -17.92 16.23
C ARG C 450 -10.02 -17.06 17.47
N PHE C 451 -11.22 -17.05 18.04
CA PHE C 451 -11.53 -16.22 19.19
C PHE C 451 -11.38 -16.95 20.52
N ILE C 452 -10.99 -18.20 20.50
CA ILE C 452 -10.81 -18.98 21.73
C ILE C 452 -9.39 -18.77 22.24
N ASP C 453 -9.24 -18.72 23.57
CA ASP C 453 -7.93 -18.57 24.20
C ASP C 453 -7.53 -19.92 24.79
N ASP C 454 -6.97 -20.77 23.92
CA ASP C 454 -6.53 -22.12 24.29
C ASP C 454 -5.05 -22.33 24.01
N GLU C 455 -4.29 -21.25 23.79
CA GLU C 455 -2.91 -21.33 23.32
C GLU C 455 -2.82 -22.07 21.99
N GLY C 456 -3.80 -21.85 21.12
CA GLY C 456 -3.75 -22.29 19.74
C GLY C 456 -4.19 -23.71 19.48
N GLU C 457 -4.72 -24.43 20.46
CA GLU C 457 -5.11 -25.82 20.24
C GLU C 457 -6.35 -25.92 19.36
N SER C 458 -7.39 -25.14 19.68
CA SER C 458 -8.62 -25.18 18.90
C SER C 458 -8.40 -24.68 17.48
N HIS C 459 -7.58 -23.64 17.33
CA HIS C 459 -7.26 -23.12 16.01
C HIS C 459 -6.57 -24.20 15.16
N TYR C 460 -5.63 -24.91 15.76
CA TYR C 460 -4.94 -25.99 15.04
C TYR C 460 -5.91 -27.09 14.64
N LYS C 461 -6.80 -27.49 15.56
CA LYS C 461 -7.76 -28.53 15.24
C LYS C 461 -8.70 -28.10 14.12
N ALA C 462 -9.11 -26.83 14.12
CA ALA C 462 -9.99 -26.34 13.06
C ALA C 462 -9.27 -26.28 11.73
N LEU C 463 -7.99 -25.88 11.73
CA LEU C 463 -7.23 -25.82 10.48
C LEU C 463 -6.97 -27.20 9.91
N GLN C 464 -6.83 -28.20 10.78
CA GLN C 464 -6.49 -29.55 10.32
C GLN C 464 -7.56 -30.11 9.38
N ALA C 465 -8.84 -29.92 9.73
CA ALA C 465 -9.91 -30.45 8.88
C ALA C 465 -9.94 -29.80 7.52
N LEU C 466 -9.74 -28.48 7.47
CA LEU C 466 -9.71 -27.78 6.19
C LEU C 466 -8.55 -28.25 5.33
N VAL C 467 -7.37 -28.41 5.94
CA VAL C 467 -6.22 -28.91 5.18
C VAL C 467 -6.49 -30.33 4.69
N GLY C 468 -7.18 -31.14 5.51
CA GLY C 468 -7.53 -32.48 5.06
C GLY C 468 -8.47 -32.47 3.87
N LEU C 469 -9.46 -31.57 3.89
CA LEU C 469 -10.36 -31.45 2.74
C LEU C 469 -9.59 -31.06 1.48
N LEU C 470 -8.67 -30.10 1.60
CA LEU C 470 -7.88 -29.69 0.44
C LEU C 470 -7.02 -30.85 -0.06
N LYS C 471 -6.41 -31.61 0.86
CA LYS C 471 -5.61 -32.76 0.46
C LYS C 471 -6.46 -33.78 -0.28
N ASP C 472 -7.66 -34.08 0.22
CA ASP C 472 -8.53 -35.04 -0.43
C ASP C 472 -8.95 -34.55 -1.81
N ALA C 473 -9.23 -33.26 -1.96
CA ALA C 473 -9.58 -32.72 -3.27
C ALA C 473 -8.42 -32.82 -4.24
N CYS C 474 -7.21 -32.48 -3.79
CA CYS C 474 -6.05 -32.49 -4.67
C CYS C 474 -5.59 -33.90 -5.02
N GLU C 475 -5.89 -34.89 -4.17
CA GLU C 475 -5.42 -36.25 -4.43
C GLU C 475 -6.03 -36.80 -5.72
N HIS C 476 -7.32 -36.58 -5.93
CA HIS C 476 -8.04 -37.08 -7.10
C HIS C 476 -8.50 -35.87 -7.90
N SER C 477 -7.65 -35.41 -8.83
CA SER C 477 -7.91 -34.18 -9.58
C SER C 477 -8.65 -34.42 -10.88
N ARG C 478 -9.44 -35.48 -10.98
CA ARG C 478 -10.17 -35.82 -12.19
C ARG C 478 -11.62 -36.16 -11.87
N ASN C 479 -12.24 -35.37 -11.01
CA ASN C 479 -13.63 -35.54 -10.63
C ASN C 479 -14.33 -34.20 -10.65
N GLN C 480 -15.66 -34.22 -10.84
CA GLN C 480 -16.42 -32.99 -10.85
C GLN C 480 -16.36 -32.30 -9.48
N GLY C 481 -16.48 -33.08 -8.40
CA GLY C 481 -16.43 -32.48 -7.08
C GLY C 481 -15.09 -31.85 -6.76
N ALA C 482 -14.00 -32.53 -7.11
CA ALA C 482 -12.67 -31.98 -6.82
C ALA C 482 -12.36 -30.78 -7.69
N LYS C 483 -12.74 -30.84 -8.97
CA LYS C 483 -12.51 -29.71 -9.85
C LYS C 483 -13.41 -28.52 -9.52
N ALA C 484 -14.53 -28.77 -8.84
CA ALA C 484 -15.37 -27.66 -8.40
C ALA C 484 -14.75 -26.85 -7.28
N LEU C 485 -13.71 -27.38 -6.62
CA LEU C 485 -13.07 -26.68 -5.52
C LEU C 485 -11.91 -25.80 -5.98
N LEU C 486 -10.98 -26.35 -6.75
CA LEU C 486 -9.73 -25.67 -7.07
C LEU C 486 -9.66 -25.17 -8.50
N ASP C 487 -10.73 -25.29 -9.28
CA ASP C 487 -10.73 -24.79 -10.65
C ASP C 487 -11.84 -23.76 -10.81
N PRO C 488 -11.51 -22.47 -10.96
CA PRO C 488 -12.56 -21.45 -11.05
C PRO C 488 -13.53 -21.66 -12.19
N ARG C 489 -13.06 -22.16 -13.34
CA ARG C 489 -13.92 -22.32 -14.51
C ARG C 489 -15.06 -23.29 -14.26
N PHE C 490 -14.93 -24.18 -13.28
CA PHE C 490 -15.98 -25.13 -12.95
C PHE C 490 -16.87 -24.67 -11.82
N ARG C 491 -16.69 -23.43 -11.34
CA ARG C 491 -17.57 -22.86 -10.34
C ARG C 491 -18.68 -22.02 -10.96
N LEU C 492 -18.92 -22.15 -12.26
CA LEU C 492 -19.93 -21.38 -12.96
C LEU C 492 -20.60 -22.23 -14.02
N GLU C 493 -21.81 -21.84 -14.38
CA GLU C 493 -22.55 -22.44 -15.48
C GLU C 493 -23.02 -21.32 -16.40
N PHE C 494 -22.82 -21.50 -17.70
CA PHE C 494 -23.02 -20.43 -18.67
C PHE C 494 -24.24 -20.73 -19.54
N ALA C 495 -25.00 -19.68 -19.85
CA ALA C 495 -26.19 -19.79 -20.66
C ALA C 495 -26.22 -18.67 -21.68
N VAL C 496 -26.92 -18.91 -22.78
CA VAL C 496 -26.98 -18.00 -23.91
C VAL C 496 -28.43 -17.57 -24.12
N SER C 497 -28.65 -16.27 -24.24
CA SER C 497 -29.95 -15.69 -24.50
C SER C 497 -29.96 -15.04 -25.88
N VAL C 498 -31.15 -14.94 -26.47
CA VAL C 498 -31.32 -14.47 -27.84
C VAL C 498 -31.98 -13.10 -27.81
N ILE C 499 -31.74 -12.34 -26.75
CA ILE C 499 -32.32 -11.01 -26.59
C ILE C 499 -32.01 -10.11 -27.78
N GLU C 520 -28.89 -24.55 -34.67
CA GLU C 520 -28.43 -23.24 -34.22
C GLU C 520 -27.17 -23.34 -33.37
N LYS C 521 -26.85 -24.57 -32.93
CA LYS C 521 -25.68 -24.76 -32.07
C LYS C 521 -24.41 -24.34 -32.77
N GLU C 522 -24.26 -24.73 -34.04
CA GLU C 522 -23.06 -24.36 -34.79
C GLU C 522 -22.94 -22.85 -34.93
N ILE C 523 -24.03 -22.17 -35.26
CA ILE C 523 -24.00 -20.73 -35.45
C ILE C 523 -23.67 -20.02 -34.14
N ILE C 524 -24.29 -20.45 -33.04
CA ILE C 524 -24.02 -19.83 -31.74
C ILE C 524 -22.57 -20.04 -31.33
N ALA C 525 -22.05 -21.26 -31.52
CA ALA C 525 -20.66 -21.53 -31.18
C ALA C 525 -19.72 -20.67 -32.01
N SER C 526 -20.00 -20.55 -33.31
CA SER C 526 -19.15 -19.73 -34.18
C SER C 526 -19.20 -18.27 -33.77
N TYR C 527 -20.39 -17.76 -33.44
CA TYR C 527 -20.51 -16.37 -33.01
C TYR C 527 -19.73 -16.12 -31.73
N VAL C 528 -19.85 -17.02 -30.75
CA VAL C 528 -19.14 -16.84 -29.48
C VAL C 528 -17.63 -16.89 -29.71
N LEU C 529 -17.17 -17.85 -30.51
CA LEU C 529 -15.74 -17.98 -30.78
C LEU C 529 -15.21 -16.75 -31.49
N THR C 530 -15.93 -16.25 -32.49
CA THR C 530 -15.49 -15.09 -33.24
C THR C 530 -15.48 -13.84 -32.36
N ALA C 531 -16.49 -13.68 -31.50
CA ALA C 531 -16.52 -12.53 -30.60
C ALA C 531 -15.35 -12.59 -29.62
N SER C 532 -15.05 -13.78 -29.10
CA SER C 532 -13.90 -13.92 -28.21
C SER C 532 -12.59 -13.58 -28.92
N LEU C 533 -12.42 -14.06 -30.15
CA LEU C 533 -11.22 -13.76 -30.90
C LEU C 533 -11.10 -12.27 -31.17
N SER C 534 -12.20 -11.61 -31.55
CA SER C 534 -12.17 -10.18 -31.80
C SER C 534 -11.83 -9.41 -30.54
N TYR C 535 -12.39 -9.82 -29.40
CA TYR C 535 -12.10 -9.13 -28.14
C TYR C 535 -10.64 -9.33 -27.72
N ALA C 536 -10.08 -10.52 -27.97
CA ALA C 536 -8.70 -10.77 -27.59
C ALA C 536 -7.73 -9.99 -28.47
N LEU C 537 -7.99 -9.95 -29.77
CA LEU C 537 -7.08 -9.31 -30.72
C LEU C 537 -7.50 -7.86 -30.99
N CYS C 538 -7.47 -7.05 -29.95
CA CYS C 538 -7.72 -5.62 -30.11
C CYS C 538 -7.17 -4.85 -28.93
N PRO C 539 -6.44 -3.76 -29.17
CA PRO C 539 -5.92 -2.96 -28.07
C PRO C 539 -7.05 -2.34 -27.26
N ASP C 540 -6.79 -2.15 -25.97
CA ASP C 540 -7.79 -1.55 -25.09
C ASP C 540 -8.10 -0.13 -25.56
N GLY C 541 -9.39 0.21 -25.51
CA GLY C 541 -9.85 1.49 -26.01
C GLY C 541 -9.91 1.62 -27.51
N SER C 542 -9.72 0.52 -28.24
CA SER C 542 -9.76 0.54 -29.69
C SER C 542 -10.58 -0.63 -30.18
N SER C 543 -11.07 -0.50 -31.42
CA SER C 543 -11.89 -1.53 -32.04
C SER C 543 -11.27 -2.12 -33.30
N ARG C 544 -10.09 -1.66 -33.71
CA ARG C 544 -9.44 -2.15 -34.92
C ARG C 544 -8.27 -3.04 -34.55
N PRO C 545 -8.31 -4.32 -34.89
CA PRO C 545 -7.16 -5.20 -34.62
C PRO C 545 -5.95 -4.79 -35.43
N LEU C 546 -4.78 -4.98 -34.82
CA LEU C 546 -3.52 -4.86 -35.54
C LEU C 546 -3.08 -6.19 -36.16
N PHE C 547 -3.48 -7.30 -35.55
CA PHE C 547 -3.29 -8.64 -36.10
C PHE C 547 -4.64 -9.12 -36.59
N GLY C 548 -4.73 -9.45 -37.88
CA GLY C 548 -6.02 -9.71 -38.48
C GLY C 548 -6.27 -11.14 -38.92
N THR C 549 -5.22 -11.86 -39.27
CA THR C 549 -5.39 -13.19 -39.85
C THR C 549 -5.68 -14.22 -38.76
N ILE C 550 -6.70 -15.05 -38.99
CA ILE C 550 -7.03 -16.17 -38.13
C ILE C 550 -7.24 -17.39 -39.00
N VAL C 551 -7.19 -18.57 -38.37
CA VAL C 551 -7.30 -19.84 -39.07
C VAL C 551 -8.51 -20.58 -38.50
N LEU C 552 -9.28 -21.21 -39.38
CA LEU C 552 -10.49 -21.92 -38.98
C LEU C 552 -10.58 -23.28 -39.64
N ASP C 553 -11.23 -24.20 -38.95
CA ASP C 553 -11.53 -25.54 -39.45
C ASP C 553 -13.04 -25.80 -39.32
N GLN C 554 -13.53 -26.70 -40.14
CA GLN C 554 -14.95 -27.09 -40.07
C GLN C 554 -15.10 -28.61 -40.15
N SER C 559 -23.03 -28.68 -42.62
CA SER C 559 -23.07 -27.22 -42.75
C SER C 559 -23.50 -26.81 -44.15
N SER C 560 -24.74 -26.40 -44.29
CA SER C 560 -25.28 -25.99 -45.58
C SER C 560 -24.73 -24.61 -45.96
N HIS C 561 -25.15 -24.13 -47.13
CA HIS C 561 -24.70 -22.81 -47.59
C HIS C 561 -25.17 -21.71 -46.64
N ALA C 562 -26.41 -21.79 -46.19
CA ALA C 562 -26.92 -20.79 -45.23
C ALA C 562 -26.21 -20.90 -43.89
N VAL C 563 -25.77 -22.11 -43.52
CA VAL C 563 -25.08 -22.28 -42.25
C VAL C 563 -23.78 -21.48 -42.24
N ALA C 564 -23.00 -21.59 -43.31
CA ALA C 564 -21.74 -20.87 -43.42
C ALA C 564 -21.90 -19.45 -43.95
N GLY C 565 -23.10 -19.06 -44.39
CA GLY C 565 -23.30 -17.72 -44.90
C GLY C 565 -23.25 -16.64 -43.84
N ARG C 566 -23.56 -16.97 -42.59
CA ARG C 566 -23.52 -16.00 -41.51
C ARG C 566 -22.14 -15.89 -40.86
N ILE C 567 -21.36 -16.97 -40.89
CA ILE C 567 -20.01 -16.93 -40.33
C ILE C 567 -19.15 -15.92 -41.08
N ILE C 568 -19.23 -15.93 -42.41
CA ILE C 568 -18.46 -14.98 -43.22
C ILE C 568 -18.90 -13.56 -42.92
N ALA C 569 -20.21 -13.33 -42.80
CA ALA C 569 -20.70 -12.00 -42.49
C ALA C 569 -20.21 -11.53 -41.13
N ALA C 570 -20.21 -12.42 -40.13
CA ALA C 570 -19.71 -12.06 -38.81
C ALA C 570 -18.23 -11.73 -38.85
N LEU C 571 -17.44 -12.55 -39.58
CA LEU C 571 -16.01 -12.27 -39.69
C LEU C 571 -15.75 -10.92 -40.34
N ARG C 572 -16.49 -10.61 -41.41
CA ARG C 572 -16.32 -9.34 -42.08
C ARG C 572 -16.75 -8.17 -41.19
N GLU C 573 -17.81 -8.37 -40.40
CA GLU C 573 -18.27 -7.32 -39.50
C GLU C 573 -17.24 -7.03 -38.41
N PHE C 574 -16.69 -8.09 -37.80
CA PHE C 574 -15.68 -7.89 -36.77
C PHE C 574 -14.35 -7.44 -37.35
N GLY C 575 -14.16 -7.56 -38.66
CA GLY C 575 -12.96 -7.07 -39.30
C GLY C 575 -11.79 -8.03 -39.18
N LEU C 576 -12.00 -9.29 -39.53
CA LEU C 576 -10.95 -10.30 -39.45
C LEU C 576 -10.79 -10.99 -40.79
N HIS C 577 -9.54 -11.28 -41.14
CA HIS C 577 -9.20 -12.05 -42.32
C HIS C 577 -9.08 -13.52 -41.91
N ALA C 578 -9.56 -14.41 -42.76
CA ALA C 578 -9.70 -15.82 -42.39
C ALA C 578 -9.00 -16.72 -43.39
N VAL C 579 -8.45 -17.82 -42.88
CA VAL C 579 -7.90 -18.89 -43.69
C VAL C 579 -8.56 -20.19 -43.25
N PHE C 580 -9.27 -20.84 -44.16
CA PHE C 580 -10.03 -22.04 -43.85
C PHE C 580 -9.25 -23.28 -44.25
N ILE C 581 -9.46 -24.35 -43.49
CA ILE C 581 -8.92 -25.67 -43.82
C ILE C 581 -10.09 -26.61 -44.07
N THR C 582 -10.13 -27.20 -45.27
CA THR C 582 -11.18 -28.13 -45.63
C THR C 582 -10.59 -29.30 -46.41
N PRO C 583 -11.21 -30.48 -46.32
CA PRO C 583 -10.83 -31.58 -47.21
C PRO C 583 -11.45 -31.38 -48.59
N ASN C 584 -11.30 -32.37 -49.47
CA ASN C 584 -11.90 -32.29 -50.80
C ASN C 584 -13.37 -32.69 -50.75
N LYS C 585 -14.14 -32.05 -49.89
CA LYS C 585 -15.56 -32.36 -49.74
C LYS C 585 -16.46 -31.16 -49.91
N GLU C 586 -16.06 -29.99 -49.41
CA GLU C 586 -16.88 -28.79 -49.45
C GLU C 586 -16.39 -27.79 -50.50
N MET C 587 -15.89 -28.29 -51.62
CA MET C 587 -15.38 -27.41 -52.67
C MET C 587 -16.52 -26.91 -53.56
N ARG C 588 -17.57 -26.40 -52.94
CA ARG C 588 -18.69 -25.81 -53.68
C ARG C 588 -19.09 -24.44 -53.14
N LEU C 589 -19.06 -24.26 -51.81
CA LEU C 589 -19.41 -22.99 -51.20
C LEU C 589 -18.20 -22.10 -50.98
N LEU C 590 -17.01 -22.68 -50.83
CA LEU C 590 -15.80 -21.88 -50.72
C LEU C 590 -15.49 -21.15 -52.01
N ARG C 591 -15.93 -21.69 -53.14
CA ARG C 591 -15.78 -20.99 -54.42
C ARG C 591 -16.55 -19.69 -54.46
N HIS C 592 -17.57 -19.54 -53.62
CA HIS C 592 -18.38 -18.33 -53.60
C HIS C 592 -17.86 -17.29 -52.62
N HIS C 593 -17.11 -17.71 -51.61
CA HIS C 593 -16.62 -16.80 -50.58
C HIS C 593 -15.10 -16.63 -50.66
N THR C 594 -14.35 -17.73 -50.59
CA THR C 594 -12.91 -17.66 -50.79
C THR C 594 -12.60 -17.46 -52.27
N ARG C 595 -11.59 -16.64 -52.54
CA ARG C 595 -11.22 -16.28 -53.91
C ARG C 595 -9.81 -16.73 -54.26
N SER C 596 -9.30 -17.75 -53.57
CA SER C 596 -8.01 -18.35 -53.90
C SER C 596 -7.98 -19.73 -53.27
N ALA C 597 -6.93 -20.48 -53.60
CA ALA C 597 -6.82 -21.84 -53.10
C ALA C 597 -5.36 -22.27 -53.10
N VAL C 598 -5.01 -23.08 -52.11
CA VAL C 598 -3.69 -23.70 -52.00
C VAL C 598 -3.89 -25.21 -52.01
N VAL C 599 -3.26 -25.89 -52.96
CA VAL C 599 -3.42 -27.33 -53.15
C VAL C 599 -2.12 -28.01 -52.79
N VAL C 600 -2.21 -29.06 -51.99
CA VAL C 600 -1.07 -29.83 -51.53
C VAL C 600 -1.12 -31.20 -52.20
N HIS C 601 -0.08 -31.51 -52.97
CA HIS C 601 0.04 -32.80 -53.65
C HIS C 601 1.12 -33.62 -52.97
N ARG C 602 0.78 -34.85 -52.59
CA ARG C 602 1.72 -35.77 -51.97
C ARG C 602 2.04 -36.88 -52.96
N ARG C 603 3.33 -37.16 -53.12
CA ARG C 603 3.81 -38.17 -54.07
C ARG C 603 4.99 -38.89 -53.42
N GLY C 604 4.69 -40.01 -52.77
CA GLY C 604 5.71 -40.77 -52.06
C GLY C 604 5.86 -40.28 -50.61
N VAL C 605 6.96 -39.59 -50.34
CA VAL C 605 7.21 -39.01 -49.01
C VAL C 605 7.49 -37.53 -49.17
N GLU C 606 7.01 -36.94 -50.25
CA GLU C 606 7.23 -35.53 -50.55
C GLU C 606 5.90 -34.85 -50.84
N SER C 607 5.82 -33.56 -50.53
CA SER C 607 4.63 -32.77 -50.76
C SER C 607 5.00 -31.45 -51.43
N SER C 608 4.09 -30.96 -52.26
CA SER C 608 4.28 -29.71 -52.98
C SER C 608 3.02 -28.87 -52.88
N LEU C 609 3.20 -27.55 -52.86
CA LEU C 609 2.09 -26.61 -52.74
C LEU C 609 1.97 -25.81 -54.02
N VAL C 610 0.74 -25.67 -54.51
CA VAL C 610 0.45 -24.83 -55.68
C VAL C 610 -0.69 -23.89 -55.30
N SER C 611 -0.46 -22.59 -55.47
CA SER C 611 -1.47 -21.59 -55.14
C SER C 611 -2.07 -21.06 -56.43
N LEU C 612 -3.39 -21.12 -56.54
CA LEU C 612 -4.10 -20.70 -57.74
C LEU C 612 -5.43 -20.06 -57.36
N SER C 613 -5.91 -19.16 -58.22
CA SER C 613 -7.24 -18.62 -58.06
C SER C 613 -8.27 -19.58 -58.65
N TRP C 614 -9.54 -19.28 -58.44
CA TRP C 614 -10.62 -20.12 -58.95
C TRP C 614 -10.73 -19.98 -60.47
N SER D 28 -44.09 2.83 2.52
CA SER D 28 -43.25 1.64 2.46
C SER D 28 -42.22 1.63 3.60
N GLU D 29 -41.00 2.07 3.30
CA GLU D 29 -39.93 2.16 4.28
C GLU D 29 -39.29 3.53 4.24
N THR D 30 -40.11 4.58 4.10
CA THR D 30 -39.63 5.94 4.02
C THR D 30 -40.22 6.76 5.15
N PHE D 31 -39.35 7.39 5.94
CA PHE D 31 -39.80 8.30 6.99
C PHE D 31 -40.24 9.62 6.38
N ILE D 32 -41.37 10.14 6.85
CA ILE D 32 -41.86 11.44 6.41
C ILE D 32 -42.13 12.29 7.64
N LEU D 33 -41.99 13.61 7.48
CA LEU D 33 -42.23 14.52 8.59
C LEU D 33 -43.70 14.54 8.95
N THR D 34 -43.99 14.72 10.24
CA THR D 34 -45.38 14.75 10.70
C THR D 34 -45.74 16.02 11.44
N SER D 35 -44.86 16.52 12.31
CA SER D 35 -45.18 17.71 13.09
C SER D 35 -43.91 18.42 13.50
N ILE D 36 -44.06 19.69 13.82
CA ILE D 36 -42.97 20.51 14.38
C ILE D 36 -43.50 21.22 15.61
N GLU D 37 -42.79 21.11 16.72
CA GLU D 37 -43.20 21.70 17.99
C GLU D 37 -42.15 22.69 18.46
N LEU D 38 -42.62 23.83 18.97
CA LEU D 38 -41.75 24.90 19.42
C LEU D 38 -42.13 25.33 20.82
N TYR D 39 -41.14 25.82 21.57
CA TYR D 39 -41.37 26.34 22.91
C TYR D 39 -40.38 27.47 23.16
N ASN D 40 -40.88 28.71 23.16
CA ASN D 40 -40.06 29.90 23.38
C ASN D 40 -38.89 29.95 22.40
N TRP D 41 -39.21 29.80 21.12
CA TRP D 41 -38.22 29.86 20.05
C TRP D 41 -38.49 31.07 19.19
N GLY D 42 -37.53 31.99 19.14
CA GLY D 42 -37.72 33.21 18.37
C GLY D 42 -38.89 34.02 18.89
N GLY D 43 -39.76 34.42 17.97
CA GLY D 43 -40.92 35.23 18.31
C GLY D 43 -42.12 34.48 18.83
N PHE D 44 -42.03 33.16 18.96
CA PHE D 44 -43.12 32.36 19.48
C PHE D 44 -42.99 32.23 20.99
N GLN D 45 -44.05 32.59 21.71
CA GLN D 45 -44.06 32.56 23.16
C GLN D 45 -44.85 31.34 23.64
N GLY D 46 -44.23 30.53 24.50
CA GLY D 46 -44.89 29.35 25.00
C GLY D 46 -44.88 28.20 24.00
N TYR D 47 -45.84 27.30 24.17
CA TYR D 47 -45.92 26.10 23.36
C TYR D 47 -46.65 26.36 22.06
N HIS D 48 -46.13 25.79 20.97
CA HIS D 48 -46.76 25.89 19.66
C HIS D 48 -46.53 24.59 18.91
N ARG D 49 -47.52 24.23 18.08
CA ARG D 49 -47.47 22.98 17.35
C ARG D 49 -47.96 23.21 15.92
N ALA D 50 -47.31 22.56 14.96
CA ALA D 50 -47.72 22.62 13.56
C ALA D 50 -47.73 21.21 12.98
N GLU D 51 -48.78 20.89 12.24
CA GLU D 51 -48.97 19.58 11.65
C GLU D 51 -48.52 19.58 10.19
N ILE D 52 -48.26 18.37 9.68
CA ILE D 52 -47.82 18.17 8.31
C ILE D 52 -48.67 17.06 7.69
N ASP D 53 -49.07 17.26 6.44
CA ASP D 53 -49.89 16.29 5.73
C ASP D 53 -49.01 15.32 4.95
N PRO D 54 -49.43 14.06 4.84
CA PRO D 54 -48.63 13.08 4.06
C PRO D 54 -48.52 13.42 2.58
N SER D 55 -49.43 14.24 2.04
CA SER D 55 -49.38 14.59 0.62
C SER D 55 -48.60 15.88 0.39
N GLY D 56 -49.03 16.96 1.02
CA GLY D 56 -48.35 18.24 0.87
C GLY D 56 -48.89 19.25 1.86
N THR D 57 -48.08 20.28 2.09
CA THR D 57 -48.43 21.33 3.03
C THR D 57 -47.75 22.62 2.60
N ALA D 58 -48.46 23.74 2.74
CA ALA D 58 -47.92 25.05 2.39
C ALA D 58 -47.89 25.92 3.64
N VAL D 59 -46.76 26.58 3.88
CA VAL D 59 -46.60 27.48 5.02
C VAL D 59 -46.90 28.88 4.50
N ILE D 60 -48.16 29.28 4.60
CA ILE D 60 -48.64 30.55 4.07
C ILE D 60 -48.77 31.56 5.21
N GLY D 61 -48.42 32.81 4.92
CA GLY D 61 -48.52 33.88 5.89
C GLY D 61 -47.87 35.16 5.39
N PRO D 62 -48.19 36.28 6.04
CA PRO D 62 -47.56 37.55 5.67
C PRO D 62 -46.06 37.50 5.86
N THR D 63 -45.35 38.25 5.01
CA THR D 63 -43.90 38.25 5.04
C THR D 63 -43.40 38.82 6.36
N GLY D 64 -42.37 38.17 6.92
CA GLY D 64 -41.79 38.60 8.17
C GLY D 64 -42.54 38.19 9.41
N SER D 65 -43.63 37.43 9.27
CA SER D 65 -44.42 37.02 10.43
C SER D 65 -43.87 35.78 11.12
N GLY D 66 -42.84 35.16 10.58
CA GLY D 66 -42.24 34.00 11.23
C GLY D 66 -42.21 32.75 10.38
N LYS D 67 -42.49 32.88 9.08
CA LYS D 67 -42.42 31.74 8.19
C LYS D 67 -41.01 31.18 8.11
N THR D 68 -40.01 32.07 8.06
CA THR D 68 -38.63 31.61 8.00
C THR D 68 -38.16 31.05 9.33
N THR D 69 -38.76 31.49 10.44
CA THR D 69 -38.36 31.00 11.76
C THR D 69 -38.62 29.51 11.91
N LEU D 70 -39.76 29.04 11.41
CA LEU D 70 -40.10 27.62 11.51
C LEU D 70 -39.07 26.77 10.76
N VAL D 71 -38.72 27.18 9.54
CA VAL D 71 -37.76 26.42 8.75
C VAL D 71 -36.37 26.51 9.36
N ASP D 72 -36.02 27.65 9.95
CA ASP D 72 -34.74 27.75 10.64
C ASP D 72 -34.69 26.79 11.82
N ALA D 73 -35.80 26.68 12.56
CA ALA D 73 -35.87 25.72 13.65
C ALA D 73 -35.70 24.30 13.15
N LEU D 74 -36.33 23.97 12.01
CA LEU D 74 -36.18 22.64 11.44
C LEU D 74 -34.74 22.37 11.01
N MET D 75 -34.10 23.35 10.36
CA MET D 75 -32.76 23.17 9.83
C MET D 75 -31.67 23.24 10.89
N THR D 76 -31.99 23.76 12.09
CA THR D 76 -31.01 23.74 13.16
C THR D 76 -30.62 22.33 13.55
N LEU D 77 -31.54 21.37 13.39
CA LEU D 77 -31.35 20.00 13.83
C LEU D 77 -30.67 19.11 12.80
N LEU D 78 -30.43 19.61 11.57
CA LEU D 78 -29.96 18.76 10.49
C LEU D 78 -28.57 19.10 9.97
N CYS D 79 -28.07 20.31 10.19
CA CYS D 79 -26.77 20.71 9.69
C CYS D 79 -25.96 21.40 10.79
N ALA D 80 -24.63 21.30 10.67
CA ALA D 80 -23.76 21.87 11.69
C ALA D 80 -23.77 23.40 11.65
N ASN D 81 -23.71 23.98 10.45
CA ASN D 81 -23.66 25.44 10.28
C ASN D 81 -24.80 25.84 9.35
N PRO D 82 -25.99 26.10 9.89
CA PRO D 82 -27.11 26.53 9.05
C PRO D 82 -26.87 27.92 8.47
N ARG D 83 -27.53 28.16 7.34
CA ARG D 83 -27.52 29.49 6.70
C ARG D 83 -28.83 30.17 7.07
N TYR D 84 -28.80 30.93 8.16
CA TYR D 84 -30.00 31.64 8.63
C TYR D 84 -30.29 32.85 7.75
N ARG D 96 -29.40 35.47 13.43
CA ARG D 96 -28.31 34.86 12.66
C ARG D 96 -27.56 33.84 13.49
N ASP D 97 -27.98 33.66 14.73
CA ASP D 97 -27.34 32.71 15.63
C ASP D 97 -28.36 32.27 16.67
N LEU D 98 -28.03 31.18 17.37
CA LEU D 98 -28.97 30.58 18.31
C LEU D 98 -29.33 31.53 19.45
N VAL D 99 -28.41 32.42 19.83
CA VAL D 99 -28.68 33.33 20.94
C VAL D 99 -29.84 34.25 20.60
N SER D 100 -29.87 34.75 19.37
CA SER D 100 -30.96 35.63 18.95
C SER D 100 -32.31 34.93 19.03
N TYR D 101 -32.38 33.67 18.58
CA TYR D 101 -33.62 32.93 18.64
C TYR D 101 -34.02 32.62 20.08
N VAL D 102 -33.04 32.28 20.93
CA VAL D 102 -33.34 31.97 22.33
C VAL D 102 -33.90 33.18 23.04
N ARG D 103 -33.27 34.34 22.86
CA ARG D 103 -33.68 35.55 23.56
C ARG D 103 -34.74 36.34 22.81
N GLY D 104 -35.17 35.89 21.63
CA GLY D 104 -36.24 36.54 20.91
C GLY D 104 -35.93 37.96 20.46
N VAL D 105 -34.74 38.16 19.89
CA VAL D 105 -34.34 39.47 19.40
C VAL D 105 -35.23 39.91 18.24
N ILE D 118 -35.33 42.83 22.86
CA ILE D 118 -35.26 41.53 23.50
C ILE D 118 -36.54 41.26 24.28
N ALA D 119 -37.09 40.05 24.11
CA ALA D 119 -38.33 39.67 24.76
C ALA D 119 -38.13 38.85 26.03
N ARG D 120 -37.00 38.15 26.15
CA ARG D 120 -36.71 37.31 27.31
C ARG D 120 -35.29 37.57 27.77
N GLN D 121 -35.15 38.02 29.01
CA GLN D 121 -33.85 38.34 29.59
C GLN D 121 -33.65 37.57 30.89
N GLY D 122 -32.43 37.09 31.10
CA GLY D 122 -32.10 36.34 32.29
C GLY D 122 -32.23 34.85 32.12
N LYS D 123 -32.71 34.17 33.15
CA LYS D 123 -32.87 32.71 33.09
C LYS D 123 -34.00 32.37 32.12
N THR D 124 -33.72 31.47 31.17
CA THR D 124 -34.71 31.14 30.17
C THR D 124 -34.46 29.77 29.60
N VAL D 125 -35.51 29.17 29.03
CA VAL D 125 -35.48 27.83 28.48
C VAL D 125 -36.13 27.85 27.10
N THR D 126 -35.53 27.13 26.16
CA THR D 126 -36.04 26.99 24.80
C THR D 126 -35.90 25.54 24.38
N ALA D 127 -36.90 25.02 23.69
CA ALA D 127 -36.87 23.64 23.23
C ALA D 127 -37.57 23.52 21.89
N ILE D 128 -37.06 22.62 21.05
CA ILE D 128 -37.60 22.37 19.73
C ILE D 128 -37.61 20.86 19.48
N ALA D 129 -38.52 20.42 18.61
CA ALA D 129 -38.65 19.00 18.31
C ALA D 129 -39.22 18.82 16.91
N ALA D 130 -39.01 17.63 16.36
CA ALA D 130 -39.52 17.27 15.05
C ALA D 130 -39.69 15.76 14.99
N THR D 131 -40.77 15.32 14.35
CA THR D 131 -41.17 13.92 14.36
C THR D 131 -41.23 13.39 12.93
N LEU D 132 -40.66 12.21 12.71
CA LEU D 132 -40.76 11.50 11.45
C LEU D 132 -41.39 10.13 11.67
N GLU D 133 -42.25 9.73 10.76
CA GLU D 133 -43.01 8.50 10.91
C GLU D 133 -42.96 7.67 9.64
N ARG D 134 -43.27 6.39 9.80
CA ARG D 134 -43.34 5.43 8.71
C ARG D 134 -44.42 4.42 9.06
N ASP D 135 -44.43 3.29 8.37
CA ASP D 135 -45.40 2.22 8.62
C ASP D 135 -44.87 1.35 9.76
N GLY D 136 -45.25 1.70 10.98
CA GLY D 136 -44.89 0.91 12.14
C GLY D 136 -43.68 1.35 12.92
N ALA D 137 -43.27 2.61 12.80
CA ALA D 137 -42.14 3.12 13.55
C ALA D 137 -42.26 4.64 13.66
N GLN D 138 -41.44 5.22 14.52
CA GLN D 138 -41.46 6.65 14.77
C GLN D 138 -40.10 7.07 15.31
N VAL D 139 -39.64 8.25 14.91
CA VAL D 139 -38.39 8.80 15.38
C VAL D 139 -38.60 10.28 15.67
N ARG D 140 -37.92 10.77 16.71
CA ARG D 140 -38.06 12.17 17.13
C ARG D 140 -36.69 12.77 17.37
N LEU D 141 -36.46 13.95 16.79
CA LEU D 141 -35.23 14.70 16.98
C LEU D 141 -35.56 15.98 17.73
N GLY D 142 -34.84 16.25 18.81
CA GLY D 142 -35.15 17.39 19.64
C GLY D 142 -33.89 18.07 20.15
N ALA D 143 -34.09 19.28 20.66
CA ALA D 143 -33.01 20.07 21.22
C ALA D 143 -33.54 20.92 22.36
N VAL D 144 -32.73 21.04 23.42
CA VAL D 144 -33.06 21.85 24.58
C VAL D 144 -31.89 22.78 24.85
N LEU D 145 -32.14 24.08 24.81
CA LEU D 145 -31.15 25.11 25.12
C LEU D 145 -31.66 25.93 26.31
N TRP D 146 -30.72 26.44 27.11
CA TRP D 146 -31.13 27.27 28.23
C TRP D 146 -30.02 28.24 28.62
N PHE D 147 -30.45 29.31 29.29
CA PHE D 147 -29.59 30.35 29.81
C PHE D 147 -29.83 30.48 31.31
N GLU D 148 -28.74 30.44 32.09
CA GLU D 148 -28.88 30.46 33.55
C GLU D 148 -29.23 31.84 34.06
N GLY D 149 -28.63 32.88 33.51
CA GLY D 149 -28.84 34.24 33.98
C GLY D 149 -28.81 35.23 32.85
N THR D 150 -28.41 36.47 33.18
CA THR D 150 -28.39 37.56 32.22
C THR D 150 -27.11 37.61 31.40
N SER D 151 -26.17 36.69 31.62
CA SER D 151 -24.91 36.69 30.89
C SER D 151 -25.12 36.20 29.46
N SER D 152 -25.71 37.04 28.62
CA SER D 152 -26.00 36.67 27.24
C SER D 152 -24.70 36.60 26.46
N SER D 153 -24.18 35.39 26.26
CA SER D 153 -22.94 35.19 25.54
C SER D 153 -22.98 33.84 24.86
N ALA D 154 -22.10 33.67 23.87
CA ALA D 154 -22.04 32.41 23.12
C ALA D 154 -21.58 31.25 23.99
N SER D 155 -20.70 31.50 24.95
CA SER D 155 -20.14 30.46 25.79
C SER D 155 -20.99 30.19 27.03
N ASP D 156 -22.08 30.91 27.23
CA ASP D 156 -22.93 30.74 28.40
C ASP D 156 -24.25 30.04 28.07
N LEU D 157 -24.49 29.71 26.81
CA LEU D 157 -25.69 28.98 26.42
C LEU D 157 -25.44 27.49 26.56
N LYS D 158 -26.34 26.79 27.27
CA LYS D 158 -26.18 25.36 27.52
C LYS D 158 -27.13 24.59 26.63
N LYS D 159 -26.60 23.57 25.95
CA LYS D 159 -27.31 22.87 24.89
C LYS D 159 -27.31 21.37 25.15
N LEU D 160 -28.37 20.71 24.67
CA LEU D 160 -28.43 19.26 24.65
C LEU D 160 -29.28 18.83 23.47
N TRP D 161 -28.86 17.75 22.79
CA TRP D 161 -29.58 17.22 21.65
C TRP D 161 -30.09 15.83 21.97
N LEU D 162 -31.26 15.48 21.43
CA LEU D 162 -31.94 14.25 21.81
C LEU D 162 -32.43 13.52 20.56
N LEU D 163 -32.20 12.21 20.54
CA LEU D 163 -32.71 11.34 19.48
C LEU D 163 -33.47 10.20 20.13
N SER D 164 -34.76 10.06 19.82
CA SER D 164 -35.59 9.12 20.56
C SER D 164 -36.49 8.33 19.63
N GLU D 165 -36.86 7.14 20.09
CA GLU D 165 -37.87 6.30 19.44
C GLU D 165 -38.99 5.88 20.37
N SER D 166 -38.81 5.97 21.68
CA SER D 166 -39.86 5.58 22.60
C SER D 166 -41.04 6.54 22.50
N PRO D 167 -42.28 6.05 22.60
CA PRO D 167 -43.44 6.95 22.52
C PRO D 167 -43.65 7.80 23.76
N GLU D 168 -42.91 7.55 24.85
CA GLU D 168 -43.05 8.30 26.08
C GLU D 168 -42.20 9.57 26.10
N GLN D 169 -41.30 9.74 25.13
CA GLN D 169 -40.41 10.89 25.10
C GLN D 169 -41.08 12.01 24.33
N THR D 170 -41.54 13.03 25.05
CA THR D 170 -42.19 14.18 24.45
C THR D 170 -41.45 15.46 24.85
N LEU D 171 -41.89 16.58 24.28
CA LEU D 171 -41.29 17.86 24.61
C LEU D 171 -41.57 18.23 26.07
N GLU D 172 -42.80 18.02 26.53
CA GLU D 172 -43.16 18.39 27.89
C GLU D 172 -42.41 17.54 28.90
N HIS D 173 -42.16 16.27 28.59
CA HIS D 173 -41.36 15.43 29.49
C HIS D 173 -39.95 15.98 29.63
N TRP D 174 -39.33 16.38 28.51
CA TRP D 174 -38.00 16.97 28.57
C TRP D 174 -38.01 18.25 29.38
N LEU D 175 -39.02 19.10 29.17
CA LEU D 175 -39.10 20.34 29.92
C LEU D 175 -39.28 20.09 31.41
N SER D 176 -40.11 19.11 31.78
CA SER D 176 -40.29 18.77 33.17
C SER D 176 -39.01 18.27 33.80
N GLN D 177 -38.28 17.41 33.09
CA GLN D 177 -37.01 16.92 33.62
C GLN D 177 -36.01 18.05 33.81
N HIS D 178 -35.93 18.97 32.85
CA HIS D 178 -35.04 20.12 33.01
C HIS D 178 -35.47 20.99 34.19
N HIS D 179 -36.76 21.24 34.32
CA HIS D 179 -37.28 22.06 35.41
C HIS D 179 -37.04 21.43 36.77
N ALA D 180 -36.99 20.09 36.84
CA ALA D 180 -36.79 19.39 38.10
C ALA D 180 -35.33 19.16 38.45
N GLY D 181 -34.45 19.00 37.47
CA GLY D 181 -33.07 18.67 37.78
C GLY D 181 -32.01 19.35 36.93
N GLY D 182 -32.42 20.25 36.03
CA GLY D 182 -31.46 20.94 35.20
C GLY D 182 -30.82 20.07 34.15
N MET D 183 -29.52 19.80 34.30
CA MET D 183 -28.79 18.98 33.33
C MET D 183 -28.70 17.52 33.76
N ARG D 184 -28.49 17.25 35.04
CA ARG D 184 -28.35 15.88 35.50
C ARG D 184 -29.62 15.07 35.23
N ALA D 185 -30.78 15.67 35.45
CA ALA D 185 -32.03 14.95 35.21
C ALA D 185 -32.23 14.64 33.73
N LEU D 186 -31.66 15.46 32.84
CA LEU D 186 -31.77 15.16 31.41
C LEU D 186 -30.89 13.98 31.03
N ARG D 187 -29.66 13.95 31.52
CA ARG D 187 -28.76 12.84 31.24
C ARG D 187 -29.10 11.58 32.03
N GLN D 188 -29.98 11.69 33.03
CA GLN D 188 -30.40 10.53 33.79
C GLN D 188 -31.42 9.68 33.04
N MET D 189 -32.09 10.24 32.02
CA MET D 189 -33.10 9.49 31.29
C MET D 189 -32.52 8.30 30.55
N GLU D 190 -31.20 8.29 30.30
CA GLU D 190 -30.59 7.19 29.57
C GLU D 190 -30.43 5.94 30.44
N LYS D 191 -30.49 6.08 31.76
CA LYS D 191 -30.38 4.93 32.66
C LYS D 191 -31.73 4.39 33.10
N ASP D 192 -32.84 5.02 32.72
CA ASP D 192 -34.16 4.61 33.14
C ASP D 192 -35.06 4.24 31.97
N GLY D 193 -34.55 4.27 30.75
CA GLY D 193 -35.32 3.92 29.57
C GLY D 193 -34.41 3.31 28.53
N MET D 194 -35.01 2.94 27.40
CA MET D 194 -34.25 2.27 26.34
C MET D 194 -34.18 3.08 25.06
N GLY D 195 -35.29 3.66 24.60
CA GLY D 195 -35.30 4.34 23.32
C GLY D 195 -34.98 5.81 23.38
N ILE D 196 -33.93 6.19 24.11
CA ILE D 196 -33.54 7.59 24.23
C ILE D 196 -32.02 7.70 24.11
N TRP D 197 -31.56 8.72 23.39
CA TRP D 197 -30.13 8.97 23.25
C TRP D 197 -29.85 10.46 23.35
N PRO D 198 -29.27 10.92 24.47
CA PRO D 198 -28.85 12.32 24.58
C PRO D 198 -27.39 12.53 24.21
N TYR D 199 -27.12 13.65 23.56
CA TYR D 199 -25.78 14.05 23.16
C TYR D 199 -25.53 15.47 23.62
N PRO D 200 -24.53 15.72 24.47
CA PRO D 200 -24.07 17.10 24.69
C PRO D 200 -23.02 17.51 23.67
N SER D 201 -23.24 17.18 22.40
CA SER D 201 -22.28 17.49 21.35
C SER D 201 -22.94 17.36 19.98
N LYS D 202 -22.92 18.43 19.17
CA LYS D 202 -23.59 18.36 17.89
C LYS D 202 -22.85 17.50 16.88
N LYS D 203 -21.53 17.34 17.03
CA LYS D 203 -20.77 16.54 16.08
C LYS D 203 -21.17 15.06 16.16
N ALA D 204 -21.15 14.50 17.37
CA ALA D 204 -21.54 13.10 17.54
C ALA D 204 -23.02 12.91 17.22
N PHE D 205 -23.86 13.89 17.59
CA PHE D 205 -25.27 13.80 17.26
C PHE D 205 -25.49 13.73 15.77
N LEU D 206 -24.80 14.57 15.00
CA LEU D 206 -24.96 14.56 13.55
C LEU D 206 -24.38 13.29 12.94
N ALA D 207 -23.28 12.77 13.51
CA ALA D 207 -22.75 11.51 13.02
C ALA D 207 -23.76 10.38 13.22
N ARG D 208 -24.37 10.31 14.39
CA ARG D 208 -25.40 9.32 14.65
C ARG D 208 -26.59 9.51 13.72
N LEU D 209 -26.98 10.76 13.49
CA LEU D 209 -28.11 11.05 12.61
C LEU D 209 -27.84 10.57 11.19
N ARG D 210 -26.64 10.84 10.68
CA ARG D 210 -26.29 10.39 9.34
C ARG D 210 -26.11 8.87 9.26
N ASP D 211 -25.80 8.22 10.38
CA ASP D 211 -25.78 6.77 10.39
C ASP D 211 -27.19 6.18 10.42
N TYR D 212 -28.12 6.85 11.10
CA TYR D 212 -29.48 6.31 11.20
C TYR D 212 -30.14 6.23 9.83
N PHE D 213 -30.14 7.34 9.09
CA PHE D 213 -30.59 7.36 7.71
C PHE D 213 -29.34 7.23 6.84
N GLU D 214 -29.22 6.12 6.12
CA GLU D 214 -27.97 5.74 5.46
C GLU D 214 -27.72 6.70 4.30
N VAL D 215 -27.24 7.89 4.64
CA VAL D 215 -26.96 8.94 3.68
C VAL D 215 -25.49 9.33 3.77
N GLY D 216 -25.06 10.18 2.85
CA GLY D 216 -23.70 10.67 2.84
C GLY D 216 -23.49 11.80 3.83
N GLU D 217 -22.32 12.40 3.75
CA GLU D 217 -21.94 13.48 4.65
C GLU D 217 -22.39 14.86 4.18
N ASN D 218 -22.98 14.96 2.99
CA ASN D 218 -23.37 16.24 2.43
C ASN D 218 -24.84 16.33 2.04
N ALA D 219 -25.64 15.30 2.32
CA ALA D 219 -27.04 15.33 1.94
C ALA D 219 -27.80 16.45 2.64
N PHE D 220 -27.57 16.60 3.94
CA PHE D 220 -28.31 17.61 4.70
C PHE D 220 -27.85 19.02 4.36
N THR D 221 -26.57 19.20 4.04
CA THR D 221 -26.10 20.50 3.58
C THR D 221 -26.79 20.89 2.28
N LEU D 222 -26.88 19.96 1.33
CA LEU D 222 -27.58 20.23 0.08
C LEU D 222 -29.05 20.51 0.34
N LEU D 223 -29.67 19.77 1.25
CA LEU D 223 -31.06 20.01 1.59
C LEU D 223 -31.24 21.41 2.17
N ASN D 224 -30.26 21.88 2.94
CA ASN D 224 -30.35 23.22 3.51
C ASN D 224 -30.16 24.29 2.45
N ARG D 225 -29.27 24.06 1.48
CA ARG D 225 -29.03 25.05 0.44
C ARG D 225 -30.28 25.29 -0.40
N ALA D 226 -30.99 24.22 -0.75
CA ALA D 226 -32.17 24.30 -1.61
C ALA D 226 -33.45 24.59 -0.83
N ALA D 227 -33.33 25.20 0.34
CA ALA D 227 -34.44 25.45 1.26
C ALA D 227 -34.51 26.93 1.61
N GLY D 228 -34.54 27.77 0.58
CA GLY D 228 -34.39 29.20 0.78
C GLY D 228 -33.66 29.85 -0.39
N LEU D 229 -33.30 29.05 -1.37
CA LEU D 229 -32.81 29.58 -2.64
C LEU D 229 -33.81 30.57 -3.22
N LYS D 230 -33.32 31.75 -3.60
CA LYS D 230 -34.21 32.84 -3.99
C LYS D 230 -34.66 32.71 -5.44
N GLN D 231 -33.71 32.75 -6.36
CA GLN D 231 -34.01 32.79 -7.79
C GLN D 231 -33.23 31.71 -8.53
N LEU D 232 -33.86 31.13 -9.54
CA LEU D 232 -33.21 30.12 -10.39
C LEU D 232 -32.35 30.84 -11.41
N ASN D 233 -31.03 30.82 -11.19
CA ASN D 233 -30.08 31.54 -12.01
C ASN D 233 -29.66 30.67 -13.20
N SER D 234 -28.59 31.07 -13.88
CA SER D 234 -28.08 30.30 -15.01
C SER D 234 -27.69 28.89 -14.58
N ILE D 235 -27.65 27.98 -15.56
CA ILE D 235 -27.39 26.57 -15.28
C ILE D 235 -26.00 26.39 -14.66
N ASP D 236 -24.99 27.06 -15.23
CA ASP D 236 -23.65 26.96 -14.69
C ASP D 236 -23.60 27.48 -13.26
N GLU D 237 -24.23 28.63 -13.00
CA GLU D 237 -24.23 29.19 -11.66
C GLU D 237 -24.93 28.27 -10.67
N ILE D 238 -26.08 27.71 -11.07
CA ILE D 238 -26.83 26.83 -10.17
C ILE D 238 -26.03 25.57 -9.86
N PHE D 239 -25.42 24.97 -10.88
CA PHE D 239 -24.67 23.75 -10.65
C PHE D 239 -23.38 24.01 -9.89
N ARG D 240 -22.80 25.20 -10.04
CA ARG D 240 -21.54 25.53 -9.38
C ARG D 240 -21.74 26.12 -8.00
N GLU D 241 -22.97 26.45 -7.61
CA GLU D 241 -23.19 27.13 -6.35
C GLU D 241 -24.07 26.31 -5.40
N LEU D 242 -24.94 25.47 -5.95
CA LEU D 242 -25.88 24.71 -5.14
C LEU D 242 -25.59 23.22 -5.10
N VAL D 243 -25.51 22.57 -6.27
CA VAL D 243 -25.36 21.11 -6.28
C VAL D 243 -23.99 20.70 -5.75
N LEU D 244 -22.95 21.35 -6.22
CA LEU D 244 -21.59 21.00 -5.82
C LEU D 244 -21.20 21.72 -4.54
N ASP D 245 -20.32 21.09 -3.77
CA ASP D 245 -19.87 21.60 -2.49
C ASP D 245 -18.49 22.22 -2.61
N ASP D 246 -18.21 23.18 -1.73
CA ASP D 246 -16.96 23.95 -1.77
C ASP D 246 -15.83 23.09 -1.23
N ARG D 247 -14.87 22.76 -2.09
CA ARG D 247 -13.68 22.00 -1.70
C ARG D 247 -12.43 22.64 -2.28
N SER D 248 -12.36 23.97 -2.23
CA SER D 248 -11.21 24.69 -2.77
C SER D 248 -9.96 24.40 -1.95
N ALA D 249 -8.81 24.64 -2.57
CA ALA D 249 -7.51 24.34 -1.97
C ALA D 249 -6.74 25.61 -1.60
N PHE D 250 -7.45 26.69 -1.23
CA PHE D 250 -6.79 27.92 -0.84
C PHE D 250 -6.02 27.77 0.46
N GLU D 251 -6.38 26.80 1.30
CA GLU D 251 -5.68 26.65 2.58
C GLU D 251 -4.30 26.04 2.40
N ARG D 252 -4.17 25.03 1.52
CA ARG D 252 -2.89 24.36 1.35
C ARG D 252 -1.85 25.27 0.69
N ALA D 253 -2.29 26.22 -0.13
CA ALA D 253 -1.36 27.10 -0.81
C ALA D 253 -0.58 27.95 0.18
N ALA D 254 -1.24 28.44 1.23
CA ALA D 254 -0.55 29.22 2.24
C ALA D 254 0.52 28.39 2.95
N GLU D 255 0.20 27.14 3.28
CA GLU D 255 1.18 26.27 3.92
C GLU D 255 2.37 26.02 3.00
N VAL D 256 2.10 25.79 1.72
CA VAL D 256 3.20 25.56 0.77
C VAL D 256 4.08 26.79 0.68
N ALA D 257 3.47 27.97 0.61
CA ALA D 257 4.25 29.21 0.54
C ALA D 257 5.08 29.41 1.79
N SER D 258 4.53 29.12 2.96
CA SER D 258 5.28 29.24 4.20
C SER D 258 6.47 28.29 4.22
N SER D 259 6.26 27.04 3.76
CA SER D 259 7.36 26.09 3.71
C SER D 259 8.46 26.55 2.77
N PHE D 260 8.08 27.11 1.62
CA PHE D 260 9.08 27.62 0.70
C PHE D 260 9.86 28.79 1.32
N ASP D 261 9.16 29.68 2.01
CA ASP D 261 9.84 30.78 2.68
C ASP D 261 10.79 30.27 3.77
N ASP D 262 10.45 29.15 4.40
CA ASP D 262 11.38 28.54 5.35
C ASP D 262 12.61 27.98 4.63
N LEU D 263 12.42 27.38 3.45
CA LEU D 263 13.53 26.82 2.70
C LEU D 263 14.51 27.89 2.23
N THR D 264 13.99 29.08 1.91
CA THR D 264 14.87 30.14 1.42
C THR D 264 15.95 30.51 2.44
N ASP D 265 15.65 30.38 3.73
CA ASP D 265 16.64 30.70 4.75
C ASP D 265 17.81 29.72 4.73
N ILE D 266 17.52 28.43 4.60
CA ILE D 266 18.58 27.43 4.47
C ILE D 266 19.40 27.71 3.23
N HIS D 267 18.74 28.08 2.13
CA HIS D 267 19.48 28.42 0.93
C HIS D 267 20.43 29.60 1.17
N ARG D 268 19.95 30.62 1.89
CA ARG D 268 20.80 31.76 2.19
C ARG D 268 22.00 31.35 3.04
N GLU D 269 21.79 30.48 4.03
CA GLU D 269 22.90 30.02 4.86
C GLU D 269 23.95 29.30 4.01
N LEU D 270 23.49 28.42 3.11
CA LEU D 270 24.44 27.70 2.26
C LEU D 270 25.22 28.67 1.38
N GLU D 271 24.55 29.67 0.81
CA GLU D 271 25.25 30.63 -0.04
C GLU D 271 26.27 31.44 0.76
N THR D 272 25.91 31.82 1.99
CA THR D 272 26.85 32.55 2.83
C THR D 272 28.09 31.73 3.12
N ALA D 273 27.90 30.44 3.44
CA ALA D 273 29.05 29.57 3.71
C ALA D 273 29.95 29.45 2.50
N ARG D 274 29.36 29.27 1.30
CA ARG D 274 30.17 29.18 0.10
C ARG D 274 30.94 30.46 -0.17
N LYS D 275 30.29 31.61 0.05
CA LYS D 275 30.97 32.89 -0.14
C LYS D 275 32.14 33.03 0.82
N GLN D 276 31.97 32.61 2.06
CA GLN D 276 33.07 32.68 3.03
C GLN D 276 34.24 31.79 2.61
N GLN D 277 33.95 30.58 2.15
CA GLN D 277 35.04 29.68 1.74
C GLN D 277 35.81 30.24 0.55
N ARG D 278 35.08 30.80 -0.43
CA ARG D 278 35.75 31.36 -1.60
C ARG D 278 36.67 32.51 -1.24
N SER D 279 36.31 33.28 -0.21
CA SER D 279 37.18 34.37 0.22
C SER D 279 38.36 33.85 1.03
N LEU D 280 38.15 32.78 1.79
CA LEU D 280 39.23 32.28 2.65
C LEU D 280 40.31 31.53 1.88
N GLN D 281 39.97 30.89 0.74
CA GLN D 281 40.97 30.11 0.02
C GLN D 281 42.22 30.91 -0.40
N PRO D 282 42.12 32.14 -0.90
CA PRO D 282 43.34 32.85 -1.30
C PRO D 282 44.33 33.07 -0.18
N VAL D 283 43.88 33.16 1.08
CA VAL D 283 44.81 33.24 2.20
C VAL D 283 45.66 31.98 2.28
N ALA D 284 45.03 30.82 2.10
CA ALA D 284 45.78 29.57 2.08
C ALA D 284 46.76 29.53 0.91
N ASP D 285 46.37 30.04 -0.26
CA ASP D 285 47.33 30.10 -1.36
C ASP D 285 48.51 31.03 -1.03
N GLY D 286 48.22 32.18 -0.43
CA GLY D 286 49.26 33.13 -0.10
C GLY D 286 50.23 32.62 0.93
N TRP D 287 49.76 31.81 1.89
CA TRP D 287 50.67 31.23 2.87
C TRP D 287 51.66 30.28 2.20
N GLU D 288 51.18 29.46 1.25
CA GLU D 288 52.09 28.61 0.49
C GLU D 288 53.09 29.44 -0.30
N ARG D 289 52.62 30.54 -0.90
CA ARG D 289 53.54 31.42 -1.63
C ARG D 289 54.60 32.00 -0.69
N TYR D 290 54.19 32.40 0.51
CA TYR D 290 55.14 32.97 1.46
C TYR D 290 56.16 31.95 1.92
N ARG D 291 55.74 30.70 2.14
CA ARG D 291 56.68 29.67 2.57
C ARG D 291 57.67 29.28 1.49
N ALA D 292 57.43 29.68 0.24
CA ALA D 292 58.34 29.35 -0.86
C ALA D 292 59.66 30.10 -0.73
N ASP D 324 57.87 42.12 1.25
CA ASP D 324 57.82 41.35 0.02
C ASP D 324 56.38 41.04 -0.35
N GLN D 325 55.94 39.82 -0.03
CA GLN D 325 54.57 39.39 -0.28
C GLN D 325 53.67 39.56 0.94
N LYS D 326 54.18 40.14 2.03
CA LYS D 326 53.37 40.30 3.23
C LYS D 326 52.21 41.26 3.00
N THR D 327 52.40 42.25 2.12
CA THR D 327 51.31 43.19 1.83
C THR D 327 50.13 42.47 1.19
N GLU D 328 50.40 41.57 0.24
CA GLU D 328 49.32 40.81 -0.38
C GLU D 328 48.63 39.91 0.63
N LEU D 329 49.38 39.29 1.53
CA LEU D 329 48.79 38.45 2.55
C LEU D 329 47.90 39.26 3.49
N ALA D 330 48.36 40.46 3.86
CA ALA D 330 47.53 41.34 4.68
C ALA D 330 46.26 41.74 3.96
N LYS D 331 46.36 42.03 2.66
CA LYS D 331 45.18 42.35 1.87
C LYS D 331 44.19 41.18 1.84
N ARG D 332 44.71 39.97 1.64
CA ARG D 332 43.85 38.78 1.60
C ARG D 332 43.18 38.55 2.94
N MET D 333 43.92 38.73 4.04
CA MET D 333 43.34 38.57 5.36
C MET D 333 42.28 39.63 5.62
N SER D 334 42.49 40.85 5.16
CA SER D 334 41.46 41.88 5.27
C SER D 334 40.21 41.49 4.50
N ASP D 335 40.38 40.98 3.27
CA ASP D 335 39.23 40.53 2.49
C ASP D 335 38.50 39.41 3.20
N ALA D 336 39.23 38.46 3.78
CA ALA D 336 38.60 37.37 4.50
C ALA D 336 37.83 37.87 5.71
N LEU D 337 38.42 38.80 6.48
CA LEU D 337 37.73 39.38 7.62
C LEU D 337 36.50 40.19 7.20
N LYS D 338 36.50 40.73 5.99
CA LYS D 338 35.35 41.50 5.53
C LYS D 338 34.09 40.64 5.46
N ALA D 339 34.21 39.41 4.94
CA ALA D 339 33.07 38.55 4.73
C ALA D 339 32.71 37.70 5.95
N ASP D 340 33.53 37.72 7.00
CA ASP D 340 33.25 36.89 8.17
C ASP D 340 32.02 37.42 8.91
N THR D 341 31.36 36.52 9.63
CA THR D 341 30.15 36.85 10.37
C THR D 341 30.29 36.58 11.86
N GLY D 342 31.52 36.54 12.38
CA GLY D 342 31.73 36.34 13.79
C GLY D 342 32.70 35.24 14.15
N ALA D 343 32.99 34.35 13.19
CA ALA D 343 33.94 33.28 13.44
C ALA D 343 35.34 33.84 13.71
N LEU D 344 35.79 34.76 12.86
CA LEU D 344 37.05 35.45 13.08
C LEU D 344 36.79 36.82 13.71
N ALA D 345 36.42 36.76 15.00
CA ALA D 345 35.97 37.96 15.70
C ALA D 345 37.10 38.97 15.86
N GLU D 346 38.16 38.58 16.56
CA GLU D 346 39.27 39.47 16.87
C GLU D 346 40.57 38.81 16.39
N VAL D 347 40.90 39.01 15.11
CA VAL D 347 42.10 38.45 14.51
C VAL D 347 42.79 39.55 13.71
N GLY D 348 44.09 39.73 13.95
CA GLY D 348 44.87 40.73 13.25
C GLY D 348 45.51 40.18 12.00
N ARG D 349 46.41 40.98 11.42
CA ARG D 349 47.15 40.61 10.22
C ARG D 349 48.53 40.06 10.54
N GLU D 350 48.80 39.76 11.80
CA GLU D 350 50.10 39.22 12.18
C GLU D 350 50.31 37.83 11.58
N LEU D 351 51.57 37.53 11.26
CA LEU D 351 51.89 36.22 10.70
C LEU D 351 51.60 35.08 11.67
N VAL D 352 51.50 35.38 12.96
CA VAL D 352 51.11 34.36 13.94
C VAL D 352 49.63 34.03 13.88
N ASP D 353 48.83 34.89 13.25
CA ASP D 353 47.39 34.63 13.09
C ASP D 353 47.07 33.85 11.82
N VAL D 354 48.05 33.64 10.94
CA VAL D 354 47.79 32.90 9.71
C VAL D 354 47.24 31.49 9.98
N PRO D 355 47.79 30.70 10.91
CA PRO D 355 47.20 29.38 11.16
C PRO D 355 45.73 29.44 11.53
N ARG D 356 45.33 30.44 12.32
CA ARG D 356 43.93 30.54 12.73
C ARG D 356 43.01 30.56 11.51
N TYR D 357 43.28 31.46 10.55
CA TYR D 357 42.52 31.48 9.32
C TYR D 357 42.45 30.09 8.71
N LEU D 358 43.59 29.43 8.58
CA LEU D 358 43.63 28.11 7.96
C LEU D 358 42.67 27.17 8.68
N GLU D 359 42.71 27.17 10.02
CA GLU D 359 41.82 26.28 10.76
C GLU D 359 40.38 26.55 10.39
N ARG D 360 39.99 27.83 10.36
CA ARG D 360 38.62 28.17 9.96
C ARG D 360 38.31 27.59 8.59
N LEU D 361 39.23 27.73 7.64
CA LEU D 361 38.99 27.20 6.30
C LEU D 361 38.70 25.70 6.38
N ARG D 362 39.48 24.97 7.17
CA ARG D 362 39.25 23.54 7.29
C ARG D 362 37.86 23.26 7.84
N VAL D 363 37.43 24.03 8.85
CA VAL D 363 36.11 23.82 9.42
C VAL D 363 35.04 24.05 8.37
N LEU D 364 35.29 24.99 7.44
CA LEU D 364 34.34 25.21 6.36
C LEU D 364 34.30 24.02 5.41
N THR D 365 35.46 23.44 5.11
CA THR D 365 35.53 22.46 4.03
C THR D 365 34.97 21.10 4.47
N GLU D 366 35.22 20.71 5.72
CA GLU D 366 34.95 19.35 6.14
C GLU D 366 33.70 19.18 6.98
N GLU D 367 33.25 20.21 7.68
CA GLU D 367 32.17 20.06 8.65
C GLU D 367 30.92 20.86 8.31
N ALA D 368 31.05 22.17 8.09
CA ALA D 368 29.86 23.01 7.95
C ALA D 368 29.20 22.83 6.59
N LEU D 369 29.98 22.94 5.52
CA LEU D 369 29.41 22.87 4.17
C LEU D 369 28.70 21.56 3.89
N PRO D 370 29.27 20.38 4.18
CA PRO D 370 28.51 19.15 3.94
C PRO D 370 27.19 19.09 4.68
N GLU D 371 27.16 19.54 5.93
CA GLU D 371 25.93 19.51 6.71
C GLU D 371 24.88 20.44 6.13
N LYS D 372 25.29 21.66 5.77
CA LYS D 372 24.34 22.62 5.21
C LYS D 372 23.82 22.14 3.86
N LEU D 373 24.70 21.58 3.02
CA LEU D 373 24.27 21.05 1.74
C LEU D 373 23.29 19.90 1.92
N LYS D 374 23.57 18.99 2.85
CA LYS D 374 22.68 17.86 3.09
C LYS D 374 21.31 18.32 3.56
N ARG D 375 21.28 19.26 4.50
CA ARG D 375 19.99 19.76 4.99
C ARG D 375 19.23 20.47 3.88
N PHE D 376 19.93 21.28 3.07
CA PHE D 376 19.27 21.97 1.97
C PHE D 376 18.69 20.98 0.97
N LEU D 377 19.43 19.95 0.61
CA LEU D 377 18.92 18.97 -0.34
C LEU D 377 17.72 18.22 0.22
N GLU D 378 17.78 17.83 1.49
CA GLU D 378 16.63 17.12 2.08
C GLU D 378 15.38 18.00 2.08
N TYR D 379 15.52 19.25 2.52
CA TYR D 379 14.38 20.15 2.54
C TYR D 379 13.85 20.41 1.14
N LEU D 380 14.75 20.58 0.17
CA LEU D 380 14.31 20.82 -1.20
C LEU D 380 13.52 19.65 -1.74
N ASN D 381 14.02 18.43 -1.56
CA ASN D 381 13.30 17.26 -2.07
C ASN D 381 11.95 17.10 -1.39
N ARG D 382 11.91 17.24 -0.06
CA ARG D 382 10.65 17.06 0.65
C ARG D 382 9.64 18.12 0.25
N SER D 383 10.07 19.38 0.14
CA SER D 383 9.16 20.45 -0.24
C SER D 383 8.66 20.28 -1.67
N SER D 384 9.53 19.83 -2.58
CA SER D 384 9.14 19.65 -3.96
C SER D 384 8.23 18.45 -4.19
N ASP D 385 8.35 17.40 -3.36
CA ASP D 385 7.53 16.20 -3.54
C ASP D 385 6.25 16.23 -2.72
N ASP D 386 6.35 16.45 -1.40
CA ASP D 386 5.17 16.44 -0.56
C ASP D 386 4.45 17.78 -0.53
N GLY D 387 4.95 18.79 -1.25
CA GLY D 387 4.35 20.10 -1.24
C GLY D 387 3.55 20.41 -2.48
N VAL D 388 4.15 21.14 -3.41
CA VAL D 388 3.42 21.64 -4.57
C VAL D 388 2.99 20.53 -5.51
N THR D 389 3.64 19.36 -5.46
CA THR D 389 3.29 18.28 -6.39
C THR D 389 1.94 17.65 -6.05
N GLN D 390 1.69 17.41 -4.76
CA GLN D 390 0.45 16.76 -4.35
C GLN D 390 -0.77 17.65 -4.49
N LEU D 391 -0.61 18.97 -4.40
CA LEU D 391 -1.75 19.88 -4.50
C LEU D 391 -2.43 19.78 -5.86
N LEU D 392 -1.66 19.79 -6.93
CA LEU D 392 -2.23 19.73 -8.27
C LEU D 392 -2.85 18.36 -8.55
N SER D 393 -2.23 17.29 -8.03
CA SER D 393 -2.82 15.97 -8.14
C SER D 393 -4.15 15.90 -7.41
N TYR D 394 -4.23 16.52 -6.23
CA TYR D 394 -5.49 16.59 -5.50
C TYR D 394 -6.56 17.32 -6.30
N ILE D 395 -6.20 18.43 -6.94
CA ILE D 395 -7.17 19.18 -7.73
C ILE D 395 -7.66 18.34 -8.92
N ASP D 396 -6.74 17.66 -9.60
CA ASP D 396 -7.14 16.82 -10.72
C ASP D 396 -8.05 15.68 -10.26
N HIS D 397 -7.73 15.09 -9.11
CA HIS D 397 -8.59 14.03 -8.57
C HIS D 397 -9.97 14.56 -8.26
N GLU D 398 -10.06 15.77 -7.72
CA GLU D 398 -11.37 16.38 -7.46
C GLU D 398 -12.14 16.58 -8.75
N VAL D 399 -11.47 17.01 -9.81
CA VAL D 399 -12.15 17.18 -11.10
C VAL D 399 -12.67 15.84 -11.61
N SER D 400 -11.85 14.79 -11.48
CA SER D 400 -12.29 13.46 -11.90
C SER D 400 -13.50 12.99 -11.11
N MET D 401 -13.50 13.24 -9.79
CA MET D 401 -14.64 12.87 -8.97
C MET D 401 -15.89 13.63 -9.38
N ILE D 402 -15.74 14.91 -9.73
CA ILE D 402 -16.88 15.69 -10.20
C ILE D 402 -17.44 15.10 -11.49
N GLU D 403 -16.55 14.72 -12.41
CA GLU D 403 -17.02 14.12 -13.66
C GLU D 403 -17.74 12.80 -13.42
N GLU D 404 -17.22 11.97 -12.53
CA GLU D 404 -17.87 10.68 -12.25
C GLU D 404 -19.24 10.89 -11.60
N ARG D 405 -19.34 11.83 -10.66
CA ARG D 405 -20.62 12.13 -10.04
C ARG D 405 -21.61 12.67 -11.07
N LEU D 406 -21.11 13.46 -12.03
CA LEU D 406 -21.98 13.95 -13.09
C LEU D 406 -22.50 12.81 -13.94
N ASP D 407 -21.65 11.83 -14.24
CA ASP D 407 -22.09 10.65 -14.98
C ASP D 407 -23.17 9.90 -14.22
N ASP D 408 -22.97 9.72 -12.90
CA ASP D 408 -23.98 9.04 -12.09
C ASP D 408 -25.30 9.80 -12.10
N LEU D 409 -25.24 11.13 -11.98
CA LEU D 409 -26.46 11.93 -11.99
C LEU D 409 -27.18 11.83 -13.33
N ASN D 410 -26.41 11.80 -14.43
CA ASN D 410 -27.03 11.57 -15.73
C ASN D 410 -27.69 10.21 -15.79
N SER D 411 -27.06 9.19 -15.20
CA SER D 411 -27.65 7.86 -15.19
C SER D 411 -28.97 7.83 -14.42
N THR D 412 -29.01 8.50 -13.27
CA THR D 412 -30.22 8.45 -12.45
C THR D 412 -31.32 9.40 -12.94
N MET D 413 -31.01 10.30 -13.86
CA MET D 413 -32.00 11.22 -14.40
C MET D 413 -32.66 10.70 -15.66
N GLN D 414 -32.25 9.53 -16.15
CA GLN D 414 -32.87 8.96 -17.33
C GLN D 414 -34.28 8.46 -17.07
N ARG D 415 -34.55 7.99 -15.86
CA ARG D 415 -35.86 7.43 -15.54
C ARG D 415 -36.90 8.52 -15.29
N VAL D 416 -37.05 9.43 -16.25
CA VAL D 416 -38.02 10.50 -16.15
C VAL D 416 -38.23 11.06 -17.55
N ASP D 417 -39.35 11.73 -17.77
CA ASP D 417 -39.68 12.31 -19.06
C ASP D 417 -39.93 13.80 -18.88
N PHE D 418 -38.90 14.61 -19.16
CA PHE D 418 -39.07 16.06 -19.17
C PHE D 418 -40.11 16.47 -20.21
N GLN D 419 -40.05 15.86 -21.38
CA GLN D 419 -41.05 15.97 -22.44
C GLN D 419 -41.38 14.56 -22.91
N PRO D 420 -42.57 14.35 -23.50
CA PRO D 420 -42.95 13.01 -23.94
C PRO D 420 -41.88 12.31 -24.77
N GLY D 421 -41.33 11.22 -24.24
CA GLY D 421 -40.23 10.53 -24.88
C GLY D 421 -38.96 11.33 -24.98
N ARG D 422 -38.69 12.18 -23.99
CA ARG D 422 -37.48 13.01 -23.97
C ARG D 422 -36.98 13.14 -22.54
N TYR D 423 -35.66 13.15 -22.39
CA TYR D 423 -35.03 13.29 -21.08
C TYR D 423 -33.80 14.17 -21.20
N LEU D 424 -33.38 14.73 -20.07
CA LEU D 424 -32.25 15.64 -20.03
C LEU D 424 -30.94 14.87 -19.86
N ARG D 425 -29.84 15.55 -20.22
CA ARG D 425 -28.51 15.02 -20.02
C ARG D 425 -27.57 16.17 -19.71
N LEU D 426 -26.52 15.88 -18.95
CA LEU D 426 -25.56 16.89 -18.51
C LEU D 426 -24.19 16.58 -19.11
N VAL D 427 -23.52 17.61 -19.62
CA VAL D 427 -22.22 17.47 -20.27
C VAL D 427 -21.26 18.46 -19.61
N ALA D 428 -20.05 17.99 -19.32
CA ALA D 428 -19.01 18.82 -18.73
C ALA D 428 -17.87 19.01 -19.73
N LYS D 429 -17.43 20.26 -19.89
CA LYS D 429 -16.36 20.59 -20.81
C LYS D 429 -15.31 21.41 -20.08
N LYS D 430 -14.04 21.01 -20.20
CA LYS D 430 -12.97 21.74 -19.54
C LYS D 430 -12.77 23.10 -20.20
N VAL D 431 -12.53 24.11 -19.37
CA VAL D 431 -12.29 25.45 -19.86
C VAL D 431 -10.79 25.72 -19.88
N ILE D 432 -10.39 26.79 -20.54
CA ILE D 432 -8.98 27.17 -20.64
C ILE D 432 -8.85 28.64 -20.24
N HIS D 433 -7.68 28.98 -19.71
CA HIS D 433 -7.43 30.32 -19.22
C HIS D 433 -5.93 30.60 -19.29
N GLU D 434 -5.58 31.88 -19.31
CA GLU D 434 -4.17 32.25 -19.38
C GLU D 434 -3.40 31.79 -18.15
N SER D 435 -4.01 31.94 -16.97
CA SER D 435 -3.36 31.49 -15.74
C SER D 435 -3.12 29.99 -15.78
N LEU D 436 -4.09 29.23 -16.30
CA LEU D 436 -3.92 27.78 -16.39
C LEU D 436 -2.77 27.40 -17.31
N ARG D 437 -2.66 28.08 -18.45
CA ARG D 437 -1.55 27.81 -19.37
C ARG D 437 -0.21 28.14 -18.73
N THR D 438 -0.13 29.29 -18.05
CA THR D 438 1.12 29.66 -17.38
C THR D 438 1.48 28.63 -16.31
N LEU D 439 0.49 28.19 -15.53
CA LEU D 439 0.74 27.20 -14.49
C LEU D 439 1.23 25.89 -15.08
N GLN D 440 0.62 25.45 -16.19
CA GLN D 440 1.05 24.20 -16.80
C GLN D 440 2.45 24.31 -17.38
N HIS D 441 2.78 25.45 -17.99
CA HIS D 441 4.14 25.63 -18.50
C HIS D 441 5.16 25.63 -17.36
N ALA D 442 4.83 26.28 -16.26
CA ALA D 442 5.73 26.28 -15.11
C ALA D 442 5.89 24.87 -14.55
N GLN D 443 4.81 24.09 -14.53
CA GLN D 443 4.90 22.71 -14.06
C GLN D 443 5.78 21.87 -14.97
N ARG D 444 5.67 22.07 -16.28
CA ARG D 444 6.54 21.35 -17.21
C ARG D 444 8.00 21.73 -16.99
N GLN D 445 8.27 23.01 -16.76
CA GLN D 445 9.63 23.43 -16.46
C GLN D 445 10.14 22.78 -15.17
N LEU D 446 9.30 22.71 -14.15
CA LEU D 446 9.71 22.05 -12.90
C LEU D 446 10.02 20.59 -13.13
N ASN D 447 9.19 19.91 -13.93
CA ASN D 447 9.46 18.50 -14.25
C ASN D 447 10.76 18.34 -15.01
N SER D 448 11.03 19.24 -15.97
CA SER D 448 12.22 19.13 -16.79
C SER D 448 13.49 19.51 -16.04
N ALA D 449 13.39 20.31 -14.98
CA ALA D 449 14.59 20.78 -14.28
C ALA D 449 15.14 19.78 -13.27
N ARG D 450 14.47 18.65 -13.06
CA ARG D 450 14.93 17.69 -12.07
C ARG D 450 16.05 16.78 -12.57
N PHE D 451 16.32 16.77 -13.87
CA PHE D 451 17.34 15.90 -14.43
C PHE D 451 18.71 16.54 -14.51
N ILE D 452 18.82 17.83 -14.21
CA ILE D 452 20.12 18.49 -14.19
C ILE D 452 20.88 18.10 -12.93
N ASP D 453 22.20 18.20 -12.99
CA ASP D 453 23.08 17.91 -11.86
C ASP D 453 23.83 19.17 -11.50
N ASP D 454 23.18 20.04 -10.73
CA ASP D 454 23.74 21.32 -10.30
C ASP D 454 23.76 21.46 -8.79
N GLU D 455 23.65 20.34 -8.07
CA GLU D 455 23.46 20.35 -6.61
C GLU D 455 22.21 21.12 -6.22
N GLY D 456 21.17 21.01 -7.04
CA GLY D 456 19.85 21.51 -6.70
C GLY D 456 19.57 22.96 -6.99
N GLU D 457 20.48 23.67 -7.67
CA GLU D 457 20.25 25.09 -7.93
C GLU D 457 19.14 25.30 -8.96
N SER D 458 19.21 24.57 -10.08
CA SER D 458 18.20 24.73 -11.12
C SER D 458 16.83 24.27 -10.64
N HIS D 459 16.78 23.19 -9.86
CA HIS D 459 15.51 22.72 -9.30
C HIS D 459 14.89 23.79 -8.41
N TYR D 460 15.70 24.43 -7.56
CA TYR D 460 15.21 25.49 -6.70
C TYR D 460 14.69 26.67 -7.51
N LYS D 461 15.42 27.07 -8.55
CA LYS D 461 14.98 28.18 -9.39
C LYS D 461 13.67 27.85 -10.09
N ALA D 462 13.52 26.61 -10.55
CA ALA D 462 12.28 26.22 -11.22
C ALA D 462 11.11 26.18 -10.25
N LEU D 463 11.35 25.72 -9.02
CA LEU D 463 10.28 25.67 -8.02
C LEU D 463 9.86 27.05 -7.58
N GLN D 464 10.79 28.01 -7.57
CA GLN D 464 10.48 29.35 -7.09
C GLN D 464 9.38 30.01 -7.92
N ALA D 465 9.45 29.88 -9.25
CA ALA D 465 8.45 30.51 -10.10
C ALA D 465 7.06 29.93 -9.87
N LEU D 466 6.98 28.60 -9.73
CA LEU D 466 5.69 27.96 -9.48
C LEU D 466 5.12 28.41 -8.14
N VAL D 467 5.96 28.47 -7.11
CA VAL D 467 5.47 28.94 -5.81
C VAL D 467 5.02 30.39 -5.90
N GLY D 468 5.73 31.20 -6.70
CA GLY D 468 5.30 32.58 -6.89
C GLY D 468 3.95 32.67 -7.57
N LEU D 469 3.71 31.83 -8.58
CA LEU D 469 2.40 31.81 -9.24
C LEU D 469 1.31 31.44 -8.25
N LEU D 470 1.55 30.42 -7.41
CA LEU D 470 0.56 30.04 -6.42
C LEU D 470 0.30 31.16 -5.42
N LYS D 471 1.37 31.84 -4.98
CA LYS D 471 1.21 32.97 -4.07
C LYS D 471 0.36 34.07 -4.70
N ASP D 472 0.63 34.40 -5.96
CA ASP D 472 -0.13 35.45 -6.64
C ASP D 472 -1.59 35.05 -6.78
N ALA D 473 -1.85 33.77 -7.08
CA ALA D 473 -3.23 33.32 -7.18
C ALA D 473 -3.95 33.39 -5.84
N CYS D 474 -3.29 32.97 -4.77
CA CYS D 474 -3.91 32.96 -3.46
C CYS D 474 -4.08 34.35 -2.88
N GLU D 475 -3.26 35.32 -3.31
CA GLU D 475 -3.35 36.67 -2.74
C GLU D 475 -4.70 37.31 -3.04
N HIS D 476 -5.17 37.17 -4.27
CA HIS D 476 -6.44 37.76 -4.71
C HIS D 476 -7.39 36.62 -5.05
N SER D 477 -8.14 36.15 -4.04
CA SER D 477 -8.99 34.98 -4.19
C SER D 477 -10.41 35.32 -4.64
N ARG D 478 -10.61 36.43 -5.35
CA ARG D 478 -11.92 36.86 -5.80
C ARG D 478 -11.87 37.27 -7.27
N ASN D 479 -11.19 36.48 -8.09
CA ASN D 479 -11.09 36.71 -9.52
C ASN D 479 -11.33 35.40 -10.26
N GLN D 480 -11.78 35.52 -11.52
CA GLN D 480 -12.01 34.33 -12.32
C GLN D 480 -10.71 33.58 -12.57
N GLY D 481 -9.63 34.30 -12.87
CA GLY D 481 -8.36 33.66 -13.12
C GLY D 481 -7.82 32.92 -11.91
N ALA D 482 -7.89 33.56 -10.74
CA ALA D 482 -7.37 32.93 -9.53
C ALA D 482 -8.23 31.75 -9.09
N LYS D 483 -9.56 31.90 -9.19
CA LYS D 483 -10.44 30.79 -8.84
C LYS D 483 -10.36 29.65 -9.85
N ALA D 484 -9.90 29.93 -11.08
CA ALA D 484 -9.72 28.85 -12.04
C ALA D 484 -8.54 27.95 -11.70
N LEU D 485 -7.66 28.39 -10.78
CA LEU D 485 -6.49 27.60 -10.41
C LEU D 485 -6.76 26.68 -9.23
N LEU D 486 -7.29 27.21 -8.14
CA LEU D 486 -7.39 26.48 -6.88
C LEU D 486 -8.81 26.04 -6.54
N ASP D 487 -9.78 26.26 -7.43
CA ASP D 487 -11.15 25.83 -7.17
C ASP D 487 -11.59 24.87 -8.27
N PRO D 488 -11.74 23.57 -7.98
CA PRO D 488 -12.09 22.61 -9.04
C PRO D 488 -13.40 22.93 -9.74
N ARG D 489 -14.40 23.46 -9.02
CA ARG D 489 -15.71 23.72 -9.62
C ARG D 489 -15.64 24.74 -10.74
N PHE D 490 -14.60 25.58 -10.77
CA PHE D 490 -14.44 26.57 -11.82
C PHE D 490 -13.53 26.11 -12.95
N ARG D 491 -13.10 24.85 -12.92
CA ARG D 491 -12.35 24.28 -14.02
C ARG D 491 -13.21 23.53 -15.01
N LEU D 492 -14.53 23.74 -14.97
CA LEU D 492 -15.45 23.05 -15.85
C LEU D 492 -16.58 24.00 -16.25
N GLU D 493 -17.21 23.69 -17.39
CA GLU D 493 -18.40 24.38 -17.86
C GLU D 493 -19.46 23.33 -18.18
N PHE D 494 -20.67 23.55 -17.71
CA PHE D 494 -21.71 22.55 -17.76
C PHE D 494 -22.79 22.95 -18.75
N ALA D 495 -23.30 21.97 -19.50
CA ALA D 495 -24.32 22.20 -20.50
C ALA D 495 -25.40 21.12 -20.38
N VAL D 496 -26.60 21.47 -20.83
CA VAL D 496 -27.77 20.61 -20.71
C VAL D 496 -28.28 20.28 -22.10
N SER D 497 -28.54 19.00 -22.34
CA SER D 497 -29.09 18.50 -23.59
C SER D 497 -30.47 17.91 -23.34
N VAL D 498 -31.30 17.90 -24.38
CA VAL D 498 -32.69 17.50 -24.27
C VAL D 498 -32.88 16.17 -25.00
N ILE D 499 -31.83 15.35 -25.02
CA ILE D 499 -31.86 14.05 -25.67
C ILE D 499 -33.02 13.20 -25.16
N GLU D 520 -38.31 27.75 -20.03
CA GLU D 520 -37.86 26.39 -19.73
C GLU D 520 -36.76 26.39 -18.67
N LYS D 521 -36.20 27.57 -18.40
CA LYS D 521 -35.11 27.66 -17.43
C LYS D 521 -35.56 27.22 -16.04
N GLU D 522 -36.74 27.64 -15.61
CA GLU D 522 -37.26 27.24 -14.31
C GLU D 522 -37.45 25.74 -14.23
N ILE D 523 -38.04 25.14 -15.28
CA ILE D 523 -38.31 23.70 -15.27
C ILE D 523 -37.00 22.92 -15.24
N ILE D 524 -36.02 23.34 -16.05
CA ILE D 524 -34.73 22.64 -16.09
C ILE D 524 -34.03 22.75 -14.75
N ALA D 525 -34.03 23.94 -14.15
CA ALA D 525 -33.40 24.11 -12.84
C ALA D 525 -34.06 23.25 -11.79
N SER D 526 -35.41 23.21 -11.79
CA SER D 526 -36.12 22.39 -10.82
C SER D 526 -35.83 20.91 -11.03
N TYR D 527 -35.78 20.46 -12.28
CA TYR D 527 -35.47 19.06 -12.56
C TYR D 527 -34.07 18.69 -12.07
N VAL D 528 -33.08 19.55 -12.34
CA VAL D 528 -31.71 19.26 -11.92
C VAL D 528 -31.62 19.24 -10.39
N LEU D 529 -32.26 20.22 -9.73
CA LEU D 529 -32.23 20.27 -8.28
C LEU D 529 -32.89 19.04 -7.66
N THR D 530 -34.04 18.64 -8.20
CA THR D 530 -34.74 17.48 -7.67
C THR D 530 -33.96 16.20 -7.90
N ALA D 531 -33.34 16.05 -9.08
CA ALA D 531 -32.52 14.87 -9.33
C ALA D 531 -31.33 14.82 -8.38
N SER D 532 -30.69 15.96 -8.14
CA SER D 532 -29.57 15.98 -7.19
C SER D 532 -30.03 15.61 -5.79
N LEU D 533 -31.17 16.15 -5.36
CA LEU D 533 -31.69 15.81 -4.03
C LEU D 533 -32.01 14.32 -3.92
N SER D 534 -32.64 13.76 -4.96
CA SER D 534 -32.97 12.34 -4.93
C SER D 534 -31.70 11.48 -4.89
N TYR D 535 -30.68 11.86 -5.67
CA TYR D 535 -29.43 11.11 -5.66
C TYR D 535 -28.74 11.20 -4.30
N ALA D 536 -28.77 12.36 -3.67
CA ALA D 536 -28.10 12.51 -2.37
C ALA D 536 -28.80 11.69 -1.29
N LEU D 537 -30.12 11.69 -1.27
CA LEU D 537 -30.89 11.00 -0.24
C LEU D 537 -31.25 9.58 -0.70
N CYS D 538 -30.23 8.81 -1.02
CA CYS D 538 -30.45 7.42 -1.44
C CYS D 538 -29.26 6.55 -1.06
N PRO D 539 -29.47 5.50 -0.26
CA PRO D 539 -28.38 4.57 0.02
C PRO D 539 -27.87 3.91 -1.24
N ASP D 540 -26.57 3.64 -1.27
CA ASP D 540 -25.96 3.01 -2.43
C ASP D 540 -26.60 1.66 -2.71
N GLY D 541 -26.85 1.38 -3.99
CA GLY D 541 -27.52 0.16 -4.38
C GLY D 541 -29.02 0.15 -4.13
N SER D 542 -29.60 1.28 -3.76
CA SER D 542 -31.03 1.37 -3.47
C SER D 542 -31.60 2.61 -4.14
N SER D 543 -32.92 2.59 -4.34
CA SER D 543 -33.62 3.70 -4.97
C SER D 543 -34.70 4.30 -4.08
N ARG D 544 -34.90 3.79 -2.87
CA ARG D 544 -35.92 4.31 -1.98
C ARG D 544 -35.27 5.12 -0.87
N PRO D 545 -35.51 6.42 -0.80
CA PRO D 545 -34.96 7.21 0.31
C PRO D 545 -35.53 6.78 1.65
N LEU D 546 -34.69 6.84 2.68
CA LEU D 546 -35.15 6.69 4.05
C LEU D 546 -35.61 8.01 4.64
N PHE D 547 -35.02 9.12 4.19
CA PHE D 547 -35.45 10.46 4.55
C PHE D 547 -36.18 11.05 3.35
N GLY D 548 -37.43 11.44 3.55
CA GLY D 548 -38.26 11.80 2.42
C GLY D 548 -38.67 13.26 2.32
N THR D 549 -38.76 13.95 3.46
CA THR D 549 -39.29 15.30 3.47
C THR D 549 -38.22 16.29 3.01
N ILE D 550 -38.60 17.18 2.10
CA ILE D 550 -37.76 18.29 1.65
C ILE D 550 -38.59 19.56 1.67
N VAL D 551 -37.90 20.69 1.63
CA VAL D 551 -38.53 22.01 1.72
C VAL D 551 -38.17 22.79 0.46
N LEU D 552 -39.17 23.48 -0.10
CA LEU D 552 -39.00 24.23 -1.33
C LEU D 552 -39.66 25.60 -1.23
N ASP D 553 -39.22 26.50 -2.10
CA ASP D 553 -39.80 27.83 -2.25
C ASP D 553 -40.24 28.01 -3.70
N GLN D 554 -41.42 28.56 -3.89
CA GLN D 554 -41.98 28.83 -5.23
C GLN D 554 -42.08 27.56 -6.06
N SER D 559 -44.67 31.89 -12.49
CA SER D 559 -44.89 30.45 -12.57
C SER D 559 -46.36 30.13 -12.72
N SER D 560 -46.78 29.78 -13.93
CA SER D 560 -48.18 29.46 -14.21
C SER D 560 -48.50 28.07 -13.66
N HIS D 561 -49.76 27.67 -13.85
CA HIS D 561 -50.19 26.36 -13.39
C HIS D 561 -49.42 25.23 -14.08
N ALA D 562 -49.22 25.37 -15.40
CA ALA D 562 -48.46 24.36 -16.13
C ALA D 562 -46.99 24.36 -15.70
N VAL D 563 -46.48 25.52 -15.29
CA VAL D 563 -45.08 25.60 -14.85
C VAL D 563 -44.86 24.72 -13.63
N ALA D 564 -45.75 24.83 -12.64
CA ALA D 564 -45.63 24.05 -11.42
C ALA D 564 -46.26 22.67 -11.52
N GLY D 565 -46.97 22.38 -12.62
CA GLY D 565 -47.59 21.07 -12.76
C GLY D 565 -46.58 19.95 -12.98
N ARG D 566 -45.42 20.27 -13.54
CA ARG D 566 -44.40 19.26 -13.77
C ARG D 566 -43.50 19.03 -12.57
N ILE D 567 -43.30 20.05 -11.72
CA ILE D 567 -42.48 19.90 -10.53
C ILE D 567 -43.11 18.87 -9.59
N ILE D 568 -44.43 18.95 -9.39
CA ILE D 568 -45.12 18.00 -8.52
C ILE D 568 -44.99 16.59 -9.09
N ALA D 569 -45.16 16.44 -10.40
CA ALA D 569 -45.03 15.12 -11.02
C ALA D 569 -43.62 14.57 -10.83
N ALA D 570 -42.60 15.42 -11.00
CA ALA D 570 -41.23 14.97 -10.80
C ALA D 570 -40.98 14.55 -9.35
N LEU D 571 -41.48 15.34 -8.39
CA LEU D 571 -41.32 14.98 -6.99
C LEU D 571 -41.98 13.65 -6.67
N ARG D 572 -43.19 13.44 -7.19
CA ARG D 572 -43.89 12.18 -6.95
C ARG D 572 -43.16 11.02 -7.62
N GLU D 573 -42.59 11.24 -8.81
CA GLU D 573 -41.85 10.19 -9.48
C GLU D 573 -40.60 9.80 -8.71
N PHE D 574 -39.85 10.78 -8.23
CA PHE D 574 -38.65 10.47 -7.46
C PHE D 574 -38.98 9.97 -6.07
N GLY D 575 -40.22 10.15 -5.61
CA GLY D 575 -40.63 9.64 -4.33
C GLY D 575 -40.21 10.50 -3.16
N LEU D 576 -40.52 11.79 -3.22
CA LEU D 576 -40.16 12.73 -2.17
C LEU D 576 -41.39 13.49 -1.71
N HIS D 577 -41.49 13.69 -0.40
CA HIS D 577 -42.54 14.49 0.21
C HIS D 577 -42.03 15.92 0.31
N ALA D 578 -42.90 16.89 0.04
CA ALA D 578 -42.48 18.27 -0.09
C ALA D 578 -43.27 19.19 0.84
N VAL D 579 -42.60 20.21 1.33
CA VAL D 579 -43.23 21.30 2.09
C VAL D 579 -42.86 22.60 1.40
N PHE D 580 -43.87 23.33 0.96
CA PHE D 580 -43.67 24.56 0.20
C PHE D 580 -43.82 25.78 1.09
N ILE D 581 -43.05 26.83 0.76
CA ILE D 581 -43.17 28.12 1.40
C ILE D 581 -43.67 29.12 0.35
N THR D 582 -44.74 29.83 0.66
CA THR D 582 -45.32 30.75 -0.29
C THR D 582 -46.06 31.86 0.44
N PRO D 583 -45.88 33.12 0.05
CA PRO D 583 -46.67 34.21 0.63
C PRO D 583 -48.12 34.15 0.18
N ASN D 584 -48.92 35.15 0.56
CA ASN D 584 -50.33 35.21 0.18
C ASN D 584 -50.48 35.76 -1.24
N LYS D 585 -49.83 35.07 -2.17
CA LYS D 585 -49.84 35.48 -3.57
C LYS D 585 -50.26 34.35 -4.51
N GLU D 586 -49.86 33.12 -4.24
CA GLU D 586 -50.12 31.98 -5.10
C GLU D 586 -51.11 31.00 -4.46
N MET D 587 -52.08 31.52 -3.72
CA MET D 587 -53.05 30.65 -3.06
C MET D 587 -54.17 30.25 -4.01
N ARG D 588 -53.80 29.77 -5.18
CA ARG D 588 -54.77 29.26 -6.15
C ARG D 588 -54.39 27.90 -6.71
N LEU D 589 -53.10 27.65 -6.94
CA LEU D 589 -52.64 26.37 -7.46
C LEU D 589 -52.21 25.43 -6.36
N LEU D 590 -51.80 25.96 -5.21
CA LEU D 590 -51.49 25.09 -4.07
C LEU D 590 -52.74 24.41 -3.53
N ARG D 591 -53.91 25.03 -3.70
CA ARG D 591 -55.16 24.39 -3.32
C ARG D 591 -55.42 23.12 -4.12
N HIS D 592 -54.84 23.02 -5.32
CA HIS D 592 -55.06 21.86 -6.18
C HIS D 592 -54.06 20.73 -5.91
N HIS D 593 -52.89 21.05 -5.37
CA HIS D 593 -51.85 20.06 -5.13
C HIS D 593 -51.62 19.82 -3.64
N THR D 594 -51.33 20.86 -2.87
CA THR D 594 -51.25 20.72 -1.43
C THR D 594 -52.64 20.57 -0.84
N ARG D 595 -52.75 19.70 0.18
CA ARG D 595 -54.03 19.38 0.79
C ARG D 595 -54.07 19.77 2.26
N SER D 596 -53.23 20.71 2.68
CA SER D 596 -53.26 21.26 4.02
C SER D 596 -52.55 22.60 3.99
N ALA D 597 -52.62 23.31 5.11
CA ALA D 597 -52.02 24.64 5.18
C ALA D 597 -51.71 24.99 6.63
N VAL D 598 -50.62 25.73 6.82
CA VAL D 598 -50.23 26.26 8.12
C VAL D 598 -50.19 27.77 7.98
N VAL D 599 -50.96 28.46 8.82
CA VAL D 599 -51.10 29.91 8.76
C VAL D 599 -50.44 30.50 10.00
N VAL D 600 -49.60 31.52 9.79
CA VAL D 600 -48.88 32.20 10.86
C VAL D 600 -49.47 33.59 11.02
N HIS D 601 -50.00 33.88 12.19
CA HIS D 601 -50.56 35.18 12.51
C HIS D 601 -49.64 35.92 13.46
N ARG D 602 -49.27 37.14 13.12
CA ARG D 602 -48.42 37.98 13.95
C ARG D 602 -49.26 39.12 14.51
N ARG D 603 -49.13 39.36 15.81
CA ARG D 603 -49.90 40.38 16.52
C ARG D 603 -49.00 40.98 17.59
N GLY D 604 -48.37 42.09 17.25
CA GLY D 604 -47.43 42.74 18.15
C GLY D 604 -46.01 42.20 17.98
N VAL D 605 -45.55 41.41 18.93
CA VAL D 605 -44.24 40.77 18.86
C VAL D 605 -44.41 39.27 19.09
N GLU D 606 -45.61 38.77 18.84
CA GLU D 606 -45.92 37.36 19.05
C GLU D 606 -46.52 36.78 17.78
N SER D 607 -46.31 35.47 17.59
CA SER D 607 -46.82 34.77 16.42
C SER D 607 -47.48 33.47 16.85
N SER D 608 -48.49 33.07 16.11
CA SER D 608 -49.23 31.84 16.39
C SER D 608 -49.44 31.07 15.09
N LEU D 609 -49.47 29.75 15.20
CA LEU D 609 -49.63 28.86 14.06
C LEU D 609 -50.96 28.13 14.15
N VAL D 610 -51.68 28.08 13.04
CA VAL D 610 -52.93 27.33 12.95
C VAL D 610 -52.84 26.43 11.72
N SER D 611 -53.03 25.13 11.91
CA SER D 611 -52.97 24.16 10.83
C SER D 611 -54.39 23.73 10.47
N LEU D 612 -54.75 23.89 9.20
CA LEU D 612 -56.09 23.57 8.73
C LEU D 612 -56.02 22.98 7.32
N SER D 613 -57.02 22.16 6.99
CA SER D 613 -57.16 21.68 5.63
C SER D 613 -57.90 22.73 4.80
N TRP D 614 -57.95 22.48 3.49
CA TRP D 614 -58.63 23.40 2.58
C TRP D 614 -60.14 23.33 2.77
N THR E 48 -47.04 -20.79 54.14
CA THR E 48 -47.99 -19.74 53.78
C THR E 48 -49.01 -20.27 52.77
N PRO E 49 -50.30 -20.05 53.06
CA PRO E 49 -51.34 -20.55 52.15
C PRO E 49 -51.19 -19.97 50.75
N GLN E 50 -51.52 -20.81 49.75
CA GLN E 50 -51.33 -20.41 48.36
C GLN E 50 -52.24 -19.26 47.96
N ARG E 51 -53.50 -19.29 48.41
CA ARG E 51 -54.44 -18.24 48.01
C ARG E 51 -54.03 -16.89 48.57
N VAL E 52 -53.50 -16.86 49.80
CA VAL E 52 -53.05 -15.60 50.39
C VAL E 52 -51.92 -15.00 49.56
N ARG E 53 -50.95 -15.83 49.18
CA ARG E 53 -49.84 -15.36 48.36
C ARG E 53 -50.33 -14.88 47.00
N GLU E 54 -51.26 -15.62 46.39
CA GLU E 54 -51.80 -15.22 45.10
C GLU E 54 -52.49 -13.86 45.19
N ALA E 55 -53.31 -13.67 46.22
CA ALA E 55 -54.00 -12.41 46.39
C ALA E 55 -53.03 -11.26 46.64
N VAL E 56 -52.01 -11.50 47.48
CA VAL E 56 -51.03 -10.44 47.76
C VAL E 56 -50.28 -10.05 46.50
N GLN E 57 -49.84 -11.05 45.71
CA GLN E 57 -49.12 -10.75 44.48
C GLN E 57 -50.01 -10.02 43.48
N GLU E 58 -51.27 -10.44 43.35
CA GLU E 58 -52.18 -9.76 42.43
C GLU E 58 -52.41 -8.32 42.85
N MET E 59 -52.56 -8.09 44.16
CA MET E 59 -52.76 -6.73 44.65
C MET E 59 -51.52 -5.88 44.43
N LEU E 60 -50.34 -6.44 44.66
CA LEU E 60 -49.10 -5.70 44.41
C LEU E 60 -48.91 -5.40 42.93
N LYS E 61 -49.41 -6.26 42.05
CA LYS E 61 -49.29 -6.00 40.61
C LYS E 61 -50.29 -4.93 40.15
N TYR E 62 -51.58 -5.17 40.35
CA TYR E 62 -52.61 -4.29 39.83
C TYR E 62 -52.94 -3.12 40.75
N GLY E 63 -52.50 -3.15 42.01
CA GLY E 63 -52.73 -2.05 42.92
C GLY E 63 -54.09 -2.00 43.55
N LEU E 64 -55.04 -2.83 43.12
CA LEU E 64 -56.37 -2.83 43.69
C LEU E 64 -57.05 -4.16 43.40
N LEU E 65 -58.05 -4.47 44.21
CA LEU E 65 -58.84 -5.69 44.08
C LEU E 65 -60.31 -5.36 44.23
N GLU E 66 -61.13 -5.92 43.34
CA GLU E 66 -62.57 -5.76 43.39
C GLU E 66 -63.22 -7.14 43.52
N GLU E 67 -64.25 -7.21 44.37
CA GLU E 67 -64.93 -8.48 44.60
C GLU E 67 -65.63 -8.97 43.34
N SER E 68 -66.20 -8.04 42.55
CA SER E 68 -66.91 -8.43 41.34
C SER E 68 -66.00 -9.09 40.32
N HIS E 69 -64.71 -8.74 40.31
CA HIS E 69 -63.78 -9.30 39.34
C HIS E 69 -63.15 -10.60 39.82
N LYS E 70 -62.58 -10.60 41.02
CA LYS E 70 -61.87 -11.76 41.57
C LYS E 70 -62.43 -12.06 42.95
N PRO E 71 -63.60 -12.69 43.02
CA PRO E 71 -64.22 -12.94 44.34
C PRO E 71 -63.37 -13.79 45.27
N ASN E 72 -62.68 -14.79 44.74
CA ASN E 72 -61.89 -15.68 45.59
C ASN E 72 -60.75 -14.92 46.26
N LEU E 73 -60.02 -14.11 45.48
CA LEU E 73 -58.93 -13.33 46.05
C LEU E 73 -59.45 -12.30 47.05
N TYR E 74 -60.58 -11.67 46.75
CA TYR E 74 -61.16 -10.71 47.67
C TYR E 74 -61.53 -11.36 49.00
N ARG E 75 -62.16 -12.54 48.94
CA ARG E 75 -62.52 -13.25 50.16
C ARG E 75 -61.29 -13.67 50.94
N SER E 76 -60.26 -14.16 50.24
CA SER E 76 -59.05 -14.60 50.92
C SER E 76 -58.34 -13.43 51.59
N ALA E 77 -58.28 -12.28 50.93
CA ALA E 77 -57.60 -11.13 51.51
C ALA E 77 -58.41 -10.48 52.62
N LEU E 78 -59.74 -10.54 52.54
CA LEU E 78 -60.59 -9.88 53.53
C LEU E 78 -60.62 -10.65 54.85
N THR E 79 -60.51 -11.98 54.80
CA THR E 79 -60.56 -12.80 56.00
C THR E 79 -59.20 -13.00 56.66
N ASN E 80 -58.14 -12.41 56.10
CA ASN E 80 -56.78 -12.57 56.60
C ASN E 80 -56.09 -11.22 56.68
N ILE E 81 -56.76 -10.24 57.29
CA ILE E 81 -56.23 -8.89 57.37
C ILE E 81 -54.90 -8.87 58.11
N GLU E 82 -54.82 -9.58 59.24
CA GLU E 82 -53.59 -9.58 60.02
C GLU E 82 -52.42 -10.19 59.24
N VAL E 83 -52.69 -11.27 58.49
CA VAL E 83 -51.62 -11.90 57.71
C VAL E 83 -51.13 -10.96 56.62
N VAL E 84 -52.04 -10.29 55.93
CA VAL E 84 -51.65 -9.36 54.88
C VAL E 84 -50.86 -8.20 55.47
N ASP E 85 -51.29 -7.71 56.63
CA ASP E 85 -50.55 -6.62 57.28
C ASP E 85 -49.15 -7.07 57.67
N ARG E 86 -49.01 -8.28 58.19
CA ARG E 86 -47.68 -8.79 58.52
C ARG E 86 -46.82 -8.93 57.28
N ILE E 87 -47.40 -9.41 56.18
CA ILE E 87 -46.64 -9.59 54.94
C ILE E 87 -46.17 -8.24 54.41
N LEU E 88 -47.05 -7.24 54.41
CA LEU E 88 -46.74 -5.94 53.82
C LEU E 88 -46.01 -5.00 54.76
N GLU E 89 -45.86 -5.37 56.04
CA GLU E 89 -45.15 -4.48 56.97
C GLU E 89 -43.71 -4.23 56.58
N PRO E 90 -42.89 -5.22 56.25
CA PRO E 90 -41.49 -4.92 55.89
C PRO E 90 -41.36 -4.05 54.65
N LEU E 91 -42.35 -4.03 53.77
CA LEU E 91 -42.33 -3.21 52.58
C LEU E 91 -42.89 -1.82 52.81
N ASP E 92 -43.21 -1.46 54.05
CA ASP E 92 -43.80 -0.17 54.39
C ASP E 92 -45.09 0.08 53.61
N LEU E 93 -45.91 -0.95 53.48
CA LEU E 93 -47.21 -0.85 52.81
C LEU E 93 -48.28 -1.43 53.71
N ALA E 94 -49.50 -0.92 53.56
CA ALA E 94 -50.65 -1.35 54.35
C ALA E 94 -51.85 -1.55 53.43
N MET E 95 -52.81 -2.32 53.92
CA MET E 95 -54.01 -2.66 53.15
C MET E 95 -55.18 -1.82 53.64
N GLY E 96 -55.91 -1.23 52.71
CA GLY E 96 -57.11 -0.46 53.01
C GLY E 96 -58.33 -1.15 52.42
N VAL E 97 -59.40 -1.23 53.21
CA VAL E 97 -60.58 -2.00 52.88
C VAL E 97 -61.78 -1.07 52.80
N ASP E 98 -62.61 -1.26 51.77
CA ASP E 98 -63.88 -0.57 51.61
C ASP E 98 -64.92 -1.64 51.29
N GLU E 99 -65.56 -2.18 52.32
CA GLU E 99 -66.55 -3.23 52.15
C GLU E 99 -67.84 -2.72 51.53
N VAL E 100 -68.03 -1.40 51.47
CA VAL E 100 -69.22 -0.86 50.81
C VAL E 100 -69.24 -1.23 49.34
N ARG E 101 -68.09 -1.11 48.67
CA ARG E 101 -67.97 -1.46 47.26
C ARG E 101 -67.08 -2.67 47.02
N GLY E 102 -66.60 -3.32 48.08
CA GLY E 102 -65.69 -4.44 47.90
C GLY E 102 -64.37 -4.05 47.27
N LEU E 103 -63.77 -2.95 47.72
CA LEU E 103 -62.55 -2.42 47.15
C LEU E 103 -61.40 -2.59 48.13
N VAL E 104 -60.33 -3.24 47.68
CA VAL E 104 -59.12 -3.42 48.48
C VAL E 104 -57.99 -2.69 47.79
N PHE E 105 -57.30 -1.82 48.52
CA PHE E 105 -56.24 -1.02 47.94
C PHE E 105 -55.03 -1.01 48.87
N VAL E 106 -53.95 -0.40 48.40
CA VAL E 106 -52.68 -0.36 49.12
C VAL E 106 -52.35 1.10 49.43
N THR E 107 -51.88 1.34 50.66
CA THR E 107 -51.51 2.68 51.11
C THR E 107 -50.11 2.65 51.68
N VAL E 108 -49.42 3.79 51.57
CA VAL E 108 -48.06 3.92 52.10
C VAL E 108 -48.19 4.20 53.60
N ARG E 109 -48.08 3.16 54.41
CA ARG E 109 -48.16 3.33 55.85
C ARG E 109 -46.95 4.10 56.36
N GLN E 110 -47.19 5.01 57.30
CA GLN E 110 -46.14 5.87 57.83
C GLN E 110 -46.56 6.50 59.16
N SER E 120 -41.76 9.59 47.90
CA SER E 120 -41.28 9.40 49.27
C SER E 120 -41.10 7.92 49.57
N HIS E 121 -41.44 7.07 48.61
CA HIS E 121 -41.31 5.63 48.77
C HIS E 121 -40.57 5.06 47.56
N PRO E 122 -39.62 4.15 47.79
CA PRO E 122 -38.82 3.64 46.67
C PRO E 122 -39.62 2.93 45.59
N LEU E 123 -40.71 2.27 45.96
CA LEU E 123 -41.46 1.46 45.01
C LEU E 123 -42.57 2.22 44.30
N VAL E 124 -42.70 3.52 44.55
CA VAL E 124 -43.77 4.32 43.94
C VAL E 124 -43.13 5.44 43.11
N ARG E 125 -43.95 6.00 42.22
CA ARG E 125 -43.56 7.14 41.40
C ARG E 125 -44.65 8.19 41.49
N ARG E 126 -44.35 9.31 42.15
CA ARG E 126 -45.31 10.40 42.22
C ARG E 126 -45.44 11.08 40.88
N GLN E 127 -46.67 11.44 40.52
CA GLN E 127 -46.97 12.08 39.25
C GLN E 127 -47.88 13.28 39.48
N ARG E 128 -47.81 14.21 38.53
CA ARG E 128 -48.67 15.40 38.53
C ARG E 128 -49.42 15.47 37.22
N LEU E 129 -50.73 15.69 37.30
CA LEU E 129 -51.59 15.72 36.13
C LEU E 129 -51.82 17.15 35.67
N ASN E 130 -51.90 17.33 34.35
CA ASN E 130 -52.09 18.65 33.78
C ASN E 130 -53.52 19.12 34.01
N LEU E 131 -53.77 20.39 33.67
CA LEU E 131 -55.11 20.94 33.79
C LEU E 131 -56.08 20.21 32.88
N GLU E 132 -55.65 19.87 31.66
CA GLU E 132 -56.47 19.11 30.74
C GLU E 132 -56.86 17.74 31.31
N GLN E 133 -56.05 17.20 32.20
CA GLN E 133 -56.42 15.98 32.91
C GLN E 133 -57.11 16.27 34.24
N SER E 134 -56.74 17.38 34.90
CA SER E 134 -57.33 17.71 36.19
C SER E 134 -58.82 17.99 36.07
N LEU E 135 -59.21 18.79 35.07
CA LEU E 135 -60.63 19.10 34.93
C LEU E 135 -61.43 17.87 34.54
N LEU E 136 -60.86 16.99 33.71
CA LEU E 136 -61.55 15.77 33.35
C LEU E 136 -61.71 14.85 34.56
N ILE E 137 -60.69 14.77 35.41
CA ILE E 137 -60.81 13.94 36.61
C ILE E 137 -61.85 14.54 37.55
N ALA E 138 -61.95 15.87 37.63
CA ALA E 138 -63.00 16.49 38.43
C ALA E 138 -64.38 16.15 37.89
N ILE E 139 -64.54 16.22 36.56
CA ILE E 139 -65.83 15.90 35.94
C ILE E 139 -66.21 14.45 36.21
N LEU E 140 -65.24 13.54 36.05
CA LEU E 140 -65.52 12.12 36.31
C LEU E 140 -65.86 11.89 37.78
N ARG E 141 -65.15 12.54 38.69
CA ARG E 141 -65.43 12.37 40.11
C ARG E 141 -66.83 12.85 40.46
N GLN E 142 -67.21 14.03 39.96
CA GLN E 142 -68.56 14.53 40.28
C GLN E 142 -69.64 13.69 39.61
N HIS E 143 -69.38 13.18 38.40
CA HIS E 143 -70.34 12.29 37.76
C HIS E 143 -70.53 11.01 38.56
N PHE E 144 -69.42 10.44 39.05
CA PHE E 144 -69.53 9.22 39.86
C PHE E 144 -70.22 9.50 41.19
N ILE E 145 -69.98 10.68 41.79
CA ILE E 145 -70.68 11.05 43.01
C ILE E 145 -72.18 11.15 42.75
N ALA E 146 -72.56 11.78 41.63
CA ALA E 146 -73.98 11.87 41.29
C ALA E 146 -74.58 10.49 41.07
N TYR E 147 -73.85 9.60 40.38
CA TYR E 147 -74.37 8.26 40.13
C TYR E 147 -74.53 7.47 41.42
N GLU E 148 -73.55 7.55 42.32
CA GLU E 148 -73.63 6.79 43.56
C GLU E 148 -74.66 7.36 44.52
N GLN E 149 -74.94 8.67 44.43
CA GLN E 149 -76.00 9.25 45.23
C GLN E 149 -77.36 8.69 44.83
N GLU E 150 -77.53 8.35 43.55
CA GLU E 150 -78.75 7.70 43.08
C GLU E 150 -78.70 6.23 43.49
N SER E 151 -79.63 5.84 44.36
CA SER E 151 -79.69 4.47 44.84
C SER E 151 -81.12 4.07 45.19
N SER E 156 -74.88 0.19 40.66
CA SER E 156 -73.94 -0.70 40.00
C SER E 156 -72.69 0.05 39.56
N GLN E 157 -72.53 0.19 38.24
CA GLN E 157 -71.38 0.86 37.66
C GLN E 157 -71.82 2.13 36.95
N ALA E 158 -71.05 3.20 37.14
CA ALA E 158 -71.36 4.48 36.52
C ALA E 158 -70.97 4.46 35.05
N LEU E 159 -71.96 4.60 34.18
CA LEU E 159 -71.74 4.62 32.74
C LEU E 159 -71.84 6.07 32.25
N VAL E 160 -70.78 6.53 31.59
CA VAL E 160 -70.71 7.90 31.09
C VAL E 160 -70.53 7.86 29.58
N ALA E 161 -71.42 8.53 28.86
CA ALA E 161 -71.32 8.57 27.40
C ALA E 161 -70.22 9.54 26.97
N VAL E 162 -69.62 9.24 25.82
CA VAL E 162 -68.56 10.10 25.29
C VAL E 162 -69.08 11.49 24.99
N ASP E 163 -70.26 11.57 24.36
CA ASP E 163 -70.80 12.87 23.97
C ASP E 163 -71.19 13.72 25.16
N GLU E 164 -71.40 13.12 26.33
CA GLU E 164 -71.78 13.89 27.51
C GLU E 164 -70.68 14.85 27.93
N LEU E 165 -69.43 14.38 27.91
CA LEU E 165 -68.31 15.17 28.41
C LEU E 165 -67.86 16.26 27.44
N ILE E 166 -68.26 16.18 26.16
CA ILE E 166 -67.78 17.17 25.18
C ILE E 166 -68.21 18.58 25.54
N PRO E 167 -69.49 18.87 25.84
CA PRO E 167 -69.82 20.24 26.28
C PRO E 167 -69.11 20.65 27.56
N GLN E 168 -68.93 19.72 28.49
CA GLN E 168 -68.26 20.05 29.74
C GLN E 168 -66.80 20.39 29.52
N LEU E 169 -66.17 19.78 28.52
CA LEU E 169 -64.79 20.13 28.17
C LEU E 169 -64.74 21.43 27.36
N GLN E 170 -65.74 21.68 26.52
CA GLN E 170 -65.73 22.87 25.69
C GLN E 170 -66.01 24.14 26.50
N VAL E 171 -66.86 24.05 27.53
CA VAL E 171 -67.16 25.23 28.33
C VAL E 171 -65.96 25.72 29.14
N TYR E 172 -64.88 24.95 29.19
CA TYR E 172 -63.68 25.32 29.93
C TYR E 172 -62.45 25.48 29.05
N LEU E 173 -62.27 24.62 28.06
CA LEU E 173 -61.12 24.70 27.16
C LEU E 173 -61.48 25.31 25.81
N GLY E 174 -62.70 25.83 25.66
CA GLY E 174 -63.12 26.40 24.40
C GLY E 174 -63.57 25.34 23.42
N GLU E 175 -64.01 25.80 22.25
CA GLU E 175 -64.49 24.93 21.19
C GLU E 175 -63.43 24.85 20.09
N LEU E 176 -63.08 23.63 19.69
CA LEU E 176 -62.10 23.42 18.64
C LEU E 176 -62.67 23.62 17.24
N GLY E 177 -63.98 23.74 17.11
CA GLY E 177 -64.61 23.98 15.83
C GLY E 177 -64.82 22.76 14.97
N SER E 178 -64.44 21.58 15.44
CA SER E 178 -64.60 20.35 14.67
C SER E 178 -65.02 19.21 15.59
N GLU E 179 -65.97 18.41 15.13
CA GLU E 179 -66.38 17.23 15.90
C GLU E 179 -65.24 16.23 16.02
N ALA E 180 -64.46 16.07 14.95
CA ALA E 180 -63.35 15.12 14.97
C ALA E 180 -62.31 15.52 15.99
N LYS E 181 -62.01 16.83 16.10
CA LYS E 181 -61.05 17.29 17.08
C LYS E 181 -61.52 16.98 18.51
N GLU E 182 -62.80 17.24 18.79
CA GLU E 182 -63.34 16.94 20.11
C GLU E 182 -63.28 15.44 20.41
N ARG E 183 -63.64 14.61 19.42
CA ARG E 183 -63.59 13.17 19.62
C ARG E 183 -62.16 12.71 19.89
N ASN E 184 -61.19 13.22 19.13
CA ASN E 184 -59.80 12.83 19.34
C ASN E 184 -59.31 13.27 20.70
N ARG E 185 -59.64 14.50 21.12
CA ARG E 185 -59.22 14.97 22.44
C ARG E 185 -59.81 14.10 23.54
N ILE E 186 -61.10 13.78 23.43
CA ILE E 186 -61.75 12.96 24.44
C ILE E 186 -61.12 11.57 24.48
N ILE E 187 -60.87 10.98 23.31
CA ILE E 187 -60.29 9.64 23.25
C ILE E 187 -58.89 9.63 23.85
N THR E 188 -58.09 10.65 23.54
CA THR E 188 -56.73 10.70 24.08
C THR E 188 -56.75 10.86 25.60
N LEU E 189 -57.61 11.73 26.11
CA LEU E 189 -57.70 11.91 27.56
C LEU E 189 -58.20 10.63 28.24
N LEU E 190 -59.17 9.97 27.64
CA LEU E 190 -59.68 8.71 28.20
C LEU E 190 -58.59 7.64 28.21
N ASP E 191 -57.79 7.57 27.16
CA ASP E 191 -56.68 6.62 27.14
C ASP E 191 -55.65 6.96 28.22
N GLN E 192 -55.34 8.25 28.39
CA GLN E 192 -54.39 8.65 29.42
C GLN E 192 -54.89 8.26 30.80
N LEU E 193 -56.19 8.42 31.06
CA LEU E 193 -56.75 7.99 32.33
C LEU E 193 -56.86 6.47 32.43
N LYS E 194 -56.98 5.78 31.29
CA LYS E 194 -56.91 4.32 31.29
C LYS E 194 -55.52 3.85 31.74
N GLY E 195 -54.49 4.61 31.36
CA GLY E 195 -53.15 4.29 31.82
C GLY E 195 -53.02 4.30 33.34
N HIS E 196 -53.81 5.14 34.01
CA HIS E 196 -53.85 5.17 35.47
C HIS E 196 -54.89 4.22 36.05
N GLY E 197 -55.65 3.53 35.20
CA GLY E 197 -56.65 2.60 35.69
C GLY E 197 -57.80 3.24 36.45
N LEU E 198 -58.31 4.37 35.96
CA LEU E 198 -59.42 5.05 36.60
C LEU E 198 -60.77 4.71 35.97
N VAL E 199 -60.79 4.34 34.69
CA VAL E 199 -62.01 3.97 33.99
C VAL E 199 -61.78 2.63 33.32
N SER E 200 -62.88 1.99 32.94
CA SER E 200 -62.84 0.69 32.29
C SER E 200 -62.82 0.87 30.77
N ALA E 201 -62.93 -0.24 30.04
CA ALA E 201 -62.89 -0.19 28.59
C ALA E 201 -64.11 0.53 28.04
N LEU E 202 -63.94 1.15 26.86
CA LEU E 202 -65.03 1.87 26.23
C LEU E 202 -66.13 0.91 25.78
N ASP E 203 -67.37 1.29 26.02
CA ASP E 203 -68.51 0.49 25.60
C ASP E 203 -68.76 0.67 24.10
N ALA E 204 -69.60 -0.23 23.57
CA ALA E 204 -69.93 -0.14 22.15
C ALA E 204 -70.68 1.15 21.83
N HIS E 205 -71.59 1.57 22.71
CA HIS E 205 -72.38 2.78 22.50
C HIS E 205 -71.69 4.01 23.07
N ASP E 206 -70.43 4.19 22.68
CA ASP E 206 -69.57 5.32 23.09
C ASP E 206 -69.78 5.67 24.57
N ARG E 207 -69.53 4.69 25.42
CA ARG E 207 -69.65 4.86 26.87
C ARG E 207 -68.44 4.24 27.56
N VAL E 208 -68.18 4.74 28.78
CA VAL E 208 -67.10 4.24 29.63
C VAL E 208 -67.66 3.97 31.01
N ILE E 209 -66.94 3.13 31.75
CA ILE E 209 -67.32 2.71 33.09
C ILE E 209 -66.36 3.34 34.09
N ILE E 210 -66.92 4.02 35.09
CA ILE E 210 -66.11 4.66 36.13
C ILE E 210 -65.86 3.65 37.25
N ARG E 211 -64.59 3.40 37.55
CA ARG E 211 -64.22 2.44 38.58
C ARG E 211 -64.45 3.00 39.98
N PRO E 212 -64.75 2.13 40.95
CA PRO E 212 -65.04 2.62 42.31
C PRO E 212 -63.85 3.31 42.97
N ILE E 213 -62.63 3.11 42.48
CA ILE E 213 -61.45 3.70 43.11
C ILE E 213 -61.54 5.22 43.16
N ILE E 214 -62.38 5.82 42.31
CA ILE E 214 -62.56 7.27 42.31
C ILE E 214 -63.05 7.76 43.67
N THR E 215 -63.72 6.89 44.43
CA THR E 215 -64.12 7.27 45.78
C THR E 215 -62.90 7.59 46.64
N HIS E 216 -61.87 6.76 46.56
CA HIS E 216 -60.61 6.98 47.26
C HIS E 216 -59.55 7.54 46.32
N LEU E 217 -59.95 8.45 45.42
CA LEU E 217 -59.04 8.95 44.40
C LEU E 217 -57.81 9.59 45.01
N ALA E 218 -57.98 10.35 46.08
CA ALA E 218 -56.87 11.01 46.75
C ALA E 218 -57.33 11.49 48.12
N ASN E 219 -56.40 12.07 48.87
CA ASN E 219 -56.72 12.67 50.15
C ASN E 219 -57.46 13.99 49.94
N PRO E 220 -58.12 14.51 50.98
CA PRO E 220 -58.84 15.78 50.84
C PRO E 220 -57.97 16.95 50.43
N GLU E 221 -56.64 16.87 50.63
CA GLU E 221 -55.76 17.93 50.14
C GLU E 221 -55.86 18.06 48.62
N ASN E 222 -55.75 16.94 47.90
CA ASN E 222 -55.88 16.95 46.45
C ASN E 222 -57.28 17.29 45.99
N LEU E 223 -58.31 16.91 46.75
CA LEU E 223 -59.68 17.32 46.43
C LEU E 223 -59.85 18.83 46.54
N GLN E 224 -59.29 19.44 47.59
CA GLN E 224 -59.34 20.89 47.71
C GLN E 224 -58.58 21.57 46.58
N ALA E 225 -57.40 21.05 46.24
CA ALA E 225 -56.66 21.60 45.11
C ALA E 225 -57.45 21.47 43.81
N LEU E 226 -58.12 20.33 43.62
CA LEU E 226 -58.91 20.10 42.41
C LEU E 226 -60.08 21.06 42.32
N VAL E 227 -60.80 21.25 43.43
CA VAL E 227 -61.95 22.15 43.39
C VAL E 227 -61.50 23.61 43.22
N VAL E 228 -60.37 23.99 43.82
CA VAL E 228 -59.85 25.34 43.63
C VAL E 228 -59.47 25.57 42.17
N TRP E 229 -58.77 24.60 41.56
CA TRP E 229 -58.40 24.73 40.16
C TRP E 229 -59.64 24.77 39.26
N LEU E 230 -60.65 23.95 39.57
CA LEU E 230 -61.88 23.97 38.80
C LEU E 230 -62.58 25.32 38.90
N ARG E 231 -62.64 25.89 40.10
CA ARG E 231 -63.26 27.19 40.27
C ARG E 231 -62.49 28.27 39.52
N GLU E 232 -61.16 28.21 39.55
CA GLU E 232 -60.36 29.18 38.82
C GLU E 232 -60.58 29.05 37.32
N GLN E 233 -60.69 27.81 36.81
CA GLN E 233 -60.96 27.62 35.39
C GLN E 233 -62.36 28.14 35.02
N VAL E 234 -63.34 27.90 35.88
CA VAL E 234 -64.70 28.41 35.63
C VAL E 234 -64.67 29.94 35.59
N GLU E 235 -63.90 30.55 36.49
CA GLU E 235 -63.76 32.01 36.47
C GLU E 235 -63.16 32.49 35.15
N GLY E 236 -62.15 31.79 34.65
CA GLY E 236 -61.53 32.15 33.39
C GLY E 236 -60.70 33.42 33.46
N THR F 48 -39.44 -4.83 62.82
CA THR F 48 -38.41 -5.05 61.80
C THR F 48 -37.45 -3.87 61.76
N PRO F 49 -36.15 -4.15 61.82
CA PRO F 49 -35.15 -3.07 61.84
C PRO F 49 -35.24 -2.20 60.58
N GLN F 50 -34.94 -0.91 60.78
CA GLN F 50 -35.04 0.05 59.67
C GLN F 50 -34.06 -0.28 58.55
N ARG F 51 -32.82 -0.65 58.89
CA ARG F 51 -31.82 -0.91 57.86
C ARG F 51 -32.21 -2.10 57.00
N VAL F 52 -32.73 -3.16 57.62
CA VAL F 52 -33.15 -4.33 56.86
C VAL F 52 -34.24 -3.97 55.87
N ARG F 53 -35.24 -3.19 56.32
CA ARG F 53 -36.31 -2.78 55.43
C ARG F 53 -35.79 -1.92 54.30
N GLU F 54 -34.89 -0.98 54.60
CA GLU F 54 -34.33 -0.11 53.57
C GLU F 54 -33.58 -0.92 52.53
N ALA F 55 -32.74 -1.86 52.98
CA ALA F 55 -31.96 -2.67 52.05
C ALA F 55 -32.86 -3.54 51.19
N VAL F 56 -33.88 -4.16 51.81
CA VAL F 56 -34.79 -5.02 51.05
C VAL F 56 -35.54 -4.21 50.01
N GLN F 57 -36.02 -3.02 50.38
CA GLN F 57 -36.76 -2.19 49.44
C GLN F 57 -35.87 -1.73 48.29
N GLU F 58 -34.62 -1.35 48.60
CA GLU F 58 -33.70 -0.94 47.54
C GLU F 58 -33.40 -2.08 46.59
N MET F 59 -33.16 -3.28 47.14
CA MET F 59 -32.86 -4.43 46.30
C MET F 59 -34.05 -4.80 45.43
N LEU F 60 -35.26 -4.75 45.98
CA LEU F 60 -36.45 -5.01 45.18
C LEU F 60 -36.60 -3.97 44.08
N LYS F 61 -36.32 -2.71 44.39
CA LYS F 61 -36.46 -1.66 43.40
C LYS F 61 -35.50 -1.84 42.24
N TYR F 62 -34.22 -2.07 42.54
CA TYR F 62 -33.21 -2.14 41.48
C TYR F 62 -32.95 -3.55 40.98
N GLY F 63 -33.23 -4.57 41.78
CA GLY F 63 -33.01 -5.94 41.40
C GLY F 63 -31.73 -6.55 41.94
N LEU F 64 -30.77 -5.73 42.34
CA LEU F 64 -29.51 -6.26 42.86
C LEU F 64 -28.79 -5.17 43.64
N LEU F 65 -27.85 -5.62 44.47
CA LEU F 65 -26.99 -4.74 45.26
C LEU F 65 -25.54 -5.15 45.03
N GLU F 66 -24.71 -4.15 44.73
CA GLU F 66 -23.29 -4.34 44.53
C GLU F 66 -22.51 -3.66 45.65
N GLU F 67 -21.49 -4.36 46.17
CA GLU F 67 -20.72 -3.82 47.27
C GLU F 67 -19.95 -2.56 46.87
N SER F 68 -19.45 -2.49 45.64
CA SER F 68 -18.63 -1.37 45.21
C SER F 68 -19.41 -0.07 45.06
N HIS F 69 -20.74 -0.13 45.11
CA HIS F 69 -21.56 1.08 44.97
C HIS F 69 -22.39 1.39 46.21
N LYS F 70 -22.93 0.38 46.87
CA LYS F 70 -23.76 0.56 48.07
C LYS F 70 -23.27 -0.38 49.17
N PRO F 71 -22.10 -0.10 49.74
CA PRO F 71 -21.52 -1.03 50.71
C PRO F 71 -22.36 -1.23 51.96
N ASN F 72 -22.97 -0.16 52.49
CA ASN F 72 -23.72 -0.27 53.73
C ASN F 72 -24.93 -1.18 53.57
N LEU F 73 -25.72 -0.97 52.50
CA LEU F 73 -26.87 -1.82 52.26
C LEU F 73 -26.45 -3.26 51.98
N TYR F 74 -25.34 -3.44 51.27
CA TYR F 74 -24.85 -4.79 51.00
C TYR F 74 -24.49 -5.51 52.28
N ARG F 75 -23.79 -4.83 53.19
CA ARG F 75 -23.46 -5.43 54.48
C ARG F 75 -24.71 -5.74 55.29
N SER F 76 -25.68 -4.82 55.28
CA SER F 76 -26.90 -5.03 56.04
C SER F 76 -27.68 -6.25 55.51
N ALA F 77 -27.80 -6.37 54.19
CA ALA F 77 -28.54 -7.48 53.61
C ALA F 77 -27.77 -8.78 53.63
N LEU F 78 -26.44 -8.74 53.76
CA LEU F 78 -25.64 -9.95 53.79
C LEU F 78 -25.73 -10.68 55.12
N THR F 79 -25.88 -9.94 56.22
CA THR F 79 -25.86 -10.53 57.56
C THR F 79 -27.24 -10.92 58.06
N ASN F 80 -28.28 -10.77 57.24
CA ASN F 80 -29.66 -11.06 57.63
C ASN F 80 -30.32 -11.99 56.61
N ILE F 81 -29.63 -13.08 56.27
CA ILE F 81 -30.12 -13.98 55.23
C ILE F 81 -31.45 -14.58 55.61
N GLU F 82 -31.59 -15.04 56.86
CA GLU F 82 -32.83 -15.66 57.29
C GLU F 82 -33.99 -14.67 57.28
N VAL F 83 -33.75 -13.45 57.78
CA VAL F 83 -34.81 -12.45 57.82
C VAL F 83 -35.26 -12.09 56.41
N VAL F 84 -34.30 -11.87 55.51
CA VAL F 84 -34.65 -11.50 54.14
C VAL F 84 -35.39 -12.64 53.45
N ASP F 85 -34.95 -13.88 53.68
CA ASP F 85 -35.64 -15.02 53.09
C ASP F 85 -37.07 -15.12 53.60
N ARG F 86 -37.27 -14.92 54.90
CA ARG F 86 -38.62 -14.95 55.45
C ARG F 86 -39.48 -13.83 54.87
N ILE F 87 -38.89 -12.66 54.67
CA ILE F 87 -39.62 -11.53 54.09
C ILE F 87 -40.04 -11.85 52.66
N LEU F 88 -39.12 -12.42 51.87
CA LEU F 88 -39.39 -12.66 50.45
C LEU F 88 -40.17 -13.93 50.18
N GLU F 89 -40.33 -14.81 51.17
CA GLU F 89 -41.08 -16.05 50.94
C GLU F 89 -42.52 -15.80 50.50
N PRO F 90 -43.31 -14.92 51.12
CA PRO F 90 -44.69 -14.73 50.66
C PRO F 90 -44.82 -14.24 49.23
N LEU F 91 -43.78 -13.62 48.68
CA LEU F 91 -43.82 -13.07 47.33
C LEU F 91 -43.30 -14.03 46.28
N ASP F 92 -42.97 -15.27 46.66
CA ASP F 92 -42.41 -16.27 45.76
C ASP F 92 -41.11 -15.77 45.13
N LEU F 93 -40.27 -15.13 45.92
CA LEU F 93 -38.97 -14.65 45.48
C LEU F 93 -37.91 -15.12 46.46
N ALA F 94 -36.67 -15.19 45.98
CA ALA F 94 -35.54 -15.61 46.78
C ALA F 94 -34.35 -14.72 46.50
N MET F 95 -33.39 -14.75 47.41
CA MET F 95 -32.19 -13.93 47.31
C MET F 95 -30.98 -14.82 47.05
N GLY F 96 -30.22 -14.49 46.02
CA GLY F 96 -28.98 -15.18 45.68
C GLY F 96 -27.79 -14.32 46.07
N VAL F 97 -26.75 -14.96 46.58
CA VAL F 97 -25.59 -14.29 47.14
C VAL F 97 -24.34 -14.71 46.36
N ASP F 98 -23.37 -13.79 46.27
CA ASP F 98 -22.07 -14.09 45.68
C ASP F 98 -21.05 -13.23 46.41
N GLU F 99 -20.39 -13.81 47.41
CA GLU F 99 -19.44 -13.06 48.23
C GLU F 99 -18.14 -12.81 47.51
N VAL F 100 -17.75 -13.67 46.57
CA VAL F 100 -16.48 -13.51 45.86
C VAL F 100 -16.51 -12.23 45.03
N ARG F 101 -17.59 -12.00 44.30
CA ARG F 101 -17.73 -10.82 43.48
C ARG F 101 -18.47 -9.67 44.17
N GLY F 102 -18.93 -9.88 45.40
CA GLY F 102 -19.67 -8.86 46.11
C GLY F 102 -20.97 -8.48 45.42
N LEU F 103 -21.91 -9.43 45.38
CA LEU F 103 -23.14 -9.25 44.62
C LEU F 103 -24.29 -9.93 45.35
N VAL F 104 -25.46 -9.28 45.35
CA VAL F 104 -26.66 -9.86 45.93
C VAL F 104 -27.82 -9.58 45.00
N PHE F 105 -28.45 -10.62 44.47
CA PHE F 105 -29.50 -10.44 43.47
C PHE F 105 -30.76 -11.18 43.88
N VAL F 106 -31.82 -10.98 43.10
CA VAL F 106 -33.15 -11.51 43.39
C VAL F 106 -33.55 -12.44 42.26
N THR F 107 -34.04 -13.62 42.62
CA THR F 107 -34.49 -14.62 41.65
C THR F 107 -35.88 -15.10 42.02
N VAL F 108 -36.49 -15.82 41.09
CA VAL F 108 -37.81 -16.40 41.32
C VAL F 108 -37.68 -17.66 42.16
N ARG F 109 -38.42 -17.73 43.26
CA ARG F 109 -38.37 -18.88 44.14
C ARG F 109 -38.92 -20.11 43.44
N GLN F 110 -38.23 -21.24 43.61
CA GLN F 110 -38.63 -22.50 43.00
C GLN F 110 -39.67 -23.17 43.87
N GLY F 111 -40.90 -23.25 43.37
CA GLY F 111 -42.00 -23.86 44.09
C GLY F 111 -42.06 -25.35 43.88
N GLU F 112 -43.16 -25.93 44.36
CA GLU F 112 -43.38 -27.38 44.29
C GLU F 112 -44.12 -27.79 43.01
N VAL F 113 -43.61 -27.34 41.88
CA VAL F 113 -44.16 -27.69 40.57
C VAL F 113 -43.00 -28.08 39.66
N ALA F 114 -43.22 -29.09 38.81
CA ALA F 114 -42.15 -29.56 37.94
C ALA F 114 -41.69 -28.47 36.98
N GLU F 115 -42.64 -27.74 36.39
CA GLU F 115 -42.31 -26.66 35.46
C GLU F 115 -43.15 -25.43 35.80
N GLN F 116 -42.51 -24.28 35.84
CA GLN F 116 -43.19 -23.00 36.06
C GLN F 116 -42.81 -21.95 35.01
N ASP F 117 -41.71 -22.15 34.29
CA ASP F 117 -41.19 -21.28 33.24
C ASP F 117 -40.59 -19.99 33.81
N ASP F 118 -40.85 -19.72 35.10
CA ASP F 118 -40.22 -18.62 35.82
C ASP F 118 -40.47 -17.25 35.19
N TRP F 119 -41.23 -17.21 34.10
CA TRP F 119 -41.55 -15.96 33.43
C TRP F 119 -43.01 -15.56 33.56
N SER F 120 -43.87 -16.47 34.00
CA SER F 120 -45.28 -16.17 34.23
C SER F 120 -45.53 -15.63 35.62
N HIS F 121 -44.48 -15.43 36.42
CA HIS F 121 -44.65 -14.84 37.73
C HIS F 121 -45.23 -13.43 37.57
N PRO F 122 -46.23 -13.05 38.36
CA PRO F 122 -46.89 -11.76 38.15
C PRO F 122 -45.97 -10.56 38.24
N LEU F 123 -44.93 -10.62 39.07
CA LEU F 123 -44.10 -9.45 39.34
C LEU F 123 -42.93 -9.31 38.36
N VAL F 124 -42.82 -10.19 37.37
CA VAL F 124 -41.77 -10.10 36.36
C VAL F 124 -42.32 -9.29 35.18
N ARG F 125 -41.64 -8.20 34.84
CA ARG F 125 -42.13 -7.29 33.81
C ARG F 125 -41.39 -7.40 32.48
N ARG F 126 -40.15 -7.89 32.48
CA ARG F 126 -39.36 -7.94 31.26
C ARG F 126 -39.92 -9.02 30.32
N GLN F 127 -39.53 -8.91 29.06
CA GLN F 127 -39.87 -9.92 28.07
C GLN F 127 -38.87 -11.07 28.14
N ARG F 128 -39.10 -12.11 27.34
CA ARG F 128 -38.19 -13.23 27.30
C ARG F 128 -36.98 -12.90 26.43
N LEU F 129 -36.04 -13.84 26.37
CA LEU F 129 -34.82 -13.69 25.58
C LEU F 129 -34.91 -14.61 24.37
N ASN F 130 -34.63 -14.05 23.19
CA ASN F 130 -34.64 -14.82 21.96
C ASN F 130 -33.22 -15.24 21.59
N LEU F 131 -33.10 -15.92 20.44
CA LEU F 131 -31.82 -16.51 20.05
C LEU F 131 -30.75 -15.47 19.80
N GLU F 132 -31.11 -14.36 19.16
CA GLU F 132 -30.13 -13.33 18.83
C GLU F 132 -29.50 -12.76 20.09
N GLN F 133 -30.33 -12.40 21.07
CA GLN F 133 -29.83 -11.88 22.33
C GLN F 133 -29.03 -12.93 23.09
N SER F 134 -29.42 -14.20 22.99
CA SER F 134 -28.64 -15.26 23.63
C SER F 134 -27.25 -15.38 23.01
N LEU F 135 -27.16 -15.27 21.69
CA LEU F 135 -25.86 -15.30 21.03
C LEU F 135 -24.99 -14.12 21.48
N LEU F 136 -25.57 -12.92 21.53
CA LEU F 136 -24.80 -11.77 21.97
C LEU F 136 -24.37 -11.93 23.44
N ILE F 137 -25.24 -12.51 24.27
CA ILE F 137 -24.90 -12.75 25.67
C ILE F 137 -23.74 -13.74 25.77
N ALA F 138 -23.73 -14.77 24.92
CA ALA F 138 -22.63 -15.72 24.94
C ALA F 138 -21.32 -15.04 24.56
N ILE F 139 -21.35 -14.17 23.55
CA ILE F 139 -20.13 -13.44 23.16
C ILE F 139 -19.65 -12.57 24.32
N LEU F 140 -20.57 -11.86 24.97
CA LEU F 140 -20.20 -11.01 26.10
C LEU F 140 -19.66 -11.83 27.25
N ARG F 141 -20.21 -13.02 27.48
CA ARG F 141 -19.70 -13.88 28.55
C ARG F 141 -18.29 -14.36 28.25
N GLN F 142 -18.00 -14.66 26.99
CA GLN F 142 -16.64 -15.02 26.62
C GLN F 142 -15.69 -13.85 26.88
N HIS F 143 -16.10 -12.65 26.51
CA HIS F 143 -15.28 -11.48 26.79
C HIS F 143 -15.07 -11.28 28.29
N PHE F 144 -16.12 -11.55 29.08
CA PHE F 144 -15.99 -11.39 30.53
C PHE F 144 -15.06 -12.44 31.13
N ILE F 145 -15.07 -13.66 30.59
CA ILE F 145 -14.10 -14.66 31.00
C ILE F 145 -12.69 -14.17 30.73
N ALA F 146 -12.47 -13.65 29.52
CA ALA F 146 -11.14 -13.14 29.17
C ALA F 146 -10.71 -12.01 30.11
N TYR F 147 -11.64 -11.11 30.44
CA TYR F 147 -11.32 -10.02 31.35
C TYR F 147 -11.00 -10.53 32.75
N GLU F 148 -11.79 -11.48 33.25
CA GLU F 148 -11.65 -11.91 34.63
C GLU F 148 -10.45 -12.82 34.84
N GLN F 149 -9.99 -13.49 33.79
CA GLN F 149 -8.82 -14.34 33.93
C GLN F 149 -7.57 -13.52 34.22
N GLU F 150 -7.32 -12.48 33.44
CA GLU F 150 -6.10 -11.67 33.56
C GLU F 150 -6.31 -10.45 34.45
N SER F 151 -6.79 -10.66 35.67
CA SER F 151 -7.00 -9.57 36.61
C SER F 151 -6.54 -9.99 38.00
N GLY F 152 -6.05 -9.02 38.76
CA GLY F 152 -5.60 -9.26 40.11
C GLY F 152 -6.33 -8.43 41.13
N THR F 153 -5.71 -8.20 42.28
CA THR F 153 -6.32 -7.38 43.31
C THR F 153 -6.49 -5.95 42.81
N GLY F 154 -7.62 -5.35 43.16
CA GLY F 154 -7.97 -4.01 42.71
C GLY F 154 -9.33 -3.98 42.05
N ALA F 155 -9.82 -2.76 41.88
CA ALA F 155 -11.14 -2.52 41.31
C ALA F 155 -11.01 -2.00 39.89
N SER F 156 -11.75 -2.60 38.97
CA SER F 156 -11.77 -2.18 37.58
C SER F 156 -13.11 -2.58 36.98
N GLN F 157 -13.27 -2.32 35.68
CA GLN F 157 -14.50 -2.61 34.98
C GLN F 157 -14.20 -3.23 33.62
N ALA F 158 -15.15 -4.01 33.13
CA ALA F 158 -15.01 -4.70 31.84
C ALA F 158 -15.59 -3.81 30.75
N LEU F 159 -14.73 -3.24 29.93
CA LEU F 159 -15.13 -2.34 28.85
C LEU F 159 -14.86 -3.00 27.51
N VAL F 160 -15.82 -2.89 26.59
CA VAL F 160 -15.72 -3.50 25.28
C VAL F 160 -16.15 -2.47 24.23
N ALA F 161 -15.38 -2.36 23.15
CA ALA F 161 -15.72 -1.49 22.04
C ALA F 161 -16.60 -2.23 21.04
N VAL F 162 -17.43 -1.47 20.33
CA VAL F 162 -18.37 -2.06 19.38
C VAL F 162 -17.63 -2.68 18.20
N ASP F 163 -16.55 -2.04 17.76
CA ASP F 163 -15.79 -2.54 16.61
C ASP F 163 -15.19 -3.92 16.87
N GLU F 164 -14.93 -4.27 18.13
CA GLU F 164 -14.51 -5.63 18.44
C GLU F 164 -15.68 -6.61 18.34
N LEU F 165 -16.88 -6.17 18.67
CA LEU F 165 -18.05 -7.04 18.65
C LEU F 165 -18.56 -7.30 17.24
N ILE F 166 -18.36 -6.34 16.32
CA ILE F 166 -18.98 -6.45 15.00
C ILE F 166 -18.53 -7.68 14.22
N PRO F 167 -17.22 -7.95 14.05
CA PRO F 167 -16.84 -9.09 13.19
C PRO F 167 -17.25 -10.45 13.74
N GLN F 168 -17.14 -10.65 15.05
CA GLN F 168 -17.50 -11.94 15.63
C GLN F 168 -18.98 -12.23 15.43
N LEU F 169 -19.82 -11.20 15.44
CA LEU F 169 -21.23 -11.38 15.12
C LEU F 169 -21.47 -11.52 13.63
N GLN F 170 -20.63 -10.87 12.81
CA GLN F 170 -20.71 -11.08 11.36
C GLN F 170 -20.45 -12.53 11.00
N VAL F 171 -19.60 -13.21 11.77
CA VAL F 171 -19.28 -14.61 11.49
C VAL F 171 -20.55 -15.45 11.45
N TYR F 172 -21.47 -15.21 12.39
CA TYR F 172 -22.69 -16.01 12.49
C TYR F 172 -23.85 -15.41 11.71
N LEU F 173 -24.19 -14.15 12.00
CA LEU F 173 -25.38 -13.55 11.38
C LEU F 173 -25.20 -13.36 9.89
N GLY F 174 -24.02 -12.92 9.47
CA GLY F 174 -23.75 -12.66 8.07
C GLY F 174 -23.14 -11.28 7.91
N GLU F 175 -23.21 -10.76 6.68
CA GLU F 175 -22.69 -9.44 6.38
C GLU F 175 -23.72 -8.62 5.62
N LEU F 176 -23.85 -7.36 6.00
CA LEU F 176 -24.68 -6.40 5.28
C LEU F 176 -23.79 -5.53 4.39
N GLY F 177 -24.45 -4.80 3.49
CA GLY F 177 -23.73 -4.00 2.53
C GLY F 177 -22.88 -2.89 3.14
N SER F 178 -23.54 -1.90 3.72
CA SER F 178 -22.85 -0.74 4.27
C SER F 178 -22.41 -1.00 5.71
N GLU F 179 -21.54 -0.12 6.20
CA GLU F 179 -21.11 -0.17 7.60
C GLU F 179 -22.16 0.39 8.53
N ALA F 180 -22.92 1.38 8.07
CA ALA F 180 -23.96 1.99 8.90
C ALA F 180 -25.03 0.99 9.27
N LYS F 181 -25.36 0.07 8.36
CA LYS F 181 -26.37 -0.95 8.66
C LYS F 181 -25.92 -1.83 9.83
N GLU F 182 -24.65 -2.27 9.79
CA GLU F 182 -24.14 -3.12 10.86
C GLU F 182 -24.03 -2.35 12.16
N ARG F 183 -23.64 -1.08 12.10
CA ARG F 183 -23.58 -0.28 13.32
C ARG F 183 -24.98 -0.12 13.93
N ASN F 184 -25.99 0.11 13.09
CA ASN F 184 -27.36 0.19 13.59
C ASN F 184 -27.80 -1.11 14.23
N ARG F 185 -27.47 -2.25 13.58
CA ARG F 185 -27.86 -3.53 14.13
C ARG F 185 -27.24 -3.77 15.51
N ILE F 186 -25.94 -3.50 15.64
CA ILE F 186 -25.26 -3.73 16.92
C ILE F 186 -25.81 -2.78 17.98
N ILE F 187 -26.03 -1.52 17.62
CA ILE F 187 -26.54 -0.55 18.60
C ILE F 187 -27.92 -0.97 19.07
N THR F 188 -28.77 -1.43 18.15
CA THR F 188 -30.11 -1.88 18.55
C THR F 188 -30.04 -3.08 19.47
N LEU F 189 -29.18 -4.06 19.16
CA LEU F 189 -29.08 -5.22 20.03
C LEU F 189 -28.57 -4.84 21.42
N LEU F 190 -27.57 -3.97 21.49
CA LEU F 190 -27.06 -3.54 22.78
C LEU F 190 -28.09 -2.74 23.56
N ASP F 191 -28.89 -1.92 22.88
CA ASP F 191 -29.97 -1.20 23.54
C ASP F 191 -31.00 -2.16 24.11
N GLN F 192 -31.33 -3.22 23.36
CA GLN F 192 -32.24 -4.24 23.88
C GLN F 192 -31.66 -4.93 25.10
N LEU F 193 -30.35 -5.24 25.08
CA LEU F 193 -29.73 -5.90 26.22
C LEU F 193 -29.58 -5.00 27.43
N LYS F 194 -29.53 -3.68 27.23
CA LYS F 194 -29.46 -2.76 28.37
C LYS F 194 -30.70 -2.86 29.25
N GLY F 195 -31.85 -3.18 28.65
CA GLY F 195 -33.08 -3.28 29.43
C GLY F 195 -33.10 -4.41 30.43
N HIS F 196 -32.27 -5.42 30.23
CA HIS F 196 -32.16 -6.53 31.18
C HIS F 196 -31.09 -6.29 32.24
N GLY F 197 -30.39 -5.16 32.19
CA GLY F 197 -29.37 -4.88 33.17
C GLY F 197 -28.06 -5.60 32.95
N LEU F 198 -27.73 -5.93 31.70
CA LEU F 198 -26.51 -6.66 31.39
C LEU F 198 -25.38 -5.77 30.89
N VAL F 199 -25.69 -4.63 30.30
CA VAL F 199 -24.70 -3.69 29.79
C VAL F 199 -25.11 -2.28 30.19
N SER F 200 -24.32 -1.31 29.78
CA SER F 200 -24.59 0.11 30.02
C SER F 200 -24.75 0.84 28.69
N ALA F 201 -25.06 2.13 28.77
CA ALA F 201 -25.18 2.94 27.58
C ALA F 201 -23.79 3.24 27.00
N LEU F 202 -23.77 3.55 25.71
CA LEU F 202 -22.50 3.81 25.04
C LEU F 202 -21.85 5.08 25.58
N ASP F 203 -20.53 5.05 25.68
CA ASP F 203 -19.77 6.19 26.16
C ASP F 203 -19.47 7.15 25.00
N ALA F 204 -18.78 8.25 25.31
CA ALA F 204 -18.34 9.15 24.26
C ALA F 204 -17.24 8.54 23.41
N HIS F 205 -16.53 7.53 23.94
CA HIS F 205 -15.48 6.84 23.21
C HIS F 205 -15.96 5.54 22.60
N ASP F 206 -17.27 5.33 22.52
CA ASP F 206 -17.88 4.18 21.85
C ASP F 206 -17.47 2.87 22.54
N ARG F 207 -17.83 2.76 23.81
CA ARG F 207 -17.55 1.58 24.60
C ARG F 207 -18.72 1.30 25.54
N VAL F 208 -18.84 0.04 25.95
CA VAL F 208 -19.89 -0.39 26.87
C VAL F 208 -19.24 -1.15 28.02
N ILE F 209 -19.95 -1.18 29.14
CA ILE F 209 -19.51 -1.86 30.35
C ILE F 209 -20.34 -3.12 30.54
N ILE F 210 -19.67 -4.24 30.77
CA ILE F 210 -20.34 -5.51 31.01
C ILE F 210 -20.56 -5.66 32.51
N ARG F 211 -21.81 -5.84 32.91
CA ARG F 211 -22.15 -5.94 34.32
C ARG F 211 -21.82 -7.33 34.86
N PRO F 212 -21.38 -7.43 36.12
CA PRO F 212 -21.03 -8.75 36.67
C PRO F 212 -22.20 -9.70 36.80
N ILE F 213 -23.44 -9.20 36.80
CA ILE F 213 -24.61 -10.06 36.94
C ILE F 213 -24.66 -11.12 35.87
N ILE F 214 -24.02 -10.89 34.71
CA ILE F 214 -24.03 -11.87 33.64
C ILE F 214 -23.41 -13.18 34.08
N THR F 215 -22.46 -13.12 35.03
CA THR F 215 -21.83 -14.34 35.51
C THR F 215 -22.81 -15.26 36.24
N HIS F 216 -23.97 -14.75 36.63
CA HIS F 216 -25.01 -15.57 37.23
C HIS F 216 -26.16 -15.83 36.27
N LEU F 217 -26.12 -15.27 35.07
CA LEU F 217 -27.08 -15.60 34.03
C LEU F 217 -26.57 -16.71 33.12
N ALA F 218 -25.27 -16.75 32.88
CA ALA F 218 -24.64 -17.75 32.03
C ALA F 218 -23.74 -18.68 32.85
N ASN F 219 -24.18 -19.05 34.04
CA ASN F 219 -23.47 -20.02 34.84
C ASN F 219 -23.62 -21.40 34.21
N PRO F 220 -22.75 -22.35 34.57
CA PRO F 220 -22.73 -23.63 33.83
C PRO F 220 -24.05 -24.37 33.79
N GLU F 221 -24.90 -24.23 34.80
CA GLU F 221 -26.19 -24.93 34.77
C GLU F 221 -27.08 -24.39 33.66
N ASN F 222 -27.25 -23.06 33.60
CA ASN F 222 -28.09 -22.45 32.57
C ASN F 222 -27.50 -22.69 31.18
N LEU F 223 -26.17 -22.62 31.06
CA LEU F 223 -25.54 -22.90 29.78
C LEU F 223 -25.78 -24.34 29.35
N GLN F 224 -25.69 -25.29 30.28
CA GLN F 224 -25.96 -26.68 29.94
C GLN F 224 -27.39 -26.87 29.47
N ALA F 225 -28.35 -26.26 30.18
CA ALA F 225 -29.75 -26.38 29.78
C ALA F 225 -29.97 -25.77 28.39
N LEU F 226 -29.38 -24.60 28.14
CA LEU F 226 -29.52 -23.95 26.84
C LEU F 226 -28.91 -24.79 25.74
N VAL F 227 -27.74 -25.40 25.99
CA VAL F 227 -27.10 -26.24 24.98
C VAL F 227 -27.96 -27.45 24.66
N VAL F 228 -28.52 -28.08 25.70
CA VAL F 228 -29.39 -29.24 25.46
C VAL F 228 -30.60 -28.83 24.63
N TRP F 229 -31.23 -27.71 24.99
CA TRP F 229 -32.40 -27.25 24.25
C TRP F 229 -32.06 -26.94 22.81
N LEU F 230 -30.94 -26.26 22.58
CA LEU F 230 -30.56 -25.90 21.21
C LEU F 230 -30.20 -27.14 20.39
N ARG F 231 -29.55 -28.12 21.03
CA ARG F 231 -29.24 -29.37 20.31
C ARG F 231 -30.53 -30.10 19.93
N GLU F 232 -31.53 -30.08 20.81
CA GLU F 232 -32.82 -30.66 20.44
C GLU F 232 -33.44 -29.90 19.28
N GLN F 233 -33.34 -28.56 19.30
CA GLN F 233 -33.94 -27.76 18.23
C GLN F 233 -33.27 -28.02 16.89
N VAL F 234 -31.94 -28.11 16.87
CA VAL F 234 -31.21 -28.24 15.60
C VAL F 234 -31.51 -29.58 14.93
N GLU F 235 -31.41 -30.66 15.70
CA GLU F 235 -31.57 -32.01 15.15
C GLU F 235 -33.06 -32.35 15.09
N GLY F 236 -33.72 -31.79 14.08
CA GLY F 236 -35.13 -32.01 13.87
C GLY F 236 -36.01 -30.96 14.52
N THR G 48 44.65 20.88 -56.11
CA THR G 48 44.06 19.92 -57.01
C THR G 48 42.90 20.56 -57.77
N PRO G 49 42.90 20.40 -59.10
CA PRO G 49 41.83 21.01 -59.91
C PRO G 49 40.45 20.49 -59.51
N GLN G 50 39.46 21.38 -59.59
CA GLN G 50 38.12 21.05 -59.13
C GLN G 50 37.48 19.97 -60.00
N ARG G 51 37.66 20.06 -61.32
CA ARG G 51 37.02 19.08 -62.21
C ARG G 51 37.57 17.68 -61.99
N VAL G 52 38.88 17.56 -61.73
CA VAL G 52 39.47 16.26 -61.47
C VAL G 52 38.86 15.64 -60.22
N ARG G 53 38.73 16.43 -59.15
CA ARG G 53 38.13 15.93 -57.92
C ARG G 53 36.67 15.54 -58.15
N GLU G 54 35.93 16.36 -58.89
CA GLU G 54 34.53 16.04 -59.17
C GLU G 54 34.40 14.73 -59.93
N ALA G 55 35.22 14.55 -60.95
CA ALA G 55 35.18 13.31 -61.73
C ALA G 55 35.56 12.10 -60.89
N VAL G 56 36.60 12.24 -60.06
CA VAL G 56 37.02 11.13 -59.22
C VAL G 56 35.92 10.76 -58.23
N GLN G 57 35.31 11.75 -57.60
CA GLN G 57 34.24 11.47 -56.63
C GLN G 57 33.04 10.84 -57.31
N GLU G 58 32.65 11.34 -58.49
CA GLU G 58 31.53 10.74 -59.20
C GLU G 58 31.82 9.30 -59.57
N MET G 59 33.03 9.03 -60.07
CA MET G 59 33.39 7.66 -60.43
C MET G 59 33.41 6.75 -59.21
N LEU G 60 33.93 7.23 -58.09
CA LEU G 60 33.92 6.43 -56.87
C LEU G 60 32.51 6.18 -56.36
N LYS G 61 31.60 7.13 -56.56
CA LYS G 61 30.21 6.92 -56.15
C LYS G 61 29.49 5.91 -57.04
N TYR G 62 29.66 6.01 -58.36
CA TYR G 62 28.92 5.16 -59.28
C TYR G 62 29.71 3.96 -59.79
N GLY G 63 31.03 4.09 -59.94
CA GLY G 63 31.83 3.02 -60.47
C GLY G 63 31.97 3.00 -61.98
N LEU G 64 31.24 3.86 -62.69
CA LEU G 64 31.33 3.89 -64.14
C LEU G 64 31.06 5.30 -64.64
N LEU G 65 31.76 5.67 -65.70
CA LEU G 65 31.62 6.97 -66.34
C LEU G 65 31.45 6.77 -67.83
N GLU G 66 30.45 7.42 -68.40
CA GLU G 66 30.16 7.36 -69.83
C GLU G 66 30.23 8.76 -70.42
N GLU G 67 30.87 8.87 -71.58
CA GLU G 67 31.01 10.17 -72.24
C GLU G 67 29.65 10.74 -72.63
N SER G 68 28.72 9.87 -73.05
CA SER G 68 27.40 10.34 -73.48
C SER G 68 26.64 10.99 -72.34
N HIS G 69 26.86 10.55 -71.10
CA HIS G 69 26.14 11.08 -69.96
C HIS G 69 26.81 12.32 -69.38
N LYS G 70 28.09 12.22 -69.06
CA LYS G 70 28.84 13.31 -68.41
C LYS G 70 30.10 13.58 -69.23
N PRO G 71 29.96 14.27 -70.37
CA PRO G 71 31.14 14.48 -71.23
C PRO G 71 32.27 15.24 -70.57
N ASN G 72 31.96 16.24 -69.73
CA ASN G 72 33.01 17.02 -69.10
C ASN G 72 33.86 16.17 -68.17
N LEU G 73 33.21 15.37 -67.32
CA LEU G 73 33.94 14.50 -66.42
C LEU G 73 34.75 13.46 -67.18
N TYR G 74 34.17 12.92 -68.27
CA TYR G 74 34.89 11.94 -69.07
C TYR G 74 36.15 12.56 -69.67
N ARG G 75 36.04 13.77 -70.23
CA ARG G 75 37.21 14.43 -70.80
C ARG G 75 38.25 14.73 -69.73
N SER G 76 37.80 15.20 -68.56
CA SER G 76 38.74 15.54 -67.49
C SER G 76 39.48 14.29 -67.00
N ALA G 77 38.76 13.17 -66.87
CA ALA G 77 39.40 11.95 -66.38
C ALA G 77 40.31 11.32 -67.42
N LEU G 78 39.92 11.41 -68.70
CA LEU G 78 40.71 10.74 -69.75
C LEU G 78 42.01 11.50 -70.05
N THR G 79 42.05 12.79 -69.79
CA THR G 79 43.23 13.60 -70.06
C THR G 79 44.16 13.70 -68.86
N ASN G 80 43.83 13.06 -67.73
CA ASN G 80 44.62 13.13 -66.50
C ASN G 80 44.80 11.74 -65.92
N ILE G 81 45.22 10.79 -66.75
CA ILE G 81 45.32 9.40 -66.32
C ILE G 81 46.30 9.26 -65.16
N GLU G 82 47.46 9.92 -65.25
CA GLU G 82 48.45 9.80 -64.20
C GLU G 82 47.95 10.40 -62.88
N VAL G 83 47.24 11.53 -62.94
CA VAL G 83 46.72 12.13 -61.72
C VAL G 83 45.70 11.21 -61.06
N VAL G 84 44.80 10.63 -61.84
CA VAL G 84 43.80 9.72 -61.29
C VAL G 84 44.46 8.49 -60.71
N ASP G 85 45.49 7.98 -61.38
CA ASP G 85 46.20 6.82 -60.85
C ASP G 85 46.89 7.15 -59.53
N ARG G 86 47.50 8.34 -59.43
CA ARG G 86 48.12 8.75 -58.17
C ARG G 86 47.08 8.90 -57.07
N ILE G 87 45.91 9.47 -57.40
CA ILE G 87 44.87 9.65 -56.39
C ILE G 87 44.36 8.31 -55.90
N LEU G 88 44.13 7.36 -56.81
CA LEU G 88 43.54 6.08 -56.43
C LEU G 88 44.56 5.05 -55.95
N GLU G 89 45.86 5.35 -56.05
CA GLU G 89 46.86 4.39 -55.60
C GLU G 89 46.76 4.07 -54.12
N PRO G 90 46.66 5.05 -53.19
CA PRO G 90 46.57 4.68 -51.77
C PRO G 90 45.34 3.85 -51.44
N LEU G 91 44.28 3.95 -52.22
CA LEU G 91 43.06 3.17 -51.99
C LEU G 91 43.10 1.81 -52.65
N ASP G 92 44.24 1.42 -53.23
CA ASP G 92 44.38 0.15 -53.94
C ASP G 92 43.33 0.00 -55.04
N LEU G 93 43.11 1.08 -55.79
CA LEU G 93 42.20 1.08 -56.92
C LEU G 93 42.89 1.68 -58.13
N ALA G 94 42.46 1.26 -59.31
CA ALA G 94 43.02 1.73 -60.57
C ALA G 94 41.90 2.03 -61.56
N MET G 95 42.21 2.83 -62.56
CA MET G 95 41.25 3.26 -63.56
C MET G 95 41.45 2.50 -64.86
N GLY G 96 40.37 1.98 -65.42
CA GLY G 96 40.39 1.29 -66.70
C GLY G 96 39.59 2.07 -67.73
N VAL G 97 40.16 2.20 -68.92
CA VAL G 97 39.63 3.05 -69.98
C VAL G 97 39.27 2.19 -71.18
N ASP G 98 38.10 2.44 -71.75
CA ASP G 98 37.64 1.80 -72.99
C ASP G 98 37.15 2.93 -73.89
N GLU G 99 38.06 3.48 -74.71
CA GLU G 99 37.72 4.58 -75.59
C GLU G 99 36.82 4.17 -76.75
N VAL G 100 36.67 2.86 -76.98
CA VAL G 100 35.77 2.39 -78.04
C VAL G 100 34.34 2.80 -77.73
N ARG G 101 33.90 2.61 -76.48
CA ARG G 101 32.57 2.98 -76.06
C ARG G 101 32.55 4.16 -75.09
N GLY G 102 33.70 4.75 -74.80
CA GLY G 102 33.75 5.83 -73.84
C GLY G 102 33.40 5.40 -72.43
N LEU G 103 33.95 4.28 -71.98
CA LEU G 103 33.62 3.71 -70.68
C LEU G 103 34.83 3.80 -69.76
N VAL G 104 34.65 4.42 -68.60
CA VAL G 104 35.69 4.52 -67.58
C VAL G 104 35.21 3.76 -66.36
N PHE G 105 36.01 2.80 -65.89
CA PHE G 105 35.62 1.97 -64.76
C PHE G 105 36.78 1.86 -63.78
N VAL G 106 36.51 1.21 -62.65
CA VAL G 106 37.46 1.07 -61.56
C VAL G 106 37.76 -0.41 -61.36
N THR G 107 39.04 -0.76 -61.28
CA THR G 107 39.48 -2.12 -61.07
C THR G 107 40.32 -2.20 -59.81
N VAL G 108 40.24 -3.33 -59.11
CA VAL G 108 41.02 -3.55 -57.89
C VAL G 108 42.44 -3.90 -58.32
N ARG G 109 43.33 -2.91 -58.30
CA ARG G 109 44.72 -3.17 -58.67
C ARG G 109 45.40 -4.03 -57.61
N GLN G 110 46.21 -4.98 -58.09
CA GLN G 110 46.89 -5.92 -57.20
C GLN G 110 48.06 -6.58 -57.91
N SER G 120 37.65 -9.44 -51.29
CA SER G 120 39.08 -9.41 -51.00
C SER G 120 39.56 -7.98 -50.82
N HIS G 121 38.61 -7.03 -50.80
CA HIS G 121 38.93 -5.62 -50.64
C HIS G 121 38.07 -5.04 -49.53
N PRO G 122 38.65 -4.20 -48.66
CA PRO G 122 37.86 -3.64 -47.55
C PRO G 122 36.67 -2.81 -48.00
N LEU G 123 36.81 -2.09 -49.11
CA LEU G 123 35.75 -1.19 -49.56
C LEU G 123 34.77 -1.86 -50.52
N VAL G 124 35.02 -3.08 -50.95
CA VAL G 124 34.23 -3.74 -51.99
C VAL G 124 33.65 -5.03 -51.43
N ARG G 125 32.37 -5.26 -51.67
CA ARG G 125 31.68 -6.48 -51.27
C ARG G 125 31.51 -7.40 -52.47
N ARG G 126 31.88 -8.67 -52.30
CA ARG G 126 31.68 -9.67 -53.34
C ARG G 126 30.29 -10.29 -53.21
N GLN G 127 29.65 -10.53 -54.35
CA GLN G 127 28.31 -11.09 -54.38
C GLN G 127 28.27 -12.28 -55.32
N ARG G 128 27.30 -13.17 -55.08
CA ARG G 128 27.03 -14.31 -55.95
C ARG G 128 25.57 -14.27 -56.39
N LEU G 129 25.34 -14.58 -57.66
CA LEU G 129 24.03 -14.45 -58.28
C LEU G 129 23.46 -15.83 -58.59
N ASN G 130 22.16 -15.96 -58.44
CA ASN G 130 21.48 -17.24 -58.64
C ASN G 130 21.41 -17.58 -60.13
N LEU G 131 20.95 -18.81 -60.41
CA LEU G 131 20.78 -19.24 -61.79
C LEU G 131 19.74 -18.39 -62.51
N GLU G 132 18.66 -18.03 -61.81
CA GLU G 132 17.61 -17.20 -62.39
C GLU G 132 18.15 -15.84 -62.82
N GLN G 133 19.21 -15.35 -62.18
CA GLN G 133 19.88 -14.14 -62.62
C GLN G 133 21.01 -14.42 -63.59
N SER G 134 21.72 -15.55 -63.41
CA SER G 134 22.85 -15.87 -64.26
C SER G 134 22.44 -16.10 -65.71
N LEU G 135 21.33 -16.83 -65.92
CA LEU G 135 20.91 -17.10 -67.28
C LEU G 135 20.41 -15.84 -67.97
N LEU G 136 19.74 -14.95 -67.22
CA LEU G 136 19.32 -13.68 -67.80
C LEU G 136 20.55 -12.81 -68.14
N ILE G 137 21.58 -12.87 -67.30
CA ILE G 137 22.82 -12.16 -67.61
C ILE G 137 23.42 -12.69 -68.91
N ALA G 138 23.44 -14.02 -69.07
CA ALA G 138 23.95 -14.60 -70.31
C ALA G 138 23.14 -14.15 -71.52
N ILE G 139 21.80 -14.15 -71.38
CA ILE G 139 20.94 -13.74 -72.49
C ILE G 139 21.20 -12.28 -72.85
N LEU G 140 21.29 -11.41 -71.86
CA LEU G 140 21.55 -10.01 -72.13
C LEU G 140 22.93 -9.80 -72.76
N ARG G 141 23.93 -10.54 -72.29
CA ARG G 141 25.27 -10.42 -72.83
C ARG G 141 25.30 -10.83 -74.31
N GLN G 142 24.67 -11.96 -74.63
CA GLN G 142 24.68 -12.40 -76.03
C GLN G 142 23.84 -11.47 -76.91
N HIS G 143 22.74 -10.93 -76.36
CA HIS G 143 21.95 -9.96 -77.13
C HIS G 143 22.76 -8.70 -77.42
N PHE G 144 23.51 -8.22 -76.43
CA PHE G 144 24.34 -7.03 -76.65
C PHE G 144 25.47 -7.33 -77.63
N ILE G 145 26.03 -8.53 -77.56
CA ILE G 145 27.08 -8.91 -78.52
C ILE G 145 26.51 -8.92 -79.93
N ALA G 146 25.31 -9.48 -80.10
CA ALA G 146 24.66 -9.48 -81.41
C ALA G 146 24.39 -8.06 -81.89
N TYR G 147 23.92 -7.19 -80.99
CA TYR G 147 23.62 -5.81 -81.37
C TYR G 147 24.88 -5.06 -81.78
N GLU G 148 25.97 -5.22 -81.04
CA GLU G 148 27.20 -4.49 -81.36
C GLU G 148 27.87 -5.07 -82.61
N GLN G 149 27.67 -6.37 -82.88
CA GLN G 149 28.20 -6.94 -84.11
C GLN G 149 27.53 -6.33 -85.33
N GLU G 150 26.29 -5.86 -85.18
CA GLU G 150 25.60 -5.14 -86.24
C GLU G 150 26.12 -3.71 -86.26
N SER G 151 26.85 -3.36 -87.32
CA SER G 151 27.42 -2.02 -87.45
C SER G 151 27.54 -1.61 -88.91
N SER G 156 24.65 2.10 -81.56
CA SER G 156 24.27 2.98 -80.46
C SER G 156 24.01 2.18 -79.19
N GLN G 157 22.76 2.18 -78.73
CA GLN G 157 22.36 1.49 -77.52
C GLN G 157 21.50 0.28 -77.86
N ALA G 158 21.78 -0.85 -77.22
CA ALA G 158 21.04 -2.08 -77.44
C ALA G 158 19.69 -2.01 -76.76
N LEU G 159 18.62 -2.07 -77.56
CA LEU G 159 17.26 -2.03 -77.05
C LEU G 159 16.69 -3.44 -77.10
N VAL G 160 16.22 -3.92 -75.95
CA VAL G 160 15.68 -5.27 -75.81
C VAL G 160 14.24 -5.16 -75.34
N ALA G 161 13.32 -5.76 -76.09
CA ALA G 161 11.91 -5.74 -75.70
C ALA G 161 11.65 -6.75 -74.58
N VAL G 162 10.65 -6.45 -73.76
CA VAL G 162 10.30 -7.34 -72.66
C VAL G 162 9.82 -8.69 -73.18
N ASP G 163 8.97 -8.67 -74.21
CA ASP G 163 8.41 -9.91 -74.73
C ASP G 163 9.46 -10.79 -75.40
N GLU G 164 10.60 -10.22 -75.82
CA GLU G 164 11.63 -11.01 -76.47
C GLU G 164 12.21 -12.06 -75.53
N LEU G 165 12.47 -11.67 -74.27
CA LEU G 165 13.15 -12.55 -73.33
C LEU G 165 12.23 -13.60 -72.71
N ILE G 166 10.91 -13.45 -72.85
CA ILE G 166 9.99 -14.39 -72.22
C ILE G 166 10.16 -15.81 -72.76
N PRO G 167 10.18 -16.05 -74.08
CA PRO G 167 10.45 -17.43 -74.55
C PRO G 167 11.81 -17.95 -74.13
N GLN G 168 12.83 -17.08 -74.11
CA GLN G 168 14.17 -17.51 -73.72
C GLN G 168 14.21 -17.93 -72.25
N LEU G 169 13.43 -17.27 -71.40
CA LEU G 169 13.34 -17.67 -70.00
C LEU G 169 12.47 -18.92 -69.83
N GLN G 170 11.43 -19.06 -70.65
CA GLN G 170 10.54 -20.21 -70.51
C GLN G 170 11.21 -21.50 -70.96
N VAL G 171 12.02 -21.44 -72.02
CA VAL G 171 12.67 -22.65 -72.53
C VAL G 171 13.70 -23.22 -71.56
N TYR G 172 14.02 -22.49 -70.49
CA TYR G 172 14.98 -22.95 -69.50
C TYR G 172 14.38 -23.13 -68.11
N LEU G 173 13.44 -22.28 -67.71
CA LEU G 173 12.79 -22.39 -66.41
C LEU G 173 11.37 -22.93 -66.51
N GLY G 174 10.96 -23.42 -67.68
CA GLY G 174 9.61 -23.92 -67.85
C GLY G 174 8.62 -22.78 -68.07
N GLU G 175 7.36 -23.17 -68.25
CA GLU G 175 6.27 -22.24 -68.48
C GLU G 175 5.41 -22.14 -67.24
N LEU G 176 5.17 -20.90 -66.79
CA LEU G 176 4.34 -20.68 -65.60
C LEU G 176 2.85 -20.78 -65.89
N GLY G 177 2.45 -20.81 -67.16
CA GLY G 177 1.07 -20.94 -67.53
C GLY G 177 0.25 -19.67 -67.49
N SER G 178 0.86 -18.54 -67.17
CA SER G 178 0.15 -17.27 -67.11
C SER G 178 1.04 -16.16 -67.66
N GLU G 179 0.45 -15.28 -68.46
CA GLU G 179 1.18 -14.13 -68.96
C GLU G 179 1.59 -13.19 -67.82
N ALA G 180 0.71 -13.02 -66.84
CA ALA G 180 1.01 -12.13 -65.71
C ALA G 180 2.20 -12.65 -64.93
N LYS G 181 2.28 -13.97 -64.71
CA LYS G 181 3.42 -14.53 -64.00
C LYS G 181 4.73 -14.27 -64.73
N GLU G 182 4.73 -14.47 -66.05
CA GLU G 182 5.93 -14.21 -66.84
C GLU G 182 6.32 -12.74 -66.78
N ARG G 183 5.33 -11.84 -66.89
CA ARG G 183 5.62 -10.42 -66.81
C ARG G 183 6.21 -10.04 -65.45
N ASN G 184 5.63 -10.58 -64.38
CA ASN G 184 6.13 -10.28 -63.04
C ASN G 184 7.55 -10.81 -62.85
N ARG G 185 7.82 -12.03 -63.32
CA ARG G 185 9.16 -12.59 -63.20
C ARG G 185 10.17 -11.74 -63.97
N ILE G 186 9.82 -11.35 -65.20
CA ILE G 186 10.72 -10.53 -66.00
C ILE G 186 10.97 -9.19 -65.32
N ILE G 187 9.91 -8.56 -64.81
CA ILE G 187 10.05 -7.26 -64.16
C ILE G 187 10.92 -7.36 -62.92
N THR G 188 10.72 -8.40 -62.11
CA THR G 188 11.53 -8.56 -60.91
C THR G 188 13.00 -8.79 -61.25
N LEU G 189 13.28 -9.64 -62.25
CA LEU G 189 14.66 -9.87 -62.64
C LEU G 189 15.30 -8.60 -63.20
N LEU G 190 14.54 -7.84 -64.00
CA LEU G 190 15.07 -6.59 -64.54
C LEU G 190 15.35 -5.59 -63.44
N ASP G 191 14.49 -5.52 -62.42
CA ASP G 191 14.75 -4.63 -61.29
C ASP G 191 15.99 -5.08 -60.53
N GLN G 192 16.15 -6.38 -60.33
CA GLN G 192 17.34 -6.89 -59.63
C GLN G 192 18.60 -6.52 -60.39
N LEU G 193 18.58 -6.63 -61.71
CA LEU G 193 19.74 -6.21 -62.50
C LEU G 193 19.88 -4.69 -62.54
N LYS G 194 18.80 -3.95 -62.39
CA LYS G 194 18.88 -2.50 -62.24
C LYS G 194 19.61 -2.14 -60.95
N GLY G 195 19.43 -2.95 -59.91
CA GLY G 195 20.17 -2.72 -58.68
C GLY G 195 21.67 -2.80 -58.88
N HIS G 196 22.12 -3.67 -59.78
CA HIS G 196 23.54 -3.75 -60.13
C HIS G 196 23.94 -2.77 -61.21
N GLY G 197 22.98 -2.01 -61.77
CA GLY G 197 23.29 -1.04 -62.80
C GLY G 197 23.78 -1.64 -64.10
N LEU G 198 23.14 -2.73 -64.56
CA LEU G 198 23.52 -3.36 -65.81
C LEU G 198 22.65 -2.91 -66.99
N VAL G 199 21.41 -2.50 -66.72
CA VAL G 199 20.51 -2.02 -67.76
C VAL G 199 19.97 -0.67 -67.33
N SER G 200 19.39 0.05 -68.30
CA SER G 200 18.82 1.36 -68.04
C SER G 200 17.34 1.23 -67.72
N ALA G 201 16.65 2.37 -67.61
CA ALA G 201 15.24 2.37 -67.26
C ALA G 201 14.40 1.77 -68.39
N LEU G 202 13.26 1.19 -68.01
CA LEU G 202 12.37 0.59 -68.99
C LEU G 202 11.75 1.66 -69.88
N ASP G 203 11.70 1.38 -71.18
CA ASP G 203 11.12 2.31 -72.14
C ASP G 203 9.59 2.19 -72.13
N ALA G 204 8.96 3.15 -72.81
CA ALA G 204 7.49 3.14 -72.90
C ALA G 204 6.99 1.90 -73.62
N HIS G 205 7.66 1.50 -74.70
CA HIS G 205 7.26 0.34 -75.49
C HIS G 205 7.89 -0.95 -74.96
N ASP G 206 7.76 -1.17 -73.65
CA ASP G 206 8.29 -2.34 -72.95
C ASP G 206 9.66 -2.76 -73.47
N ARG G 207 10.60 -1.82 -73.39
CA ARG G 207 11.97 -2.06 -73.82
C ARG G 207 12.95 -1.53 -72.77
N VAL G 208 14.14 -2.12 -72.75
CA VAL G 208 15.20 -1.73 -71.85
C VAL G 208 16.47 -1.50 -72.66
N ILE G 209 17.39 -0.74 -72.08
CA ILE G 209 18.65 -0.37 -72.72
C ILE G 209 19.77 -1.12 -72.02
N ILE G 210 20.60 -1.82 -72.79
CA ILE G 210 21.73 -2.55 -72.25
C ILE G 210 22.94 -1.61 -72.19
N ARG G 211 23.51 -1.47 -71.01
CA ARG G 211 24.64 -0.58 -70.80
C ARG G 211 25.94 -1.19 -71.34
N PRO G 212 26.87 -0.36 -71.79
CA PRO G 212 28.13 -0.91 -72.35
C PRO G 212 28.96 -1.69 -71.35
N ILE G 213 28.74 -1.52 -70.04
CA ILE G 213 29.52 -2.21 -69.03
C ILE G 213 29.41 -3.73 -69.18
N ILE G 214 28.35 -4.21 -69.84
CA ILE G 214 28.19 -5.65 -70.06
C ILE G 214 29.39 -6.22 -70.82
N THR G 215 30.05 -5.39 -71.63
CA THR G 215 31.27 -5.84 -72.32
C THR G 215 32.33 -6.27 -71.31
N HIS G 216 32.51 -5.48 -70.26
CA HIS G 216 33.46 -5.79 -69.19
C HIS G 216 32.76 -6.37 -67.97
N LEU G 217 31.74 -7.22 -68.20
CA LEU G 217 30.92 -7.73 -67.12
C LEU G 217 31.76 -8.44 -66.06
N ALA G 218 32.77 -9.20 -66.49
CA ALA G 218 33.67 -9.89 -65.57
C ALA G 218 34.86 -10.39 -66.36
N ASN G 219 35.76 -11.09 -65.66
CA ASN G 219 36.90 -11.72 -66.29
C ASN G 219 36.45 -12.97 -67.04
N PRO G 220 37.28 -13.49 -67.95
CA PRO G 220 36.91 -14.71 -68.69
C PRO G 220 36.63 -15.91 -67.81
N GLU G 221 37.10 -15.92 -66.57
CA GLU G 221 36.75 -17.01 -65.65
C GLU G 221 35.24 -17.08 -65.43
N ASN G 222 34.62 -15.94 -65.13
CA ASN G 222 33.17 -15.88 -64.97
C ASN G 222 32.43 -16.11 -66.27
N LEU G 223 32.99 -15.70 -67.41
CA LEU G 223 32.36 -16.03 -68.69
C LEU G 223 32.35 -17.52 -68.94
N GLN G 224 33.45 -18.21 -68.63
CA GLN G 224 33.49 -19.66 -68.76
C GLN G 224 32.50 -20.32 -67.82
N ALA G 225 32.43 -19.85 -66.58
CA ALA G 225 31.44 -20.40 -65.64
C ALA G 225 30.02 -20.17 -66.17
N LEU G 226 29.76 -18.99 -66.72
CA LEU G 226 28.44 -18.66 -67.23
C LEU G 226 28.06 -19.56 -68.39
N VAL G 227 28.98 -19.75 -69.34
CA VAL G 227 28.66 -20.59 -70.49
C VAL G 227 28.51 -22.05 -70.08
N VAL G 228 29.30 -22.52 -69.11
CA VAL G 228 29.14 -23.89 -68.63
C VAL G 228 27.77 -24.06 -67.96
N TRP G 229 27.38 -23.10 -67.12
CA TRP G 229 26.07 -23.18 -66.47
C TRP G 229 24.94 -23.11 -67.49
N LEU G 230 25.09 -22.26 -68.51
CA LEU G 230 24.08 -22.18 -69.56
C LEU G 230 23.96 -23.50 -70.32
N ARG G 231 25.09 -24.12 -70.65
CA ARG G 231 25.07 -25.40 -71.34
C ARG G 231 24.41 -26.48 -70.47
N GLU G 232 24.72 -26.49 -69.17
CA GLU G 232 24.11 -27.46 -68.28
C GLU G 232 22.60 -27.24 -68.18
N GLN G 233 22.17 -25.98 -68.14
CA GLN G 233 20.73 -25.70 -68.12
C GLN G 233 20.06 -26.13 -69.41
N VAL G 234 20.70 -25.89 -70.56
CA VAL G 234 20.17 -26.34 -71.84
C VAL G 234 20.05 -27.86 -71.85
N GLU G 235 21.03 -28.55 -71.27
CA GLU G 235 20.95 -30.00 -71.15
C GLU G 235 19.72 -30.43 -70.35
N GLY G 236 19.45 -29.73 -69.24
CA GLY G 236 18.30 -30.04 -68.42
C GLY G 236 18.45 -31.33 -67.63
N THR H 48 53.76 4.13 -51.19
CA THR H 48 52.99 4.34 -49.96
C THR H 48 53.07 3.12 -49.06
N PRO H 49 53.41 3.32 -47.79
CA PRO H 49 53.56 2.19 -46.87
C PRO H 49 52.27 1.38 -46.74
N GLN H 50 52.44 0.07 -46.54
CA GLN H 50 51.30 -0.83 -46.46
C GLN H 50 50.41 -0.50 -45.26
N ARG H 51 51.01 -0.23 -44.10
CA ARG H 51 50.23 0.02 -42.90
C ARG H 51 49.38 1.28 -43.05
N VAL H 52 49.93 2.33 -43.65
CA VAL H 52 49.17 3.56 -43.84
C VAL H 52 47.96 3.31 -44.72
N ARG H 53 48.16 2.57 -45.82
CA ARG H 53 47.05 2.26 -46.72
C ARG H 53 46.00 1.42 -46.01
N GLU H 54 46.42 0.42 -45.24
CA GLU H 54 45.47 -0.43 -44.52
C GLU H 54 44.65 0.39 -43.53
N ALA H 55 45.32 1.25 -42.76
CA ALA H 55 44.61 2.06 -41.78
C ALA H 55 43.64 3.02 -42.44
N VAL H 56 44.07 3.67 -43.54
CA VAL H 56 43.19 4.61 -44.23
C VAL H 56 41.97 3.89 -44.79
N GLN H 57 42.19 2.72 -45.40
CA GLN H 57 41.06 1.98 -45.95
C GLN H 57 40.10 1.52 -44.87
N GLU H 58 40.62 1.05 -43.74
CA GLU H 58 39.75 0.64 -42.64
C GLU H 58 38.95 1.81 -42.11
N MET H 59 39.60 2.96 -41.93
CA MET H 59 38.90 4.14 -41.41
C MET H 59 37.83 4.62 -42.38
N LEU H 60 38.13 4.60 -43.68
CA LEU H 60 37.12 4.97 -44.66
C LEU H 60 35.97 3.99 -44.66
N LYS H 61 36.24 2.71 -44.47
CA LYS H 61 35.19 1.70 -44.46
C LYS H 61 34.26 1.89 -43.27
N TYR H 62 34.82 2.04 -42.07
CA TYR H 62 33.99 2.10 -40.87
C TYR H 62 33.64 3.52 -40.45
N GLY H 63 34.44 4.51 -40.82
CA GLY H 63 34.19 5.88 -40.46
C GLY H 63 35.01 6.40 -39.30
N LEU H 64 35.54 5.50 -38.47
CA LEU H 64 36.33 5.91 -37.32
C LEU H 64 37.17 4.75 -36.81
N LEU H 65 38.21 5.09 -36.08
CA LEU H 65 39.11 4.15 -35.43
C LEU H 65 39.18 4.48 -33.95
N GLU H 66 39.01 3.45 -33.12
CA GLU H 66 39.11 3.57 -31.68
C GLU H 66 40.32 2.80 -31.18
N GLU H 67 41.07 3.41 -30.26
CA GLU H 67 42.28 2.77 -29.75
C GLU H 67 41.97 1.49 -28.97
N SER H 68 40.85 1.47 -28.24
CA SER H 68 40.54 0.32 -27.40
C SER H 68 40.15 -0.92 -28.20
N HIS H 69 39.94 -0.81 -29.50
CA HIS H 69 39.58 -1.94 -30.34
C HIS H 69 40.61 -2.27 -31.40
N LYS H 70 41.21 -1.26 -32.02
CA LYS H 70 42.19 -1.44 -33.09
C LYS H 70 43.42 -0.59 -32.79
N PRO H 71 44.20 -0.96 -31.78
CA PRO H 71 45.32 -0.11 -31.38
C PRO H 71 46.39 0.08 -32.44
N ASN H 72 46.72 -0.97 -33.19
CA ASN H 72 47.78 -0.87 -34.18
C ASN H 72 47.44 0.12 -35.28
N LEU H 73 46.22 0.00 -35.84
CA LEU H 73 45.80 0.92 -36.88
C LEU H 73 45.69 2.34 -36.34
N TYR H 74 45.22 2.49 -35.10
CA TYR H 74 45.13 3.81 -34.50
C TYR H 74 46.51 4.46 -34.38
N ARG H 75 47.49 3.70 -33.92
CA ARG H 75 48.86 4.22 -33.82
C ARG H 75 49.42 4.56 -35.20
N SER H 76 49.16 3.71 -36.19
CA SER H 76 49.66 3.97 -37.54
C SER H 76 49.07 5.24 -38.12
N ALA H 77 47.75 5.43 -37.95
CA ALA H 77 47.09 6.60 -38.51
C ALA H 77 47.38 7.86 -37.71
N LEU H 78 47.74 7.72 -36.43
CA LEU H 78 48.00 8.90 -35.60
C LEU H 78 49.33 9.55 -35.93
N THR H 79 50.32 8.76 -36.33
CA THR H 79 51.67 9.26 -36.57
C THR H 79 51.91 9.71 -38.01
N ASN H 80 50.89 9.68 -38.86
CA ASN H 80 51.01 10.03 -40.27
C ASN H 80 49.95 11.03 -40.66
N ILE H 81 49.82 12.10 -39.87
CA ILE H 81 48.75 13.07 -40.08
C ILE H 81 48.88 13.73 -41.45
N GLU H 82 50.10 14.14 -41.80
CA GLU H 82 50.31 14.82 -43.09
C GLU H 82 50.02 13.90 -44.26
N VAL H 83 50.47 12.65 -44.19
CA VAL H 83 50.25 11.70 -45.28
C VAL H 83 48.76 11.43 -45.45
N VAL H 84 48.06 11.19 -44.33
CA VAL H 84 46.62 10.92 -44.41
C VAL H 84 45.87 12.13 -44.94
N ASP H 85 46.25 13.33 -44.50
CA ASP H 85 45.60 14.53 -45.01
C ASP H 85 45.81 14.69 -46.51
N ARG H 86 47.03 14.44 -46.98
CA ARG H 86 47.30 14.52 -48.41
C ARG H 86 46.50 13.49 -49.18
N ILE H 87 46.35 12.29 -48.61
CA ILE H 87 45.57 11.24 -49.26
C ILE H 87 44.11 11.64 -49.36
N LEU H 88 43.55 12.20 -48.28
CA LEU H 88 42.13 12.52 -48.24
C LEU H 88 41.78 13.85 -48.89
N GLU H 89 42.77 14.69 -49.20
CA GLU H 89 42.46 15.97 -49.83
C GLU H 89 41.72 15.83 -51.17
N PRO H 90 42.12 14.96 -52.10
CA PRO H 90 41.38 14.88 -53.37
C PRO H 90 39.93 14.47 -53.23
N LEU H 91 39.57 13.81 -52.13
CA LEU H 91 38.21 13.33 -51.92
C LEU H 91 37.34 14.32 -51.15
N ASP H 92 37.85 15.51 -50.85
CA ASP H 92 37.13 16.51 -50.07
C ASP H 92 36.75 15.97 -48.69
N LEU H 93 37.67 15.25 -48.07
CA LEU H 93 37.46 14.71 -46.73
C LEU H 93 38.66 15.07 -45.86
N ALA H 94 38.43 15.12 -44.55
CA ALA H 94 39.48 15.43 -43.60
C ALA H 94 39.40 14.48 -42.41
N MET H 95 40.49 14.41 -41.66
CA MET H 95 40.59 13.53 -40.51
C MET H 95 40.61 14.37 -39.24
N GLY H 96 39.76 14.01 -38.28
CA GLY H 96 39.72 14.65 -36.98
C GLY H 96 40.28 13.71 -35.93
N VAL H 97 41.03 14.28 -34.98
CA VAL H 97 41.76 13.51 -33.99
C VAL H 97 41.28 13.89 -32.60
N ASP H 98 41.33 12.93 -31.68
CA ASP H 98 41.04 13.19 -30.26
C ASP H 98 41.91 12.23 -29.45
N GLU H 99 43.04 12.72 -28.99
CA GLU H 99 43.99 11.88 -28.27
C GLU H 99 43.53 11.59 -26.85
N VAL H 100 42.75 12.47 -26.24
CA VAL H 100 42.30 12.27 -24.87
C VAL H 100 41.42 11.03 -24.77
N ARG H 101 40.48 10.90 -25.70
CA ARG H 101 39.56 9.76 -25.72
C ARG H 101 40.02 8.64 -26.64
N GLY H 102 41.15 8.81 -27.33
CA GLY H 102 41.64 7.79 -28.23
C GLY H 102 40.69 7.54 -29.39
N LEU H 103 40.51 8.52 -30.25
CA LEU H 103 39.51 8.45 -31.32
C LEU H 103 40.02 9.17 -32.55
N VAL H 104 39.76 8.58 -33.72
CA VAL H 104 40.10 9.21 -34.99
C VAL H 104 38.92 9.03 -35.95
N PHE H 105 38.37 10.14 -36.44
CA PHE H 105 37.18 10.06 -37.26
C PHE H 105 37.36 10.85 -38.54
N VAL H 106 36.37 10.76 -39.43
CA VAL H 106 36.42 11.35 -40.76
C VAL H 106 35.28 12.35 -40.88
N THR H 107 35.60 13.55 -41.38
CA THR H 107 34.62 14.60 -41.56
C THR H 107 34.73 15.15 -42.98
N VAL H 108 33.74 15.95 -43.36
CA VAL H 108 33.74 16.59 -44.67
C VAL H 108 34.65 17.80 -44.63
N ARG H 109 35.58 17.86 -45.59
CA ARG H 109 36.52 18.97 -45.65
C ARG H 109 35.80 20.27 -45.96
N GLN H 110 36.18 21.34 -45.25
CA GLN H 110 35.52 22.62 -45.42
C GLN H 110 36.11 23.36 -46.62
N GLY H 111 35.24 23.80 -47.52
CA GLY H 111 35.65 24.51 -48.71
C GLY H 111 35.56 26.02 -48.56
N GLU H 112 35.93 26.71 -49.63
CA GLU H 112 35.90 28.17 -49.65
C GLU H 112 34.49 28.72 -49.77
N VAL H 113 33.53 27.93 -50.24
CA VAL H 113 32.16 28.38 -50.33
C VAL H 113 31.60 28.64 -48.94
N ALA H 114 30.81 29.70 -48.81
CA ALA H 114 30.30 30.09 -47.49
C ALA H 114 29.40 29.01 -46.90
N GLU H 115 28.53 28.43 -47.73
CA GLU H 115 27.60 27.38 -47.27
C GLU H 115 27.63 26.24 -48.29
N GLN H 116 28.20 25.12 -47.90
CA GLN H 116 28.19 23.91 -48.71
C GLN H 116 27.20 22.86 -48.20
N ASP H 117 26.69 23.06 -46.98
CA ASP H 117 25.62 22.26 -46.37
C ASP H 117 26.11 20.88 -45.94
N ASP H 118 27.32 20.48 -46.38
CA ASP H 118 28.03 19.33 -45.85
C ASP H 118 27.28 18.02 -46.00
N TRP H 119 26.05 18.05 -46.54
CA TRP H 119 25.26 16.85 -46.74
C TRP H 119 25.07 16.50 -48.20
N SER H 120 25.38 17.41 -49.12
CA SER H 120 25.29 17.15 -50.54
C SER H 120 26.58 16.55 -51.10
N HIS H 121 27.55 16.26 -50.25
CA HIS H 121 28.76 15.60 -50.70
C HIS H 121 28.41 14.24 -51.29
N PRO H 122 28.96 13.88 -52.45
CA PRO H 122 28.53 12.64 -53.10
C PRO H 122 28.73 11.38 -52.27
N LEU H 123 29.78 11.34 -51.46
CA LEU H 123 30.15 10.11 -50.74
C LEU H 123 29.41 9.96 -49.41
N VAL H 124 28.56 10.90 -49.04
CA VAL H 124 27.76 10.79 -47.83
C VAL H 124 26.47 10.06 -48.17
N ARG H 125 26.20 8.95 -47.47
CA ARG H 125 25.08 8.09 -47.79
C ARG H 125 23.91 8.20 -46.80
N ARG H 126 24.16 8.65 -45.58
CA ARG H 126 23.10 8.69 -44.58
C ARG H 126 22.12 9.82 -44.89
N GLN H 127 20.99 9.81 -44.19
CA GLN H 127 20.02 10.87 -44.27
C GLN H 127 20.36 11.97 -43.26
N ARG H 128 19.56 13.03 -43.25
CA ARG H 128 19.77 14.10 -42.30
C ARG H 128 19.14 13.75 -40.95
N LEU H 129 19.29 14.66 -39.99
CA LEU H 129 18.77 14.48 -38.64
C LEU H 129 17.61 15.44 -38.42
N ASN H 130 16.48 14.91 -37.98
CA ASN H 130 15.32 15.73 -37.68
C ASN H 130 15.29 16.10 -36.20
N LEU H 131 14.23 16.82 -35.81
CA LEU H 131 14.15 17.36 -34.46
C LEU H 131 14.06 16.27 -33.41
N GLU H 132 13.29 15.21 -33.67
CA GLU H 132 13.11 14.14 -32.69
C GLU H 132 14.44 13.47 -32.37
N GLN H 133 15.21 13.12 -33.40
CA GLN H 133 16.50 12.51 -33.18
C GLN H 133 17.47 13.48 -32.51
N SER H 134 17.37 14.77 -32.81
CA SER H 134 18.22 15.75 -32.14
C SER H 134 17.90 15.82 -30.64
N LEU H 135 16.61 15.77 -30.29
CA LEU H 135 16.24 15.75 -28.88
C LEU H 135 16.78 14.51 -28.17
N LEU H 136 16.65 13.34 -28.81
CA LEU H 136 17.17 12.13 -28.20
C LEU H 136 18.69 12.19 -28.08
N ILE H 137 19.37 12.78 -29.06
CA ILE H 137 20.82 12.94 -29.01
C ILE H 137 21.21 13.85 -27.85
N ALA H 138 20.44 14.91 -27.62
CA ALA H 138 20.73 15.80 -26.49
C ALA H 138 20.58 15.06 -25.17
N ILE H 139 19.54 14.25 -25.03
CA ILE H 139 19.37 13.47 -23.81
C ILE H 139 20.55 12.52 -23.62
N LEU H 140 20.96 11.83 -24.68
CA LEU H 140 22.09 10.91 -24.58
C LEU H 140 23.37 11.64 -24.25
N ARG H 141 23.55 12.85 -24.78
CA ARG H 141 24.75 13.63 -24.46
C ARG H 141 24.77 14.03 -23.00
N GLN H 142 23.61 14.39 -22.45
CA GLN H 142 23.55 14.68 -21.02
C GLN H 142 23.93 13.45 -20.19
N HIS H 143 23.41 12.29 -20.58
CA HIS H 143 23.78 11.06 -19.89
C HIS H 143 25.28 10.80 -20.00
N PHE H 144 25.86 11.07 -21.17
CA PHE H 144 27.29 10.85 -21.36
C PHE H 144 28.12 11.81 -20.52
N ILE H 145 27.67 13.05 -20.36
CA ILE H 145 28.33 13.98 -19.45
C ILE H 145 28.31 13.42 -18.04
N ALA H 146 27.15 12.94 -17.60
CA ALA H 146 27.05 12.38 -16.26
C ALA H 146 27.98 11.19 -16.08
N TYR H 147 28.06 10.33 -17.09
CA TYR H 147 28.95 9.17 -17.02
C TYR H 147 30.41 9.61 -16.96
N GLU H 148 30.80 10.57 -17.79
CA GLU H 148 32.21 10.93 -17.93
C GLU H 148 32.70 11.75 -16.75
N GLN H 149 31.81 12.44 -16.06
CA GLN H 149 32.23 13.23 -14.90
C GLN H 149 32.73 12.32 -13.77
N GLU H 150 31.95 11.30 -13.42
CA GLU H 150 32.27 10.43 -12.30
C GLU H 150 33.02 9.17 -12.74
N SER H 151 34.14 9.35 -13.45
CA SER H 151 34.94 8.23 -13.90
C SER H 151 36.41 8.55 -13.71
N GLY H 152 37.18 7.51 -13.40
CA GLY H 152 38.62 7.66 -13.22
C GLY H 152 39.42 6.83 -14.19
N THR H 153 40.67 6.53 -13.84
CA THR H 153 41.51 5.70 -14.70
C THR H 153 40.91 4.31 -14.84
N GLY H 154 40.98 3.77 -16.04
CA GLY H 154 40.40 2.47 -16.35
C GLY H 154 39.47 2.55 -17.55
N ALA H 155 39.14 1.37 -18.05
CA ALA H 155 38.30 1.22 -19.24
C ALA H 155 36.91 0.75 -18.82
N SER H 156 35.89 1.44 -19.33
CA SER H 156 34.51 1.07 -19.08
C SER H 156 33.67 1.57 -20.26
N GLN H 157 32.35 1.40 -20.16
CA GLN H 157 31.44 1.80 -21.22
C GLN H 157 30.21 2.46 -20.61
N ALA H 158 29.57 3.32 -21.41
CA ALA H 158 28.39 4.05 -20.98
C ALA H 158 27.14 3.25 -21.37
N LEU H 159 26.49 2.67 -20.38
CA LEU H 159 25.30 1.85 -20.59
C LEU H 159 24.09 2.55 -20.02
N VAL H 160 22.99 2.55 -20.78
CA VAL H 160 21.76 3.20 -20.38
C VAL H 160 20.59 2.25 -20.64
N ALA H 161 19.70 2.15 -19.67
CA ALA H 161 18.49 1.35 -19.82
C ALA H 161 17.37 2.19 -20.42
N VAL H 162 16.46 1.51 -21.14
CA VAL H 162 15.38 2.20 -21.83
C VAL H 162 14.41 2.83 -20.82
N ASP H 163 14.17 2.15 -19.70
CA ASP H 163 13.22 2.66 -18.71
C ASP H 163 13.67 3.99 -18.12
N GLU H 164 14.98 4.27 -18.12
CA GLU H 164 15.44 5.58 -17.72
C GLU H 164 15.17 6.63 -18.78
N LEU H 165 15.22 6.24 -20.05
CA LEU H 165 15.01 7.18 -21.15
C LEU H 165 13.55 7.53 -21.34
N ILE H 166 12.63 6.62 -21.00
CA ILE H 166 11.22 6.81 -21.33
C ILE H 166 10.62 8.06 -20.68
N PRO H 167 10.73 8.26 -19.35
CA PRO H 167 10.03 9.41 -18.75
C PRO H 167 10.56 10.77 -19.20
N GLN H 168 11.88 10.90 -19.35
CA GLN H 168 12.44 12.17 -19.76
C GLN H 168 11.97 12.56 -21.15
N LEU H 169 11.75 11.58 -22.02
CA LEU H 169 11.17 11.86 -23.33
C LEU H 169 9.66 12.07 -23.25
N GLN H 170 8.99 11.43 -22.30
CA GLN H 170 7.57 11.71 -22.06
C GLN H 170 7.36 13.15 -21.67
N VAL H 171 8.32 13.74 -20.97
CA VAL H 171 8.18 15.13 -20.54
C VAL H 171 7.94 16.05 -21.73
N TYR H 172 8.66 15.82 -22.83
CA TYR H 172 8.57 16.69 -24.00
C TYR H 172 7.53 16.19 -25.00
N LEU H 173 7.68 14.94 -25.47
CA LEU H 173 6.81 14.43 -26.52
C LEU H 173 5.36 14.30 -26.05
N GLY H 174 5.16 13.80 -24.83
CA GLY H 174 3.83 13.59 -24.29
C GLY H 174 3.73 12.19 -23.73
N GLU H 175 2.48 11.73 -23.56
CA GLU H 175 2.22 10.40 -23.05
C GLU H 175 1.23 9.69 -23.94
N LEU H 176 1.48 8.41 -24.19
CA LEU H 176 0.56 7.54 -24.91
C LEU H 176 -0.19 6.67 -23.91
N GLY H 177 -1.25 6.02 -24.42
CA GLY H 177 -2.10 5.22 -23.56
C GLY H 177 -1.40 4.05 -22.90
N SER H 178 -0.99 3.07 -23.69
CA SER H 178 -0.38 1.87 -23.17
C SER H 178 1.12 2.03 -23.00
N GLU H 179 1.74 1.04 -22.35
CA GLU H 179 3.19 1.01 -22.21
C GLU H 179 3.86 0.46 -23.46
N ALA H 180 3.21 -0.47 -24.15
CA ALA H 180 3.78 -1.05 -25.36
C ALA H 180 3.98 0.00 -26.44
N LYS H 181 3.07 0.98 -26.53
CA LYS H 181 3.23 2.04 -27.52
C LYS H 181 4.50 2.84 -27.27
N GLU H 182 4.74 3.20 -26.01
CA GLU H 182 5.94 3.97 -25.69
C GLU H 182 7.20 3.14 -25.90
N ARG H 183 7.14 1.85 -25.55
CA ARG H 183 8.30 0.99 -25.79
C ARG H 183 8.61 0.90 -27.28
N ASN H 184 7.57 0.75 -28.10
CA ASN H 184 7.78 0.73 -29.55
C ASN H 184 8.38 2.03 -30.05
N ARG H 185 7.88 3.17 -29.54
CA ARG H 185 8.41 4.45 -29.97
C ARG H 185 9.90 4.59 -29.64
N ILE H 186 10.27 4.24 -28.40
CA ILE H 186 11.68 4.37 -28.00
C ILE H 186 12.55 3.41 -28.79
N ILE H 187 12.08 2.17 -28.99
CA ILE H 187 12.87 1.19 -29.73
C ILE H 187 13.08 1.66 -31.17
N THR H 188 12.04 2.22 -31.79
CA THR H 188 12.18 2.72 -33.16
C THR H 188 13.17 3.88 -33.22
N LEU H 189 13.10 4.82 -32.27
CA LEU H 189 14.03 5.93 -32.29
C LEU H 189 15.48 5.46 -32.10
N LEU H 190 15.69 4.53 -31.17
CA LEU H 190 17.04 4.01 -30.96
C LEU H 190 17.55 3.23 -32.17
N ASP H 191 16.66 2.50 -32.84
CA ASP H 191 17.06 1.81 -34.06
C ASP H 191 17.46 2.80 -35.14
N GLN H 192 16.72 3.91 -35.26
CA GLN H 192 17.11 4.95 -36.22
C GLN H 192 18.46 5.55 -35.86
N LEU H 193 18.72 5.78 -34.57
CA LEU H 193 19.99 6.36 -34.17
C LEU H 193 21.16 5.39 -34.31
N LYS H 194 20.89 4.08 -34.28
CA LYS H 194 21.97 3.11 -34.48
C LYS H 194 22.58 3.24 -35.87
N GLY H 195 21.79 3.65 -36.86
CA GLY H 195 22.30 3.77 -38.22
C GLY H 195 23.34 4.86 -38.39
N HIS H 196 23.38 5.84 -37.49
CA HIS H 196 24.38 6.89 -37.52
C HIS H 196 25.63 6.54 -36.70
N GLY H 197 25.65 5.38 -36.06
CA GLY H 197 26.80 4.99 -35.28
C GLY H 197 26.89 5.64 -33.90
N LEU H 198 25.76 6.02 -33.33
CA LEU H 198 25.74 6.70 -32.03
C LEU H 198 25.44 5.76 -30.87
N VAL H 199 24.73 4.67 -31.11
CA VAL H 199 24.37 3.70 -30.08
C VAL H 199 24.60 2.30 -30.64
N SER H 200 24.29 1.30 -29.82
CA SER H 200 24.40 -0.11 -30.19
C SER H 200 23.03 -0.76 -30.12
N ALA H 201 22.97 -2.04 -30.50
CA ALA H 201 21.73 -2.78 -30.40
C ALA H 201 21.43 -3.13 -28.94
N LEU H 202 20.15 -3.38 -28.67
CA LEU H 202 19.74 -3.68 -27.31
C LEU H 202 20.33 -5.01 -26.84
N ASP H 203 20.71 -5.06 -25.57
CA ASP H 203 21.25 -6.26 -24.98
C ASP H 203 20.13 -7.17 -24.50
N ALA H 204 20.51 -8.33 -23.93
CA ALA H 204 19.52 -9.21 -23.33
C ALA H 204 18.95 -8.62 -22.05
N HIS H 205 19.66 -7.69 -21.41
CA HIS H 205 19.20 -7.03 -20.20
C HIS H 205 18.58 -5.67 -20.48
N ASP H 206 18.23 -5.40 -21.74
CA ASP H 206 17.54 -4.17 -22.14
C ASP H 206 18.36 -2.92 -21.83
N ARG H 207 19.54 -2.85 -22.44
CA ARG H 207 20.44 -1.72 -22.27
C ARG H 207 21.13 -1.42 -23.59
N VAL H 208 21.58 -0.18 -23.74
CA VAL H 208 22.29 0.27 -24.92
C VAL H 208 23.59 0.93 -24.50
N ILE H 209 24.55 0.96 -25.42
CA ILE H 209 25.86 1.55 -25.20
C ILE H 209 25.95 2.84 -26.00
N ILE H 210 26.38 3.91 -25.33
CA ILE H 210 26.55 5.20 -25.98
C ILE H 210 27.98 5.30 -26.49
N ARG H 211 28.13 5.53 -27.79
CA ARG H 211 29.44 5.58 -28.40
C ARG H 211 30.12 6.92 -28.13
N PRO H 212 31.45 6.94 -27.95
CA PRO H 212 32.12 8.21 -27.66
C PRO H 212 32.07 9.22 -28.78
N ILE H 213 31.79 8.79 -30.02
CA ILE H 213 31.75 9.71 -31.15
C ILE H 213 30.75 10.82 -30.93
N ILE H 214 29.73 10.60 -30.08
CA ILE H 214 28.74 11.63 -29.83
C ILE H 214 29.37 12.89 -29.25
N THR H 215 30.49 12.72 -28.52
CA THR H 215 31.15 13.88 -27.94
C THR H 215 31.71 14.82 -29.00
N HIS H 216 31.84 14.36 -30.24
CA HIS H 216 32.26 15.21 -31.35
C HIS H 216 31.11 15.59 -32.26
N LEU H 217 29.91 15.08 -32.00
CA LEU H 217 28.71 15.51 -32.71
C LEU H 217 27.99 16.63 -31.98
N ALA H 218 28.02 16.61 -30.66
CA ALA H 218 27.38 17.61 -29.82
C ALA H 218 28.41 18.44 -29.06
N ASN H 219 29.51 18.79 -29.72
CA ASN H 219 30.49 19.67 -29.15
C ASN H 219 29.92 21.09 -29.10
N PRO H 220 30.51 21.97 -28.28
CA PRO H 220 29.87 23.28 -28.04
C PRO H 220 29.59 24.09 -29.30
N GLU H 221 30.41 23.96 -30.35
CA GLU H 221 30.16 24.72 -31.57
C GLU H 221 28.85 24.29 -32.24
N ASN H 222 28.69 22.98 -32.45
CA ASN H 222 27.48 22.48 -33.08
C ASN H 222 26.26 22.74 -32.22
N LEU H 223 26.40 22.61 -30.89
CA LEU H 223 25.30 22.91 -30.00
C LEU H 223 24.90 24.37 -30.08
N GLN H 224 25.89 25.27 -30.14
CA GLN H 224 25.59 26.69 -30.26
C GLN H 224 24.84 26.98 -31.56
N ALA H 225 25.31 26.40 -32.66
CA ALA H 225 24.63 26.62 -33.94
C ALA H 225 23.20 26.10 -33.91
N LEU H 226 23.01 24.90 -33.34
CA LEU H 226 21.67 24.32 -33.24
C LEU H 226 20.76 25.18 -32.37
N VAL H 227 21.29 25.71 -31.26
CA VAL H 227 20.47 26.54 -30.39
C VAL H 227 20.07 27.82 -31.10
N VAL H 228 21.00 28.44 -31.83
CA VAL H 228 20.66 29.66 -32.57
C VAL H 228 19.58 29.37 -33.60
N TRP H 229 19.74 28.27 -34.35
CA TRP H 229 18.75 27.93 -35.38
C TRP H 229 17.38 27.65 -34.76
N LEU H 230 17.35 26.91 -33.65
CA LEU H 230 16.08 26.59 -33.01
C LEU H 230 15.43 27.83 -32.43
N ARG H 231 16.22 28.76 -31.88
CA ARG H 231 15.65 30.00 -31.38
C ARG H 231 15.06 30.82 -32.52
N GLU H 232 15.72 30.83 -33.67
CA GLU H 232 15.14 31.49 -34.84
C GLU H 232 13.83 30.82 -35.24
N GLN H 233 13.79 29.49 -35.21
CA GLN H 233 12.58 28.78 -35.62
C GLN H 233 11.41 29.05 -34.68
N VAL H 234 11.67 29.08 -33.37
CA VAL H 234 10.59 29.21 -32.40
C VAL H 234 9.95 30.60 -32.49
N GLU H 235 10.78 31.64 -32.49
CA GLU H 235 10.30 33.02 -32.47
C GLU H 235 9.95 33.44 -33.91
N GLY H 236 8.80 32.97 -34.36
CA GLY H 236 8.33 33.28 -35.70
C GLY H 236 8.73 32.25 -36.74
#